data_6WOQ
#
_entry.id   6WOQ
#
_cell.length_a   200.744
_cell.length_b   103.721
_cell.length_c   196.149
_cell.angle_alpha   90.000
_cell.angle_beta   113.650
_cell.angle_gamma   90.000
#
_symmetry.space_group_name_H-M   'C 1 2 1'
#
loop_
_entity.id
_entity.type
_entity.pdbx_description
1 polymer 'Fab E1 heavy chain'
2 polymer 'Fab E1 light chain'
3 polymer 'Envelope glycoprotein E2'
4 polymer 'Fab HC1AM heavy chain'
5 polymer 'Fab HC1AM light chain'
6 branched 2-acetamido-2-deoxy-beta-D-glucopyranose-(1-4)-2-acetamido-2-deoxy-beta-D-glucopyranose
7 non-polymer 2-acetamido-2-deoxy-beta-D-glucopyranose
#
loop_
_entity_poly.entity_id
_entity_poly.type
_entity_poly.pdbx_seq_one_letter_code
_entity_poly.pdbx_strand_id
1 'polypeptide(L)'
;EVQLLEQSGAELKKPGSSVKVSCKPSDGTFRAYTLSWVRQAPGQTLEWMGRIMPTVGITNYAQKFQGRVTISADMSTATA
YMELSSLRSDDTAIYYCAKGPYVGLGEGFSEWGQGTLVTVSSASTKGPSVFPLAPSSKSTSGGTAALGCLVKDYFPEPVT
VSWNSGALTSGVHTFPAVLQSSGLYSLSSVVTVPSSSLGTQTYICNVNHKPSNTKVDKKVEPKSCGS
;
A,C
2 'polypeptide(L)'
;IELELVLTQSPLSLPVTLGQPASISCRSTQSLVYSDGNTYLNWFHQRAGQPPRRLIYKVSNRDSGVPERFSGSGSGTDFT
LKISRVEAEDVGIYYCMQGAHWPPTFGGGTKVEINRTVAAPSVFIFPPSDEQLKSGTASVVCLLNNFYPREAKVQWKVDN
ALQSGNSQESVTEQDSKDSTYSLSSTLTLSKADYEKHKVYACEVTHQGLSSPVTKSFNRGE
;
B,D
3 'polypeptide(L)'
;ARQLINTNGSWHINSTALNCNESLNTGWLAGLFYQHKFDSSGCPERLASCGSSGCWHYPPRPCGIVPAKSVCGPVYCFTP
SPVVVGTTDRSGAPTYSWGANDTDVFVLNNTRPPLGNWFGCTWMNSTGFTKVCGAPPGGPTDGGSGPWITPRCMVDYPYR
LWHYPCTINYTIFKVRMYVGGVEHRLEAACN
;
E,F
4 'polypeptide(L)'
;QLQLVQSGAEVRKPGSSVKVSCKASGGTYNGEVISWVRQAPGEGLEWLGVFIPMFGIADYAQKFHGRVTISADRTTSTTY
MELSSLRSEDTAIYYCAKVLQVGRNLVVRPLDLWGQGTLVTVSSASTKGPSVFPLAPSSKSTSGGTAALGCLVKDYFPEP
VTVSWNSGALTSGVHTFPAVLQSSGLYSLSSVVTVPSSSLGTQTYICNVNHKPSNTKVDKKVEPKSCGS
;
J,G
5 'polypeptide(L)'
;EIVLTQSPGILSLSPGERATLSCRASRTISRTHLAWYQQKPGQAPRLLIYGVSSRAIGIPDRFSGSGSGADFTLTISRLE
PEDFAVYYCHQYGNSPQTFGQGTKLEIKRTVAAPSVFIFPPSDEQLKSGTASVVCLLNNFYPREAKVQWKVDNALQSGNS
QESVTEQDSKDSTYSLSSTLTLSKADYEKHKVYACEVTHQGLSSPVTKSFNRGEC
;
K,H
#
# COMPACT_ATOMS: atom_id res chain seq x y z
N LEU A 4 31.50 -4.62 -18.19
CA LEU A 4 30.75 -3.44 -18.57
C LEU A 4 29.24 -3.70 -18.54
N LEU A 5 28.50 -2.78 -17.92
CA LEU A 5 27.05 -2.86 -17.84
C LEU A 5 26.45 -1.50 -18.14
N GLU A 6 25.55 -1.44 -19.11
CA GLU A 6 24.86 -0.21 -19.43
C GLU A 6 23.69 0.00 -18.46
N GLN A 7 23.31 1.27 -18.32
CA GLN A 7 22.23 1.62 -17.40
C GLN A 7 21.50 2.84 -17.95
N SER A 8 20.29 3.05 -17.43
CA SER A 8 19.45 4.14 -17.92
C SER A 8 20.01 5.49 -17.46
N GLY A 9 19.45 6.56 -18.05
CA GLY A 9 19.88 7.90 -17.72
C GLY A 9 19.15 8.48 -16.51
N ALA A 10 19.60 9.65 -16.09
CA ALA A 10 19.00 10.31 -14.94
C ALA A 10 17.57 10.72 -15.24
N GLU A 11 16.74 10.71 -14.20
CA GLU A 11 15.32 11.01 -14.34
C GLU A 11 14.83 11.79 -13.12
N LEU A 12 13.89 12.71 -13.37
CA LEU A 12 13.22 13.46 -12.33
C LEU A 12 11.76 13.03 -12.30
N LYS A 13 11.33 12.46 -11.17
CA LYS A 13 9.96 11.99 -11.00
C LYS A 13 9.34 12.67 -9.79
N LYS A 14 8.18 13.28 -9.99
CA LYS A 14 7.47 13.90 -8.89
C LYS A 14 7.03 12.85 -7.88
N PRO A 15 6.91 13.22 -6.60
CA PRO A 15 6.54 12.23 -5.58
C PRO A 15 5.19 11.59 -5.87
N GLY A 16 5.11 10.28 -5.60
CA GLY A 16 3.92 9.51 -5.84
C GLY A 16 3.93 8.71 -7.13
N SER A 17 4.75 9.10 -8.11
CA SER A 17 4.83 8.40 -9.38
C SER A 17 5.83 7.25 -9.26
N SER A 18 6.10 6.58 -10.38
CA SER A 18 7.01 5.45 -10.43
C SER A 18 8.19 5.76 -11.34
N VAL A 19 9.18 4.88 -11.32
CA VAL A 19 10.39 5.04 -12.11
C VAL A 19 10.89 3.66 -12.53
N LYS A 20 11.38 3.56 -13.76
CA LYS A 20 11.90 2.32 -14.31
C LYS A 20 13.34 2.56 -14.77
N VAL A 21 14.28 1.81 -14.19
CA VAL A 21 15.69 1.90 -14.52
C VAL A 21 16.08 0.64 -15.27
N SER A 22 16.75 0.81 -16.41
CA SER A 22 17.15 -0.29 -17.27
C SER A 22 18.61 -0.67 -17.04
N CYS A 23 18.91 -1.95 -17.24
CA CYS A 23 20.25 -2.49 -17.08
C CYS A 23 20.49 -3.47 -18.22
N LYS A 24 21.44 -3.16 -19.10
CA LYS A 24 21.67 -3.94 -20.29
C LYS A 24 23.09 -4.48 -20.32
N PRO A 25 23.27 -5.80 -20.47
CA PRO A 25 24.63 -6.34 -20.59
C PRO A 25 25.27 -5.96 -21.92
N SER A 26 26.60 -5.95 -21.93
CA SER A 26 27.33 -5.58 -23.14
C SER A 26 27.27 -6.68 -24.18
N ASP A 27 27.08 -7.94 -23.77
CA ASP A 27 27.06 -9.04 -24.72
C ASP A 27 25.77 -9.07 -25.52
N GLY A 28 24.69 -8.55 -24.96
CA GLY A 28 23.40 -8.61 -25.62
C GLY A 28 22.63 -9.90 -25.40
N THR A 29 23.20 -10.84 -24.66
CA THR A 29 22.51 -12.08 -24.31
C THR A 29 22.69 -12.34 -22.83
N PHE A 30 21.63 -12.79 -22.18
CA PHE A 30 21.71 -13.13 -20.76
C PHE A 30 22.54 -14.39 -20.55
N ARG A 31 23.15 -14.49 -19.38
CA ARG A 31 23.99 -15.64 -19.04
C ARG A 31 23.58 -16.13 -17.65
N ALA A 32 24.47 -16.91 -17.04
CA ALA A 32 24.22 -17.46 -15.71
C ALA A 32 24.84 -16.54 -14.67
N TYR A 33 24.05 -15.60 -14.17
CA TYR A 33 24.46 -14.75 -13.07
C TYR A 33 23.24 -14.13 -12.45
N THR A 34 23.36 -13.77 -11.16
CA THR A 34 22.30 -13.08 -10.45
C THR A 34 22.50 -11.58 -10.57
N LEU A 35 21.43 -10.87 -10.90
CA LEU A 35 21.49 -9.42 -11.10
C LEU A 35 20.81 -8.74 -9.91
N SER A 36 21.59 -7.95 -9.17
CA SER A 36 21.10 -7.26 -7.99
C SER A 36 20.99 -5.77 -8.26
N TRP A 37 20.22 -5.09 -7.40
CA TRP A 37 20.02 -3.64 -7.47
C TRP A 37 20.42 -3.03 -6.15
N VAL A 38 21.47 -2.20 -6.16
CA VAL A 38 21.99 -1.54 -4.97
C VAL A 38 21.97 -0.05 -5.19
N ARG A 39 21.36 0.69 -4.27
CA ARG A 39 21.31 2.13 -4.31
C ARG A 39 22.16 2.72 -3.19
N GLN A 40 22.39 4.03 -3.26
CA GLN A 40 23.16 4.74 -2.25
C GLN A 40 22.56 6.12 -2.07
N ALA A 41 21.86 6.31 -0.94
CA ALA A 41 21.27 7.60 -0.64
C ALA A 41 22.36 8.64 -0.33
N PRO A 42 22.07 9.91 -0.53
CA PRO A 42 23.06 10.96 -0.19
C PRO A 42 23.38 10.94 1.30
N GLY A 43 24.65 10.68 1.61
CA GLY A 43 25.07 10.61 3.00
C GLY A 43 24.73 9.33 3.71
N GLN A 44 24.48 8.25 2.97
CA GLN A 44 24.14 6.95 3.53
C GLN A 44 25.05 5.88 2.95
N THR A 45 24.99 4.70 3.56
CA THR A 45 25.74 3.56 3.06
C THR A 45 24.98 2.89 1.91
N LEU A 46 25.64 1.95 1.24
CA LEU A 46 25.01 1.21 0.16
C LEU A 46 23.88 0.35 0.71
N GLU A 47 22.73 0.40 0.05
CA GLU A 47 21.54 -0.32 0.47
C GLU A 47 21.10 -1.27 -0.64
N TRP A 48 21.14 -2.57 -0.35
CA TRP A 48 20.73 -3.59 -1.31
C TRP A 48 19.22 -3.67 -1.38
N MET A 49 18.68 -3.57 -2.59
CA MET A 49 17.22 -3.52 -2.79
C MET A 49 16.62 -4.86 -3.17
N GLY A 50 17.17 -5.53 -4.18
CA GLY A 50 16.59 -6.78 -4.63
C GLY A 50 17.51 -7.50 -5.59
N ARG A 51 17.22 -8.79 -5.78
CA ARG A 51 18.00 -9.67 -6.65
C ARG A 51 17.06 -10.40 -7.59
N ILE A 52 17.49 -10.57 -8.84
CA ILE A 52 16.74 -11.32 -9.83
C ILE A 52 17.69 -12.30 -10.52
N MET A 53 17.23 -13.53 -10.70
CA MET A 53 17.96 -14.53 -11.47
C MET A 53 17.33 -14.62 -12.86
N PRO A 54 17.86 -13.87 -13.83
CA PRO A 54 17.15 -13.74 -15.12
C PRO A 54 17.15 -15.02 -15.95
N THR A 55 18.07 -15.95 -15.70
CA THR A 55 18.05 -17.19 -16.47
C THR A 55 16.87 -18.07 -16.07
N VAL A 56 16.46 -18.02 -14.81
CA VAL A 56 15.36 -18.84 -14.33
C VAL A 56 14.14 -18.03 -13.90
N GLY A 57 14.30 -16.74 -13.63
CA GLY A 57 13.16 -15.89 -13.31
C GLY A 57 12.78 -15.86 -11.85
N ILE A 58 13.76 -15.90 -10.95
CA ILE A 58 13.53 -15.83 -9.52
C ILE A 58 13.85 -14.42 -9.04
N THR A 59 12.92 -13.82 -8.29
CA THR A 59 13.10 -12.49 -7.75
C THR A 59 13.03 -12.55 -6.22
N ASN A 60 13.85 -11.72 -5.57
CA ASN A 60 13.87 -11.64 -4.12
C ASN A 60 14.17 -10.20 -3.72
N TYR A 61 13.26 -9.59 -2.97
CA TYR A 61 13.38 -8.20 -2.56
C TYR A 61 13.65 -8.12 -1.07
N ALA A 62 14.20 -6.98 -0.65
CA ALA A 62 14.42 -6.73 0.76
C ALA A 62 13.12 -6.34 1.44
N GLN A 63 13.09 -6.54 2.77
CA GLN A 63 11.88 -6.25 3.53
C GLN A 63 11.52 -4.77 3.54
N LYS A 64 12.49 -3.89 3.30
CA LYS A 64 12.22 -2.46 3.34
C LYS A 64 11.37 -2.02 2.15
N PHE A 65 11.68 -2.51 0.95
CA PHE A 65 11.01 -2.09 -0.27
C PHE A 65 9.95 -3.08 -0.72
N GLN A 66 9.51 -3.98 0.16
CA GLN A 66 8.54 -5.00 -0.21
C GLN A 66 7.20 -4.35 -0.55
N GLY A 67 6.59 -4.80 -1.64
CA GLY A 67 5.36 -4.22 -2.13
C GLY A 67 5.50 -2.90 -2.83
N ARG A 68 6.69 -2.29 -2.82
CA ARG A 68 6.91 -1.01 -3.49
C ARG A 68 8.01 -1.06 -4.54
N VAL A 69 8.71 -2.18 -4.70
CA VAL A 69 9.71 -2.35 -5.74
C VAL A 69 9.43 -3.66 -6.45
N THR A 70 9.68 -3.68 -7.76
CA THR A 70 9.54 -4.89 -8.58
C THR A 70 10.62 -4.88 -9.64
N ILE A 71 11.35 -5.98 -9.75
CA ILE A 71 12.45 -6.12 -10.69
C ILE A 71 12.02 -7.11 -11.77
N SER A 72 11.91 -6.63 -13.00
CA SER A 72 11.50 -7.44 -14.14
C SER A 72 12.61 -7.44 -15.19
N ALA A 73 12.87 -8.61 -15.75
CA ALA A 73 13.85 -8.77 -16.82
C ALA A 73 13.16 -9.31 -18.05
N ASP A 74 13.45 -8.72 -19.21
CA ASP A 74 12.85 -9.14 -20.47
C ASP A 74 13.86 -9.95 -21.27
N MET A 75 13.42 -11.11 -21.76
CA MET A 75 14.26 -11.96 -22.59
C MET A 75 14.15 -11.53 -24.05
N SER A 76 15.15 -11.92 -24.85
CA SER A 76 15.32 -11.53 -26.24
C SER A 76 15.49 -10.03 -26.41
N THR A 77 15.62 -9.28 -25.30
CA THR A 77 15.91 -7.86 -25.32
C THR A 77 17.15 -7.48 -24.53
N ALA A 78 17.63 -8.35 -23.64
CA ALA A 78 18.85 -8.12 -22.87
C ALA A 78 18.75 -6.86 -22.02
N THR A 79 17.65 -6.74 -21.29
CA THR A 79 17.42 -5.61 -20.39
C THR A 79 16.75 -6.08 -19.12
N ALA A 80 17.12 -5.46 -18.00
CA ALA A 80 16.51 -5.72 -16.71
C ALA A 80 15.97 -4.41 -16.17
N TYR A 81 14.72 -4.42 -15.70
CA TYR A 81 14.03 -3.22 -15.24
C TYR A 81 13.78 -3.30 -13.75
N MET A 82 13.79 -2.14 -13.10
CA MET A 82 13.47 -2.02 -11.68
C MET A 82 12.34 -1.00 -11.53
N GLU A 83 11.12 -1.51 -11.35
CA GLU A 83 9.95 -0.66 -11.13
C GLU A 83 9.87 -0.31 -9.66
N LEU A 84 10.17 0.94 -9.33
CA LEU A 84 10.12 1.44 -7.95
C LEU A 84 8.95 2.41 -7.86
N SER A 85 7.80 1.90 -7.41
CA SER A 85 6.58 2.70 -7.33
C SER A 85 6.46 3.37 -5.95
N SER A 86 5.56 4.36 -5.89
CA SER A 86 5.29 5.14 -4.69
C SER A 86 6.58 5.78 -4.15
N LEU A 87 7.11 6.69 -4.96
CA LEU A 87 8.36 7.35 -4.61
C LEU A 87 8.16 8.37 -3.50
N ARG A 88 9.26 8.73 -2.85
CA ARG A 88 9.26 9.66 -1.74
C ARG A 88 10.58 10.42 -1.73
N SER A 89 10.58 11.59 -1.11
CA SER A 89 11.74 12.48 -1.13
C SER A 89 13.00 11.80 -0.61
N ASP A 90 12.84 10.80 0.27
CA ASP A 90 14.01 10.09 0.79
C ASP A 90 14.52 9.01 -0.15
N ASP A 91 13.76 8.65 -1.18
CA ASP A 91 14.15 7.59 -2.10
C ASP A 91 15.06 8.06 -3.22
N THR A 92 15.38 9.35 -3.30
CA THR A 92 16.30 9.82 -4.32
C THR A 92 17.71 9.38 -3.97
N ALA A 93 18.39 8.76 -4.94
CA ALA A 93 19.70 8.16 -4.71
C ALA A 93 20.28 7.77 -6.07
N ILE A 94 21.48 7.19 -6.02
CA ILE A 94 22.14 6.65 -7.20
C ILE A 94 21.90 5.14 -7.20
N TYR A 95 21.23 4.64 -8.23
CA TYR A 95 20.82 3.24 -8.31
C TYR A 95 21.78 2.48 -9.23
N TYR A 96 22.43 1.46 -8.68
CA TYR A 96 23.34 0.61 -9.43
C TYR A 96 22.71 -0.76 -9.65
N CYS A 97 23.03 -1.38 -10.78
CA CYS A 97 22.71 -2.79 -11.03
C CYS A 97 24.01 -3.57 -11.06
N ALA A 98 24.15 -4.53 -10.15
CA ALA A 98 25.39 -5.26 -9.96
C ALA A 98 25.22 -6.72 -10.37
N LYS A 99 26.25 -7.27 -10.99
CA LYS A 99 26.26 -8.65 -11.45
C LYS A 99 26.81 -9.55 -10.33
N GLY A 100 25.93 -10.33 -9.72
CA GLY A 100 26.34 -11.31 -8.74
C GLY A 100 26.43 -12.69 -9.36
N PRO A 101 27.19 -13.58 -8.74
CA PRO A 101 27.35 -14.93 -9.31
C PRO A 101 26.03 -15.69 -9.34
N TYR A 102 25.85 -16.50 -10.38
CA TYR A 102 24.67 -17.35 -10.47
C TYR A 102 24.55 -18.26 -9.25
N VAL A 103 25.70 -18.64 -8.68
CA VAL A 103 25.74 -19.35 -7.40
C VAL A 103 24.91 -18.62 -6.35
N GLY A 104 24.82 -17.29 -6.46
CA GLY A 104 24.04 -16.49 -5.55
C GLY A 104 24.88 -15.40 -4.90
N LEU A 105 24.18 -14.49 -4.22
CA LEU A 105 24.86 -13.47 -3.45
C LEU A 105 25.64 -14.11 -2.31
N GLY A 106 26.61 -13.37 -1.79
CA GLY A 106 27.50 -13.89 -0.78
C GLY A 106 28.95 -13.64 -1.12
N GLU A 107 29.35 -14.02 -2.33
CA GLU A 107 30.65 -13.65 -2.86
C GLU A 107 30.67 -12.21 -3.36
N GLY A 108 29.53 -11.51 -3.33
CA GLY A 108 29.46 -10.13 -3.73
C GLY A 108 29.07 -9.92 -5.18
N PHE A 109 29.66 -8.92 -5.82
CA PHE A 109 29.35 -8.60 -7.20
C PHE A 109 30.64 -8.34 -7.96
N SER A 110 30.79 -9.02 -9.11
CA SER A 110 32.00 -8.84 -9.92
C SER A 110 31.96 -7.52 -10.68
N GLU A 111 30.87 -7.26 -11.39
CA GLU A 111 30.70 -6.06 -12.19
C GLU A 111 29.55 -5.23 -11.66
N TRP A 112 29.68 -3.91 -11.80
CA TRP A 112 28.67 -2.95 -11.36
C TRP A 112 28.21 -2.10 -12.53
N GLY A 113 27.03 -1.50 -12.37
CA GLY A 113 26.53 -0.57 -13.35
C GLY A 113 27.19 0.78 -13.25
N GLN A 114 26.92 1.62 -14.26
CA GLN A 114 27.52 2.96 -14.29
C GLN A 114 26.89 3.90 -13.28
N GLY A 115 25.71 3.58 -12.76
CA GLY A 115 25.04 4.42 -11.79
C GLY A 115 23.97 5.29 -12.40
N THR A 116 22.75 5.20 -11.87
CA THR A 116 21.62 5.98 -12.34
C THR A 116 21.13 6.87 -11.19
N LEU A 117 21.16 8.18 -11.40
CA LEU A 117 20.75 9.15 -10.39
C LEU A 117 19.29 9.53 -10.65
N VAL A 118 18.40 9.03 -9.80
CA VAL A 118 16.97 9.34 -9.87
C VAL A 118 16.65 10.37 -8.81
N THR A 119 16.16 11.53 -9.23
CA THR A 119 15.82 12.63 -8.34
C THR A 119 14.31 12.76 -8.24
N VAL A 120 13.82 12.97 -7.01
CA VAL A 120 12.40 13.18 -6.77
C VAL A 120 12.21 14.60 -6.23
N SER A 121 11.34 15.36 -6.87
CA SER A 121 11.09 16.75 -6.49
C SER A 121 9.85 17.24 -7.20
N SER A 122 9.16 18.18 -6.56
CA SER A 122 8.01 18.84 -7.17
C SER A 122 8.41 19.98 -8.10
N ALA A 123 9.67 20.40 -8.07
CA ALA A 123 10.12 21.47 -8.94
C ALA A 123 10.24 20.99 -10.38
N SER A 124 10.20 21.95 -11.31
CA SER A 124 10.23 21.64 -12.72
C SER A 124 11.66 21.46 -13.21
N THR A 125 11.80 20.73 -14.32
CA THR A 125 13.09 20.51 -14.94
C THR A 125 13.53 21.77 -15.69
N LYS A 126 14.77 22.20 -15.47
CA LYS A 126 15.30 23.40 -16.08
C LYS A 126 16.65 23.11 -16.72
N GLY A 127 16.91 23.74 -17.86
CA GLY A 127 18.13 23.54 -18.60
C GLY A 127 19.27 24.43 -18.13
N PRO A 128 20.50 24.01 -18.40
CA PRO A 128 21.68 24.76 -17.93
C PRO A 128 22.14 25.83 -18.89
N SER A 129 22.46 26.99 -18.32
CA SER A 129 23.10 28.08 -19.05
C SER A 129 24.58 28.08 -18.72
N VAL A 130 25.41 28.21 -19.75
CA VAL A 130 26.86 28.14 -19.60
C VAL A 130 27.46 29.52 -19.80
N PHE A 131 28.50 29.82 -19.02
CA PHE A 131 29.20 31.09 -19.08
C PHE A 131 30.69 30.81 -18.95
N PRO A 132 31.52 31.27 -19.90
CA PRO A 132 32.95 31.00 -19.83
C PRO A 132 33.65 31.84 -18.77
N LEU A 133 34.82 31.36 -18.37
CA LEU A 133 35.68 32.06 -17.41
C LEU A 133 36.95 32.48 -18.12
N ALA A 134 37.16 33.79 -18.26
CA ALA A 134 38.28 34.30 -19.04
C ALA A 134 39.60 33.96 -18.38
N PRO A 135 40.58 33.40 -19.12
CA PRO A 135 41.90 33.03 -18.61
C PRO A 135 42.66 34.19 -18.01
N SER A 141 50.08 33.80 -10.12
CA SER A 141 49.35 32.91 -11.00
C SER A 141 49.78 31.46 -10.80
N GLY A 142 50.50 31.20 -9.72
CA GLY A 142 50.92 29.84 -9.40
C GLY A 142 51.86 29.23 -10.42
N GLY A 143 52.50 30.04 -11.26
CA GLY A 143 53.43 29.55 -12.26
C GLY A 143 52.80 29.08 -13.55
N THR A 144 51.47 29.00 -13.63
CA THR A 144 50.79 28.52 -14.82
C THR A 144 49.61 29.44 -15.12
N ALA A 145 48.88 29.13 -16.18
CA ALA A 145 47.72 29.90 -16.60
C ALA A 145 46.45 29.09 -16.34
N ALA A 146 45.42 29.77 -15.83
CA ALA A 146 44.15 29.15 -15.53
C ALA A 146 43.14 29.42 -16.64
N LEU A 147 42.10 28.58 -16.68
CA LEU A 147 41.09 28.63 -17.73
C LEU A 147 39.91 27.81 -17.28
N GLY A 148 38.70 28.38 -17.37
CA GLY A 148 37.53 27.77 -16.77
C GLY A 148 36.31 27.82 -17.67
N CYS A 149 35.25 27.18 -17.18
CA CYS A 149 33.98 27.09 -17.89
C CYS A 149 32.90 26.79 -16.87
N LEU A 150 31.95 27.71 -16.71
CA LEU A 150 30.98 27.66 -15.63
C LEU A 150 29.61 27.26 -16.15
N VAL A 151 28.93 26.40 -15.41
CA VAL A 151 27.55 26.00 -15.68
C VAL A 151 26.69 26.46 -14.51
N LYS A 152 25.61 27.17 -14.81
CA LYS A 152 24.79 27.78 -13.77
C LYS A 152 23.30 27.55 -14.07
N ASP A 153 22.53 27.42 -13.00
CA ASP A 153 21.06 27.32 -13.06
C ASP A 153 20.64 26.11 -13.89
N TYR A 154 20.87 24.93 -13.33
CA TYR A 154 20.39 23.68 -13.89
C TYR A 154 19.78 22.82 -12.79
N PHE A 155 18.83 21.98 -13.19
CA PHE A 155 18.11 21.12 -12.27
C PHE A 155 17.35 20.05 -13.06
N PRO A 156 17.46 18.77 -12.68
CA PRO A 156 18.27 18.30 -11.55
C PRO A 156 19.67 17.86 -11.95
N GLU A 157 20.40 17.27 -10.99
CA GLU A 157 21.69 16.68 -11.27
C GLU A 157 21.51 15.41 -12.12
N PRO A 158 22.58 14.92 -12.77
CA PRO A 158 23.94 15.46 -12.83
C PRO A 158 24.27 16.16 -14.16
N VAL A 159 25.49 16.66 -14.28
CA VAL A 159 25.98 17.30 -15.48
C VAL A 159 27.39 16.79 -15.75
N THR A 160 27.63 16.28 -16.96
CA THR A 160 28.94 15.78 -17.36
C THR A 160 29.62 16.81 -18.26
N VAL A 161 30.92 17.00 -18.04
CA VAL A 161 31.70 18.00 -18.74
C VAL A 161 32.95 17.35 -19.31
N SER A 162 33.10 17.45 -20.62
CA SER A 162 34.30 16.91 -21.29
C SER A 162 35.02 18.06 -21.99
N TRP A 163 36.31 18.23 -21.75
CA TRP A 163 37.07 19.31 -22.41
C TRP A 163 37.62 18.79 -23.74
N ASN A 164 37.44 19.56 -24.81
CA ASN A 164 37.95 19.21 -26.16
C ASN A 164 37.32 17.92 -26.73
N SER A 165 36.10 17.55 -26.39
CA SER A 165 35.51 16.39 -27.07
C SER A 165 36.14 15.09 -26.59
N GLY A 166 36.53 15.05 -25.31
CA GLY A 166 37.19 13.88 -24.76
C GLY A 166 38.66 13.77 -25.03
N ALA A 167 39.28 14.80 -25.63
CA ALA A 167 40.69 14.75 -25.95
C ALA A 167 41.57 15.33 -24.85
N LEU A 168 41.11 16.41 -24.21
CA LEU A 168 41.86 17.03 -23.11
C LEU A 168 41.36 16.46 -21.79
N THR A 169 42.12 15.53 -21.23
CA THR A 169 41.80 14.93 -19.94
C THR A 169 42.84 15.22 -18.86
N SER A 170 44.03 15.67 -19.23
CA SER A 170 45.07 15.97 -18.25
C SER A 170 44.87 17.37 -17.69
N GLY A 171 44.88 17.48 -16.36
CA GLY A 171 44.74 18.77 -15.71
C GLY A 171 43.33 19.27 -15.53
N VAL A 172 42.33 18.43 -15.76
CA VAL A 172 40.93 18.83 -15.65
C VAL A 172 40.48 18.67 -14.20
N HIS A 173 39.64 19.61 -13.75
CA HIS A 173 39.06 19.56 -12.41
C HIS A 173 37.60 19.98 -12.52
N THR A 174 36.69 19.03 -12.30
CA THR A 174 35.25 19.29 -12.33
C THR A 174 34.74 19.32 -10.89
N PHE A 175 34.33 20.51 -10.45
CA PHE A 175 33.91 20.68 -9.07
C PHE A 175 32.51 20.08 -8.86
N PRO A 176 32.23 19.61 -7.64
CA PRO A 176 30.88 19.09 -7.35
C PRO A 176 29.84 20.20 -7.42
N ALA A 177 28.59 19.79 -7.63
CA ALA A 177 27.50 20.73 -7.71
C ALA A 177 27.17 21.32 -6.35
N VAL A 178 26.80 22.59 -6.34
CA VAL A 178 26.41 23.29 -5.11
C VAL A 178 24.97 23.76 -5.27
N LEU A 179 24.21 23.70 -4.18
CA LEU A 179 22.82 24.12 -4.19
C LEU A 179 22.74 25.63 -3.97
N GLN A 180 21.86 26.28 -4.72
CA GLN A 180 21.62 27.71 -4.60
C GLN A 180 20.34 27.98 -3.81
N SER A 181 20.17 29.25 -3.44
CA SER A 181 18.96 29.64 -2.70
C SER A 181 17.71 29.51 -3.57
N SER A 182 17.85 29.69 -4.88
CA SER A 182 16.72 29.58 -5.80
C SER A 182 16.34 28.13 -6.11
N GLY A 183 17.03 27.16 -5.52
CA GLY A 183 16.75 25.76 -5.79
C GLY A 183 17.47 25.17 -6.98
N LEU A 184 18.35 25.93 -7.62
CA LEU A 184 19.10 25.46 -8.78
C LEU A 184 20.51 25.04 -8.37
N TYR A 185 21.14 24.28 -9.26
CA TYR A 185 22.50 23.80 -9.05
C TYR A 185 23.47 24.53 -9.98
N SER A 186 24.74 24.51 -9.59
CA SER A 186 25.78 25.17 -10.36
C SER A 186 27.11 24.47 -10.11
N LEU A 187 27.83 24.15 -11.18
CA LEU A 187 29.15 23.57 -11.07
C LEU A 187 30.12 24.33 -11.97
N SER A 188 31.39 24.30 -11.59
CA SER A 188 32.47 24.89 -12.37
C SER A 188 33.38 23.78 -12.88
N SER A 189 34.31 24.17 -13.75
CA SER A 189 35.31 23.24 -14.29
C SER A 189 36.47 24.06 -14.81
N VAL A 190 37.67 23.81 -14.31
CA VAL A 190 38.85 24.59 -14.66
C VAL A 190 39.99 23.65 -15.02
N VAL A 191 40.86 24.12 -15.92
CA VAL A 191 42.09 23.41 -16.28
C VAL A 191 43.23 24.41 -16.23
N THR A 192 44.45 23.88 -16.13
CA THR A 192 45.66 24.68 -16.09
C THR A 192 46.54 24.30 -17.28
N VAL A 193 46.84 25.25 -18.14
CA VAL A 193 47.64 25.03 -19.33
C VAL A 193 48.72 26.09 -19.40
N PRO A 194 49.86 25.83 -20.04
CA PRO A 194 50.91 26.85 -20.12
C PRO A 194 50.45 28.09 -20.85
N SER A 195 51.13 29.21 -20.58
CA SER A 195 50.79 30.49 -21.19
C SER A 195 51.20 30.58 -22.65
N SER A 196 52.16 29.77 -23.09
CA SER A 196 52.59 29.82 -24.48
C SER A 196 51.50 29.34 -25.43
N SER A 197 50.66 28.40 -24.99
CA SER A 197 49.61 27.84 -25.82
C SER A 197 48.27 28.56 -25.64
N LEU A 198 48.26 29.73 -25.00
CA LEU A 198 47.01 30.46 -24.83
C LEU A 198 46.49 31.03 -26.14
N GLY A 199 47.39 31.37 -27.06
CA GLY A 199 46.98 31.96 -28.32
C GLY A 199 47.07 31.02 -29.50
N THR A 200 47.61 29.82 -29.28
CA THR A 200 47.79 28.83 -30.33
C THR A 200 46.88 27.63 -30.16
N GLN A 201 45.98 27.65 -29.18
CA GLN A 201 45.08 26.53 -28.93
C GLN A 201 43.78 27.04 -28.33
N THR A 202 42.66 26.51 -28.80
CA THR A 202 41.34 26.85 -28.29
C THR A 202 40.76 25.65 -27.53
N TYR A 203 40.00 25.95 -26.48
CA TYR A 203 39.38 24.95 -25.64
C TYR A 203 37.87 25.13 -25.68
N ILE A 204 37.14 24.01 -25.74
CA ILE A 204 35.69 24.02 -25.87
C ILE A 204 35.11 23.01 -24.89
N CYS A 205 34.43 23.49 -23.85
CA CYS A 205 33.81 22.61 -22.88
C CYS A 205 32.47 22.10 -23.42
N ASN A 206 32.27 20.79 -23.34
CA ASN A 206 31.04 20.14 -23.76
C ASN A 206 30.19 19.84 -22.53
N VAL A 207 29.01 20.44 -22.46
CA VAL A 207 28.09 20.28 -21.34
C VAL A 207 26.88 19.48 -21.81
N ASN A 208 26.50 18.47 -21.02
CA ASN A 208 25.38 17.61 -21.36
C ASN A 208 24.47 17.47 -20.13
N HIS A 209 23.19 17.79 -20.31
CA HIS A 209 22.18 17.59 -19.28
C HIS A 209 21.11 16.68 -19.86
N LYS A 210 21.07 15.44 -19.36
CA LYS A 210 20.15 14.45 -19.91
C LYS A 210 18.68 14.84 -19.76
N PRO A 211 18.21 15.31 -18.59
CA PRO A 211 16.80 15.76 -18.53
C PRO A 211 16.49 16.93 -19.45
N SER A 212 17.43 17.84 -19.64
CA SER A 212 17.21 18.98 -20.53
C SER A 212 17.34 18.60 -22.00
N ASN A 213 18.06 17.53 -22.32
CA ASN A 213 18.25 17.07 -23.70
C ASN A 213 18.88 18.16 -24.56
N THR A 214 19.83 18.90 -23.99
CA THR A 214 20.52 19.98 -24.67
C THR A 214 22.01 19.88 -24.43
N LYS A 215 22.81 20.03 -25.49
CA LYS A 215 24.26 20.01 -25.40
C LYS A 215 24.81 21.28 -26.04
N VAL A 216 25.58 22.04 -25.27
CA VAL A 216 26.16 23.30 -25.72
C VAL A 216 27.68 23.19 -25.67
N ASP A 217 28.35 23.74 -26.67
CA ASP A 217 29.80 23.70 -26.77
C ASP A 217 30.33 25.13 -26.87
N LYS A 218 30.30 25.84 -25.72
CA LYS A 218 30.81 27.20 -25.68
C LYS A 218 32.33 27.20 -25.76
N LYS A 219 32.87 28.22 -26.44
CA LYS A 219 34.30 28.35 -26.67
C LYS A 219 34.85 29.47 -25.79
N VAL A 220 35.91 29.16 -25.04
CA VAL A 220 36.55 30.14 -24.17
C VAL A 220 37.71 30.79 -24.92
N GLU A 221 37.80 32.11 -24.82
CA GLU A 221 38.84 32.87 -25.50
C GLU A 221 39.49 33.86 -24.53
N PRO A 222 40.81 33.96 -24.52
CA PRO A 222 41.48 34.88 -23.60
C PRO A 222 41.26 36.33 -24.01
N LYS A 223 40.76 37.13 -23.08
CA LYS A 223 40.53 38.54 -23.32
C LYS A 223 40.95 39.39 -22.12
N GLU B 4 18.61 -7.74 13.43
CA GLU B 4 19.14 -9.00 13.92
C GLU B 4 20.66 -9.00 13.88
N LEU B 5 21.22 -8.48 12.78
CA LEU B 5 22.65 -8.49 12.56
C LEU B 5 23.09 -7.13 12.03
N VAL B 6 24.28 -6.70 12.43
CA VAL B 6 24.84 -5.41 12.02
C VAL B 6 26.34 -5.54 11.94
N LEU B 7 26.96 -4.70 11.11
CA LEU B 7 28.40 -4.66 10.93
C LEU B 7 28.93 -3.30 11.33
N THR B 8 29.99 -3.29 12.13
CA THR B 8 30.66 -2.07 12.55
C THR B 8 32.00 -1.97 11.85
N GLN B 9 32.23 -0.84 11.17
CA GLN B 9 33.45 -0.61 10.41
C GLN B 9 34.31 0.39 11.17
N SER B 10 35.44 -0.08 11.68
CA SER B 10 36.33 0.75 12.48
C SER B 10 37.75 0.65 11.94
N PRO B 11 38.46 1.77 11.77
CA PRO B 11 37.95 3.12 12.04
C PRO B 11 37.14 3.69 10.87
N LEU B 12 36.31 4.70 11.15
CA LEU B 12 35.48 5.30 10.10
C LEU B 12 36.30 6.21 9.18
N SER B 13 37.33 6.85 9.72
CA SER B 13 38.23 7.68 8.92
C SER B 13 39.66 7.39 9.35
N LEU B 14 40.44 6.80 8.45
CA LEU B 14 41.80 6.36 8.75
C LEU B 14 42.79 7.14 7.89
N PRO B 15 43.29 8.28 8.37
CA PRO B 15 44.32 9.02 7.63
C PRO B 15 45.69 8.42 7.88
N VAL B 16 46.35 7.99 6.80
CA VAL B 16 47.67 7.38 6.89
C VAL B 16 48.61 8.08 5.92
N THR B 17 49.88 8.17 6.29
CA THR B 17 50.89 8.75 5.43
C THR B 17 51.14 7.85 4.23
N LEU B 18 51.79 8.43 3.21
CA LEU B 18 52.06 7.69 1.99
C LEU B 18 53.15 6.65 2.23
N GLY B 19 52.95 5.45 1.68
CA GLY B 19 53.92 4.38 1.84
C GLY B 19 53.98 3.80 3.24
N GLN B 20 52.83 3.58 3.87
CA GLN B 20 52.73 3.06 5.22
C GLN B 20 51.57 2.10 5.31
N PRO B 21 51.66 1.11 6.21
CA PRO B 21 50.55 0.16 6.36
C PRO B 21 49.30 0.84 6.91
N ALA B 22 48.16 0.21 6.63
CA ALA B 22 46.87 0.69 7.12
C ALA B 22 45.90 -0.48 7.12
N SER B 23 45.14 -0.62 8.21
CA SER B 23 44.22 -1.73 8.38
C SER B 23 42.82 -1.21 8.69
N ILE B 24 41.82 -1.86 8.11
CA ILE B 24 40.42 -1.53 8.34
C ILE B 24 39.75 -2.76 8.94
N SER B 25 39.19 -2.61 10.13
CA SER B 25 38.53 -3.71 10.83
C SER B 25 37.04 -3.68 10.56
N CYS B 26 36.46 -4.86 10.38
CA CYS B 26 35.03 -5.02 10.14
C CYS B 26 34.53 -6.13 11.05
N ARG B 27 33.64 -5.79 11.97
CA ARG B 27 33.14 -6.72 12.98
C ARG B 27 31.64 -6.94 12.80
N SER B 28 31.23 -8.20 12.83
CA SER B 28 29.83 -8.59 12.74
C SER B 28 29.35 -9.08 14.09
N THR B 29 28.07 -9.42 14.16
CA THR B 29 27.47 -9.93 15.38
C THR B 29 27.31 -11.45 15.39
N GLN B 30 27.12 -12.05 14.23
CA GLN B 30 27.03 -13.50 14.08
C GLN B 30 28.21 -14.02 13.27
N SER B 31 28.39 -15.34 13.33
CA SER B 31 29.47 -15.96 12.57
C SER B 31 29.12 -16.02 11.08
N LEU B 32 30.10 -15.72 10.24
CA LEU B 32 29.92 -15.70 8.80
C LEU B 32 30.34 -17.01 8.14
N VAL B 33 30.47 -18.09 8.91
CA VAL B 33 30.91 -19.36 8.34
C VAL B 33 29.85 -19.93 7.41
N TYR B 34 28.57 -19.62 7.67
CA TYR B 34 27.44 -20.09 6.88
C TYR B 34 27.33 -21.61 6.88
N SER B 35 26.34 -22.14 6.15
CA SER B 35 26.06 -23.57 6.20
C SER B 35 27.08 -24.37 5.38
N ASP B 36 27.32 -23.95 4.15
CA ASP B 36 28.22 -24.66 3.25
C ASP B 36 29.70 -24.43 3.57
N GLY B 37 30.01 -23.95 4.78
CA GLY B 37 31.37 -23.90 5.26
C GLY B 37 32.27 -22.86 4.62
N ASN B 38 31.75 -22.02 3.73
CA ASN B 38 32.55 -20.99 3.08
C ASN B 38 32.20 -19.64 3.69
N THR B 39 33.19 -18.98 4.28
CA THR B 39 32.98 -17.67 4.90
C THR B 39 32.81 -16.62 3.81
N TYR B 40 31.63 -16.00 3.77
CA TYR B 40 31.28 -15.04 2.72
C TYR B 40 31.36 -13.63 3.31
N LEU B 41 32.53 -13.00 3.16
CA LEU B 41 32.70 -11.58 3.44
C LEU B 41 33.50 -10.96 2.29
N ASN B 42 33.08 -9.77 1.86
CA ASN B 42 33.66 -9.12 0.70
C ASN B 42 34.06 -7.70 1.04
N TRP B 43 35.13 -7.23 0.40
CA TRP B 43 35.59 -5.86 0.53
C TRP B 43 35.45 -5.15 -0.81
N PHE B 44 35.08 -3.87 -0.76
CA PHE B 44 34.83 -3.09 -1.95
C PHE B 44 35.52 -1.73 -1.85
N HIS B 45 36.01 -1.26 -2.99
CA HIS B 45 36.64 0.05 -3.10
C HIS B 45 35.78 0.94 -4.00
N GLN B 46 35.43 2.11 -3.50
CA GLN B 46 34.63 3.07 -4.26
C GLN B 46 35.37 4.40 -4.34
N ARG B 47 35.55 4.88 -5.56
CA ARG B 47 36.10 6.21 -5.80
C ARG B 47 34.96 7.20 -6.01
N ALA B 48 35.31 8.48 -6.00
CA ALA B 48 34.31 9.53 -6.20
C ALA B 48 33.95 9.59 -7.68
N GLY B 49 32.67 9.40 -7.98
CA GLY B 49 32.19 9.44 -9.35
C GLY B 49 32.20 8.10 -10.07
N GLN B 50 32.74 7.06 -9.46
CA GLN B 50 32.79 5.74 -10.07
C GLN B 50 32.07 4.72 -9.19
N PRO B 51 31.46 3.70 -9.79
CA PRO B 51 30.80 2.66 -9.00
C PRO B 51 31.82 1.80 -8.27
N PRO B 52 31.41 1.11 -7.21
CA PRO B 52 32.36 0.26 -6.48
C PRO B 52 32.84 -0.91 -7.32
N ARG B 53 34.07 -1.35 -7.04
CA ARG B 53 34.64 -2.52 -7.67
C ARG B 53 35.20 -3.44 -6.59
N ARG B 54 35.11 -4.74 -6.83
CA ARG B 54 35.46 -5.73 -5.83
C ARG B 54 36.96 -5.95 -5.77
N LEU B 55 37.51 -5.96 -4.56
CA LEU B 55 38.92 -6.26 -4.33
C LEU B 55 39.14 -7.60 -3.66
N ILE B 56 38.21 -8.03 -2.79
CA ILE B 56 38.37 -9.21 -1.96
C ILE B 56 37.03 -9.94 -1.89
N TYR B 57 36.91 -11.05 -2.64
CA TYR B 57 35.62 -11.75 -2.69
C TYR B 57 35.46 -12.79 -1.60
N LYS B 58 36.55 -13.16 -0.91
CA LYS B 58 36.47 -13.96 0.30
C LYS B 58 37.57 -13.51 1.23
N VAL B 59 37.37 -13.76 2.53
CA VAL B 59 38.20 -13.17 3.59
C VAL B 59 39.69 -13.26 3.28
N SER B 60 40.11 -14.25 2.51
CA SER B 60 41.51 -14.40 2.12
C SER B 60 41.73 -14.43 0.61
N ASN B 61 40.67 -14.34 -0.19
CA ASN B 61 40.76 -14.50 -1.63
C ASN B 61 40.88 -13.14 -2.30
N ARG B 62 41.94 -12.97 -3.11
CA ARG B 62 42.18 -11.73 -3.82
C ARG B 62 41.60 -11.81 -5.22
N ASP B 63 40.92 -10.74 -5.63
CA ASP B 63 40.35 -10.67 -6.96
C ASP B 63 41.41 -10.23 -7.97
N SER B 64 41.21 -10.62 -9.23
CA SER B 64 42.15 -10.27 -10.27
C SER B 64 42.14 -8.77 -10.53
N GLY B 65 43.25 -8.29 -11.13
CA GLY B 65 43.39 -6.87 -11.37
C GLY B 65 43.56 -6.02 -10.14
N VAL B 66 44.02 -6.62 -9.04
CA VAL B 66 44.22 -5.93 -7.77
C VAL B 66 45.67 -6.12 -7.37
N PRO B 67 46.40 -5.06 -7.02
CA PRO B 67 47.80 -5.22 -6.62
C PRO B 67 47.94 -6.09 -5.38
N GLU B 68 49.15 -6.63 -5.19
CA GLU B 68 49.43 -7.51 -4.07
C GLU B 68 49.44 -6.78 -2.73
N ARG B 69 49.44 -5.45 -2.75
CA ARG B 69 49.49 -4.67 -1.52
C ARG B 69 48.25 -4.85 -0.65
N PHE B 70 47.23 -5.56 -1.13
CA PHE B 70 45.99 -5.77 -0.38
C PHE B 70 45.94 -7.20 0.14
N SER B 71 45.25 -7.37 1.26
CA SER B 71 45.06 -8.69 1.87
C SER B 71 44.00 -8.57 2.95
N GLY B 72 43.23 -9.65 3.11
CA GLY B 72 42.22 -9.71 4.15
C GLY B 72 42.52 -10.78 5.18
N SER B 73 41.92 -10.68 6.36
CA SER B 73 42.16 -11.64 7.43
C SER B 73 40.89 -11.76 8.26
N GLY B 74 40.97 -12.52 9.34
CA GLY B 74 39.87 -12.69 10.26
C GLY B 74 39.09 -13.97 10.01
N SER B 75 38.27 -14.32 11.00
CA SER B 75 37.42 -15.49 10.92
C SER B 75 36.33 -15.34 11.97
N GLY B 76 35.09 -15.64 11.58
CA GLY B 76 33.96 -15.51 12.49
C GLY B 76 33.43 -14.10 12.54
N THR B 77 33.62 -13.40 13.66
CA THR B 77 33.08 -12.06 13.83
C THR B 77 34.07 -10.97 13.48
N ASP B 78 35.35 -11.16 13.83
CA ASP B 78 36.37 -10.14 13.59
C ASP B 78 37.03 -10.36 12.23
N PHE B 79 37.15 -9.28 11.46
CA PHE B 79 37.82 -9.32 10.17
C PHE B 79 38.68 -8.07 10.02
N THR B 80 39.68 -8.17 9.14
CA THR B 80 40.64 -7.09 8.95
C THR B 80 41.07 -7.03 7.51
N LEU B 81 40.97 -5.84 6.91
CA LEU B 81 41.49 -5.58 5.57
C LEU B 81 42.75 -4.73 5.72
N LYS B 82 43.91 -5.36 5.54
CA LYS B 82 45.19 -4.68 5.71
C LYS B 82 45.79 -4.34 4.35
N ILE B 83 46.48 -3.20 4.30
CA ILE B 83 47.19 -2.75 3.11
C ILE B 83 48.67 -2.67 3.45
N SER B 84 49.49 -3.43 2.71
CA SER B 84 50.93 -3.43 2.97
C SER B 84 51.54 -2.06 2.71
N ARG B 85 51.48 -1.60 1.45
CA ARG B 85 51.99 -0.29 1.06
C ARG B 85 50.82 0.54 0.53
N VAL B 86 50.61 1.70 1.14
CA VAL B 86 49.56 2.62 0.70
C VAL B 86 50.16 3.55 -0.35
N GLU B 87 49.55 3.57 -1.52
CA GLU B 87 49.94 4.46 -2.61
C GLU B 87 48.93 5.59 -2.75
N ALA B 88 49.24 6.54 -3.63
CA ALA B 88 48.30 7.62 -3.92
C ALA B 88 47.05 7.11 -4.61
N GLU B 89 47.10 5.91 -5.19
CA GLU B 89 45.94 5.35 -5.87
C GLU B 89 44.85 4.95 -4.87
N ASP B 90 45.24 4.47 -3.69
CA ASP B 90 44.30 3.90 -2.73
C ASP B 90 43.66 5.02 -1.91
N VAL B 91 42.69 5.69 -2.53
CA VAL B 91 41.87 6.69 -1.85
C VAL B 91 40.41 6.44 -2.18
N GLY B 92 39.53 6.97 -1.32
CA GLY B 92 38.11 6.82 -1.47
C GLY B 92 37.49 6.18 -0.23
N ILE B 93 36.36 5.52 -0.44
CA ILE B 93 35.63 4.85 0.63
C ILE B 93 35.76 3.34 0.46
N TYR B 94 35.96 2.64 1.56
CA TYR B 94 36.10 1.19 1.58
C TYR B 94 34.93 0.59 2.35
N TYR B 95 34.29 -0.41 1.76
CA TYR B 95 33.15 -1.08 2.38
C TYR B 95 33.47 -2.56 2.58
N CYS B 96 32.93 -3.12 3.65
CA CYS B 96 32.93 -4.55 3.87
C CYS B 96 31.50 -5.07 3.72
N MET B 97 31.32 -6.05 2.84
CA MET B 97 30.02 -6.63 2.55
C MET B 97 29.94 -8.07 3.03
N GLN B 98 28.86 -8.41 3.72
CA GLN B 98 28.68 -9.79 4.24
C GLN B 98 27.49 -10.46 3.53
N GLY B 99 27.70 -11.66 3.04
CA GLY B 99 26.67 -12.43 2.35
C GLY B 99 26.40 -13.73 3.07
N ALA B 100 26.50 -13.70 4.40
CA ALA B 100 26.25 -14.87 5.21
C ALA B 100 24.86 -14.89 5.83
N HIS B 101 24.21 -13.74 5.95
CA HIS B 101 22.88 -13.67 6.55
C HIS B 101 22.02 -12.68 5.79
N TRP B 102 20.82 -13.11 5.42
CA TRP B 102 19.90 -12.28 4.66
C TRP B 102 19.39 -11.13 5.53
N PRO B 103 19.31 -9.90 4.99
CA PRO B 103 19.75 -9.53 3.64
C PRO B 103 21.21 -9.07 3.59
N PRO B 104 21.84 -9.17 2.42
CA PRO B 104 23.22 -8.70 2.30
C PRO B 104 23.34 -7.19 2.41
N THR B 105 23.93 -6.71 3.51
CA THR B 105 24.12 -5.29 3.74
C THR B 105 25.59 -4.93 3.56
N PHE B 106 25.84 -3.66 3.26
CA PHE B 106 27.19 -3.14 3.14
C PHE B 106 27.63 -2.50 4.45
N GLY B 107 28.94 -2.29 4.57
CA GLY B 107 29.50 -1.67 5.75
C GLY B 107 29.16 -0.19 5.83
N GLY B 108 29.62 0.42 6.92
CA GLY B 108 29.37 1.85 7.12
C GLY B 108 30.20 2.73 6.22
N GLY B 109 31.36 2.25 5.77
CA GLY B 109 32.23 3.03 4.92
C GLY B 109 33.42 3.59 5.65
N THR B 110 34.61 3.49 5.06
CA THR B 110 35.84 4.01 5.64
C THR B 110 36.54 4.88 4.61
N LYS B 111 36.52 6.19 4.81
CA LYS B 111 37.18 7.12 3.91
C LYS B 111 38.66 7.20 4.26
N VAL B 112 39.52 6.94 3.29
CA VAL B 112 40.96 6.90 3.50
C VAL B 112 41.57 8.19 2.94
N GLU B 113 42.42 8.83 3.74
CA GLU B 113 43.02 10.11 3.40
C GLU B 113 44.53 10.02 3.53
N ILE B 114 45.24 10.70 2.62
CA ILE B 114 46.70 10.69 2.61
C ILE B 114 47.21 11.90 3.40
N ASN B 115 48.43 11.77 3.93
CA ASN B 115 48.97 12.74 4.88
C ASN B 115 50.22 13.45 4.35
N ARG B 116 50.33 13.61 3.03
CA ARG B 116 51.34 14.50 2.49
C ARG B 116 50.93 15.95 2.75
N THR B 117 51.87 16.77 3.21
CA THR B 117 51.53 18.06 3.81
C THR B 117 52.11 19.23 3.01
N VAL B 118 51.72 20.42 3.46
CA VAL B 118 52.33 21.70 3.11
C VAL B 118 52.26 21.98 1.61
N ALA B 119 51.04 22.04 1.07
CA ALA B 119 50.80 22.38 -0.33
C ALA B 119 49.97 23.65 -0.39
N ALA B 120 50.56 24.75 -0.90
CA ALA B 120 49.83 26.00 -0.95
C ALA B 120 49.04 26.13 -2.25
N PRO B 121 47.88 26.79 -2.21
CA PRO B 121 47.06 26.92 -3.41
C PRO B 121 47.56 27.97 -4.38
N SER B 122 47.35 27.70 -5.66
CA SER B 122 47.57 28.69 -6.73
C SER B 122 46.24 29.38 -6.98
N VAL B 123 46.02 30.50 -6.30
CA VAL B 123 44.72 31.17 -6.31
C VAL B 123 44.54 31.91 -7.63
N PHE B 124 43.39 31.68 -8.27
CA PHE B 124 43.01 32.39 -9.48
C PHE B 124 41.65 33.05 -9.27
N ILE B 125 41.41 34.14 -10.00
CA ILE B 125 40.15 34.86 -9.96
C ILE B 125 39.66 35.04 -11.38
N PHE B 126 38.34 34.97 -11.57
CA PHE B 126 37.72 35.08 -12.89
C PHE B 126 36.61 36.12 -12.83
N PRO B 127 36.71 37.20 -13.61
CA PRO B 127 35.58 38.14 -13.67
C PRO B 127 34.40 37.51 -14.37
N PRO B 128 33.19 37.98 -14.07
CA PRO B 128 32.00 37.39 -14.71
C PRO B 128 31.95 37.69 -16.19
N SER B 129 31.29 36.80 -16.92
CA SER B 129 31.13 36.96 -18.36
C SER B 129 30.04 37.98 -18.67
N ASP B 130 30.14 38.58 -19.86
CA ASP B 130 29.16 39.58 -20.27
C ASP B 130 27.78 38.97 -20.42
N GLU B 131 27.70 37.75 -20.96
CA GLU B 131 26.41 37.08 -21.11
C GLU B 131 25.70 36.93 -19.78
N GLN B 132 26.46 36.74 -18.69
CA GLN B 132 25.84 36.69 -17.37
C GLN B 132 25.38 38.07 -16.92
N LEU B 133 26.15 39.11 -17.25
CA LEU B 133 25.70 40.47 -16.96
C LEU B 133 24.48 40.85 -17.81
N LYS B 134 24.34 40.25 -19.00
CA LYS B 134 23.13 40.46 -19.78
C LYS B 134 21.91 39.90 -19.07
N SER B 135 22.08 38.86 -18.27
CA SER B 135 21.01 38.30 -17.47
C SER B 135 20.84 39.13 -16.19
N GLY B 136 19.98 38.66 -15.28
CA GLY B 136 19.70 39.44 -14.09
C GLY B 136 20.85 39.45 -13.09
N THR B 137 21.51 38.30 -12.91
CA THR B 137 22.54 38.15 -11.89
C THR B 137 23.89 37.86 -12.55
N ALA B 138 24.95 38.13 -11.78
CA ALA B 138 26.31 37.87 -12.20
C ALA B 138 27.07 37.21 -11.05
N SER B 139 28.04 36.38 -11.41
CA SER B 139 28.80 35.60 -10.44
C SER B 139 30.29 35.73 -10.70
N VAL B 140 31.06 35.99 -9.64
CA VAL B 140 32.52 36.02 -9.69
C VAL B 140 33.06 34.71 -9.11
N VAL B 141 34.10 34.17 -9.73
CA VAL B 141 34.63 32.86 -9.39
C VAL B 141 36.06 33.02 -8.88
N CYS B 142 36.33 32.46 -7.71
CA CYS B 142 37.67 32.39 -7.13
C CYS B 142 38.10 30.93 -7.10
N LEU B 143 39.33 30.67 -7.52
CA LEU B 143 39.82 29.32 -7.74
C LEU B 143 41.00 29.01 -6.84
N LEU B 144 41.01 27.79 -6.28
CA LEU B 144 42.13 27.26 -5.50
C LEU B 144 42.47 25.89 -6.07
N ASN B 145 43.67 25.76 -6.62
CA ASN B 145 44.07 24.56 -7.35
C ASN B 145 45.32 23.94 -6.76
N ASN B 146 45.29 22.61 -6.61
CA ASN B 146 46.41 21.82 -6.11
C ASN B 146 46.93 22.34 -4.78
N PHE B 147 46.13 22.12 -3.74
CA PHE B 147 46.48 22.55 -2.40
C PHE B 147 46.13 21.45 -1.40
N TYR B 148 46.82 21.50 -0.26
CA TYR B 148 46.66 20.54 0.84
C TYR B 148 47.33 21.14 2.06
N PRO B 149 46.73 21.06 3.25
CA PRO B 149 45.51 20.34 3.66
C PRO B 149 44.19 20.91 3.14
N ARG B 150 43.12 20.17 3.38
CA ARG B 150 41.80 20.58 2.91
C ARG B 150 41.32 21.84 3.61
N GLU B 151 41.70 22.02 4.88
CA GLU B 151 41.35 23.23 5.61
C GLU B 151 41.78 24.48 4.85
N ALA B 152 40.81 25.28 4.45
CA ALA B 152 41.06 26.49 3.68
C ALA B 152 39.97 27.50 3.96
N LYS B 153 40.34 28.77 4.03
CA LYS B 153 39.42 29.85 4.35
C LYS B 153 39.58 30.96 3.32
N VAL B 154 38.55 31.18 2.51
CA VAL B 154 38.54 32.24 1.51
C VAL B 154 37.56 33.31 1.96
N GLN B 155 37.93 34.57 1.75
CA GLN B 155 37.11 35.72 2.12
C GLN B 155 36.96 36.62 0.91
N TRP B 156 35.78 37.21 0.76
CA TRP B 156 35.48 38.07 -0.38
C TRP B 156 35.53 39.54 0.07
N LYS B 157 36.37 40.31 -0.61
CA LYS B 157 36.55 41.74 -0.32
C LYS B 157 35.96 42.53 -1.48
N VAL B 158 34.74 43.00 -1.32
CA VAL B 158 34.10 43.89 -2.30
C VAL B 158 34.41 45.32 -1.89
N ASP B 159 35.20 46.02 -2.71
CA ASP B 159 35.72 47.34 -2.38
C ASP B 159 36.41 47.33 -1.02
N ASN B 160 37.28 46.34 -0.84
CA ASN B 160 38.08 46.12 0.37
C ASN B 160 37.22 45.88 1.61
N ALA B 161 35.92 45.66 1.44
CA ALA B 161 35.00 45.44 2.55
C ALA B 161 34.62 43.96 2.62
N LEU B 162 34.50 43.44 3.83
CA LEU B 162 34.18 42.04 4.03
C LEU B 162 32.81 41.71 3.44
N GLN B 163 32.68 40.48 2.95
CA GLN B 163 31.42 39.99 2.40
C GLN B 163 31.08 38.64 3.03
N SER B 164 29.78 38.38 3.16
CA SER B 164 29.31 37.14 3.75
C SER B 164 27.84 36.95 3.39
N GLY B 165 27.42 35.68 3.38
CA GLY B 165 26.04 35.33 3.12
C GLY B 165 25.66 35.15 1.67
N ASN B 166 26.56 35.45 0.73
CA ASN B 166 26.27 35.31 -0.69
C ASN B 166 27.39 34.60 -1.45
N SER B 167 28.29 33.92 -0.75
CA SER B 167 29.37 33.19 -1.38
C SER B 167 29.12 31.69 -1.25
N GLN B 168 29.47 30.95 -2.30
CA GLN B 168 29.30 29.50 -2.36
C GLN B 168 30.65 28.86 -2.62
N GLU B 169 31.05 27.94 -1.75
CA GLU B 169 32.30 27.21 -1.90
C GLU B 169 32.02 25.78 -2.32
N SER B 170 32.91 25.23 -3.15
CA SER B 170 32.80 23.86 -3.62
C SER B 170 34.16 23.19 -3.50
N VAL B 171 34.24 22.14 -2.69
CA VAL B 171 35.47 21.39 -2.47
C VAL B 171 35.39 20.08 -3.23
N THR B 172 36.50 19.70 -3.86
CA THR B 172 36.56 18.45 -4.61
C THR B 172 37.03 17.31 -3.71
N GLU B 173 36.87 16.10 -4.22
CA GLU B 173 37.43 14.93 -3.56
C GLU B 173 38.95 14.96 -3.65
N GLN B 174 39.60 14.24 -2.74
CA GLN B 174 41.05 14.19 -2.73
C GLN B 174 41.54 13.49 -3.99
N ASP B 175 42.36 14.19 -4.78
CA ASP B 175 42.82 13.65 -6.05
C ASP B 175 43.71 12.43 -5.83
N SER B 176 43.43 11.35 -6.55
CA SER B 176 44.21 10.14 -6.45
C SER B 176 45.54 10.22 -7.19
N LYS B 177 45.80 11.31 -7.91
CA LYS B 177 47.04 11.45 -8.68
C LYS B 177 48.17 12.03 -7.83
N ASP B 178 47.92 13.14 -7.14
CA ASP B 178 48.96 13.80 -6.36
C ASP B 178 48.51 14.15 -4.94
N SER B 179 47.34 13.67 -4.52
CA SER B 179 46.87 13.81 -3.14
C SER B 179 46.68 15.27 -2.75
N THR B 180 46.04 16.03 -3.63
CA THR B 180 45.73 17.44 -3.40
C THR B 180 44.22 17.63 -3.38
N TYR B 181 43.81 18.88 -3.16
CA TYR B 181 42.40 19.27 -3.18
C TYR B 181 42.22 20.43 -4.15
N SER B 182 40.98 20.84 -4.34
CA SER B 182 40.66 21.98 -5.19
C SER B 182 39.37 22.61 -4.68
N LEU B 183 39.37 23.94 -4.57
CA LEU B 183 38.25 24.68 -4.03
C LEU B 183 37.89 25.81 -4.99
N SER B 184 36.58 26.01 -5.19
CA SER B 184 36.08 27.06 -6.06
C SER B 184 35.00 27.84 -5.32
N SER B 185 35.16 29.16 -5.28
CA SER B 185 34.20 30.05 -4.64
C SER B 185 33.39 30.78 -5.71
N THR B 186 32.15 31.12 -5.38
CA THR B 186 31.25 31.79 -6.31
C THR B 186 30.45 32.84 -5.54
N LEU B 187 30.53 34.09 -5.99
CA LEU B 187 29.83 35.21 -5.37
C LEU B 187 28.70 35.62 -6.31
N THR B 188 27.47 35.24 -5.97
CA THR B 188 26.31 35.52 -6.79
C THR B 188 25.62 36.79 -6.30
N LEU B 189 25.53 37.78 -7.16
CA LEU B 189 24.84 39.02 -6.83
C LEU B 189 24.25 39.61 -8.12
N SER B 190 23.25 40.47 -7.95
CA SER B 190 22.56 41.05 -9.09
C SER B 190 23.49 42.02 -9.84
N LYS B 191 23.16 42.25 -11.12
CA LYS B 191 23.95 43.17 -11.92
C LYS B 191 23.85 44.60 -11.39
N ALA B 192 22.67 44.99 -10.92
CA ALA B 192 22.51 46.33 -10.35
C ALA B 192 23.37 46.51 -9.12
N ASP B 193 23.45 45.49 -8.26
CA ASP B 193 24.36 45.51 -7.13
C ASP B 193 25.80 45.27 -7.53
N TYR B 194 26.05 44.83 -8.76
CA TYR B 194 27.41 44.62 -9.25
C TYR B 194 28.07 45.93 -9.66
N GLU B 195 27.29 46.85 -10.23
CA GLU B 195 27.85 48.10 -10.72
C GLU B 195 28.27 49.04 -9.60
N LYS B 196 27.70 48.87 -8.40
CA LYS B 196 27.96 49.78 -7.28
C LYS B 196 29.37 49.65 -6.72
N HIS B 197 30.24 48.82 -7.30
CA HIS B 197 31.59 48.62 -6.77
C HIS B 197 32.55 48.47 -7.94
N LYS B 198 33.82 48.78 -7.67
CA LYS B 198 34.86 48.75 -8.69
C LYS B 198 35.87 47.63 -8.50
N VAL B 199 36.37 47.43 -7.28
CA VAL B 199 37.41 46.44 -7.02
C VAL B 199 36.78 45.26 -6.29
N TYR B 200 36.90 44.08 -6.89
CA TYR B 200 36.49 42.83 -6.27
C TYR B 200 37.71 41.98 -5.98
N ALA B 201 37.73 41.34 -4.81
CA ALA B 201 38.87 40.54 -4.39
C ALA B 201 38.39 39.31 -3.63
N CYS B 202 39.20 38.26 -3.66
CA CYS B 202 39.03 37.10 -2.79
C CYS B 202 40.35 36.81 -2.10
N GLU B 203 40.34 36.85 -0.77
CA GLU B 203 41.53 36.63 0.04
C GLU B 203 41.53 35.20 0.58
N VAL B 204 42.63 34.50 0.35
CA VAL B 204 42.75 33.09 0.71
C VAL B 204 43.77 32.95 1.84
N THR B 205 43.34 32.36 2.94
CA THR B 205 44.22 32.03 4.06
C THR B 205 44.37 30.52 4.14
N HIS B 206 45.60 30.07 4.34
CA HIS B 206 45.90 28.64 4.33
C HIS B 206 47.12 28.39 5.20
N GLN B 207 47.31 27.12 5.57
CA GLN B 207 48.45 26.76 6.41
C GLN B 207 49.76 26.90 5.64
N GLY B 208 49.75 26.60 4.34
CA GLY B 208 50.97 26.68 3.55
C GLY B 208 51.38 28.10 3.20
N LEU B 209 50.51 29.07 3.40
CA LEU B 209 50.80 30.46 3.11
C LEU B 209 51.08 31.21 4.41
N SER B 210 52.27 31.79 4.51
CA SER B 210 52.61 32.60 5.68
C SER B 210 51.74 33.84 5.75
N SER B 211 51.59 34.54 4.63
CA SER B 211 50.72 35.71 4.52
C SER B 211 49.58 35.42 3.56
N PRO B 212 48.36 35.87 3.88
CA PRO B 212 47.21 35.58 3.01
C PRO B 212 47.38 36.19 1.63
N VAL B 213 47.27 35.35 0.60
CA VAL B 213 47.37 35.78 -0.79
C VAL B 213 45.98 36.21 -1.25
N THR B 214 45.94 37.34 -1.96
CA THR B 214 44.69 37.89 -2.48
C THR B 214 44.87 38.25 -3.95
N LYS B 215 43.90 37.85 -4.77
CA LYS B 215 43.87 38.21 -6.19
C LYS B 215 42.63 39.03 -6.45
N SER B 216 42.79 40.16 -7.15
CA SER B 216 41.71 41.10 -7.34
C SER B 216 41.76 41.67 -8.75
N PHE B 217 40.63 42.22 -9.18
CA PHE B 217 40.54 42.96 -10.45
C PHE B 217 39.82 44.28 -10.20
N ASN B 218 40.36 45.34 -10.79
CA ASN B 218 39.90 46.70 -10.51
C ASN B 218 38.68 47.10 -11.32
N ARG B 219 38.26 46.29 -12.28
CA ARG B 219 37.13 46.63 -13.13
C ARG B 219 35.82 46.15 -12.51
N GLY B 220 34.76 46.91 -12.76
CA GLY B 220 33.45 46.57 -12.25
C GLY B 220 32.49 47.75 -12.17
N TRP C 11 6.69 -20.76 -16.14
CA TRP C 11 7.70 -21.63 -16.74
C TRP C 11 7.44 -21.80 -18.23
N HIS C 12 8.50 -21.93 -19.01
CA HIS C 12 8.35 -22.05 -20.49
C HIS C 12 8.72 -23.46 -20.96
N ILE C 13 7.92 -24.02 -21.86
CA ILE C 13 8.18 -25.37 -22.45
C ILE C 13 9.16 -25.23 -23.61
N ASN C 14 9.45 -24.02 -24.07
CA ASN C 14 10.40 -23.77 -25.17
C ASN C 14 11.79 -24.27 -24.74
N SER C 15 12.16 -24.02 -23.49
CA SER C 15 13.49 -24.44 -22.96
C SER C 15 13.35 -25.73 -22.17
N THR C 16 12.27 -26.47 -22.33
CA THR C 16 12.06 -27.72 -21.55
C THR C 16 12.54 -28.97 -22.29
N ALA C 17 13.49 -29.70 -21.71
CA ALA C 17 14.02 -30.94 -22.26
C ALA C 17 13.06 -32.12 -22.27
N LEU C 18 12.79 -32.63 -23.47
CA LEU C 18 11.93 -33.80 -23.66
C LEU C 18 12.77 -34.87 -24.34
N ASN C 19 13.36 -35.77 -23.55
CA ASN C 19 14.12 -36.90 -24.05
C ASN C 19 13.62 -38.19 -23.40
N CYS C 20 12.37 -38.52 -23.68
CA CYS C 20 11.76 -39.75 -23.20
C CYS C 20 11.94 -40.86 -24.23
N ASN C 21 12.46 -41.99 -23.80
CA ASN C 21 12.65 -43.15 -24.65
C ASN C 21 12.10 -44.38 -23.95
N GLU C 22 11.27 -45.14 -24.67
CA GLU C 22 10.70 -46.39 -24.17
C GLU C 22 9.89 -46.14 -22.89
N SER C 23 8.98 -45.18 -22.97
CA SER C 23 8.14 -44.83 -21.82
C SER C 23 6.71 -45.34 -22.01
N ARG C 61 25.97 -36.15 -4.99
CA ARG C 61 25.01 -35.32 -4.26
C ARG C 61 25.06 -33.82 -4.63
N PRO C 62 26.23 -33.23 -4.83
CA PRO C 62 26.27 -31.84 -5.31
C PRO C 62 25.60 -31.74 -6.67
N CYS C 63 24.71 -30.75 -6.80
CA CYS C 63 23.92 -30.59 -8.02
C CYS C 63 24.82 -30.31 -9.22
N GLY C 64 25.51 -29.19 -9.19
CA GLY C 64 26.48 -28.92 -10.25
C GLY C 64 25.76 -28.66 -11.55
N ILE C 65 26.05 -29.47 -12.56
CA ILE C 65 25.52 -29.31 -13.91
C ILE C 65 25.18 -30.69 -14.47
N VAL C 66 24.07 -30.77 -15.20
CA VAL C 66 23.58 -32.03 -15.74
C VAL C 66 23.33 -31.89 -17.23
N PRO C 67 23.80 -32.82 -18.06
CA PRO C 67 23.47 -32.76 -19.50
C PRO C 67 21.99 -33.03 -19.74
N ALA C 68 21.43 -32.28 -20.69
CA ALA C 68 20.00 -32.37 -20.96
C ALA C 68 19.61 -33.54 -21.85
N LYS C 69 20.60 -34.28 -22.39
CA LYS C 69 20.27 -35.41 -23.25
C LYS C 69 19.70 -36.58 -22.47
N SER C 70 19.90 -36.61 -21.15
CA SER C 70 19.46 -37.72 -20.32
C SER C 70 18.37 -37.30 -19.33
N VAL C 71 17.51 -36.36 -19.72
CA VAL C 71 16.41 -35.91 -18.88
C VAL C 71 15.16 -35.76 -19.73
N CYS C 72 14.02 -36.09 -19.15
CA CYS C 72 12.72 -35.93 -19.80
C CYS C 72 11.74 -35.34 -18.80
N GLY C 73 10.97 -34.36 -19.24
CA GLY C 73 10.08 -33.64 -18.37
C GLY C 73 10.78 -32.45 -17.74
N PRO C 74 10.05 -31.64 -17.00
CA PRO C 74 10.64 -30.43 -16.42
C PRO C 74 11.60 -30.76 -15.28
N VAL C 75 12.55 -29.87 -15.08
CA VAL C 75 13.51 -29.96 -13.98
C VAL C 75 13.03 -29.00 -12.89
N TYR C 76 12.62 -29.56 -11.75
CA TYR C 76 12.04 -28.77 -10.67
C TYR C 76 13.06 -28.60 -9.54
N CYS C 77 13.18 -27.37 -9.05
CA CYS C 77 14.04 -27.04 -7.93
C CYS C 77 13.24 -26.23 -6.92
N PHE C 78 13.64 -26.33 -5.66
CA PHE C 78 12.81 -25.85 -4.54
C PHE C 78 13.58 -24.84 -3.71
N THR C 79 12.99 -23.65 -3.54
CA THR C 79 13.64 -22.52 -2.89
C THR C 79 13.27 -22.28 -1.42
N PRO C 80 12.35 -23.03 -0.79
CA PRO C 80 11.55 -24.24 -1.01
C PRO C 80 10.39 -24.10 -2.00
N SER C 81 10.07 -22.88 -2.40
CA SER C 81 9.01 -22.70 -3.39
C SER C 81 9.42 -23.33 -4.72
N PRO C 82 8.52 -24.03 -5.40
CA PRO C 82 8.92 -24.76 -6.61
C PRO C 82 9.28 -23.80 -7.75
N VAL C 83 10.40 -24.10 -8.41
CA VAL C 83 10.89 -23.30 -9.52
C VAL C 83 11.35 -24.25 -10.63
N VAL C 84 10.96 -23.94 -11.87
CA VAL C 84 11.34 -24.72 -13.04
C VAL C 84 12.58 -24.08 -13.67
N VAL C 85 13.56 -24.90 -14.02
CA VAL C 85 14.78 -24.46 -14.70
C VAL C 85 14.72 -24.92 -16.14
N GLY C 86 14.88 -23.97 -17.07
CA GLY C 86 14.83 -24.29 -18.48
C GLY C 86 16.18 -24.79 -18.98
N THR C 87 16.16 -25.43 -20.14
CA THR C 87 17.39 -25.88 -20.78
C THR C 87 18.27 -24.67 -21.09
N THR C 88 19.55 -24.80 -20.79
CA THR C 88 20.47 -23.68 -20.86
C THR C 88 21.78 -24.14 -21.46
N ASP C 89 22.40 -23.28 -22.27
CA ASP C 89 23.75 -23.53 -22.74
C ASP C 89 24.71 -23.55 -21.55
N ARG C 90 25.90 -24.12 -21.77
CA ARG C 90 26.93 -24.10 -20.75
C ARG C 90 27.29 -22.65 -20.43
N SER C 91 26.77 -22.14 -19.31
CA SER C 91 26.95 -20.75 -18.91
C SER C 91 26.50 -19.79 -20.02
N GLY C 92 25.32 -20.06 -20.56
CA GLY C 92 24.81 -19.26 -21.66
C GLY C 92 23.34 -18.91 -21.53
N ALA C 93 22.79 -18.34 -22.60
CA ALA C 93 21.37 -17.98 -22.61
C ALA C 93 20.52 -19.25 -22.66
N PRO C 94 19.30 -19.19 -22.13
CA PRO C 94 18.41 -20.36 -22.22
C PRO C 94 18.08 -20.71 -23.66
N THR C 95 18.44 -21.92 -24.05
CA THR C 95 18.16 -22.41 -25.40
C THR C 95 16.74 -22.96 -25.47
N TYR C 96 16.17 -22.94 -26.68
CA TYR C 96 14.81 -23.38 -26.92
C TYR C 96 14.84 -24.50 -27.96
N SER C 97 15.18 -25.71 -27.52
CA SER C 97 15.29 -26.83 -28.45
C SER C 97 14.67 -28.12 -27.90
N TRP C 98 13.91 -28.05 -26.81
CA TRP C 98 13.32 -29.23 -26.17
C TRP C 98 14.37 -30.24 -25.75
N GLY C 99 15.57 -29.77 -25.43
CA GLY C 99 16.62 -30.67 -24.99
C GLY C 99 17.11 -31.61 -26.07
N ALA C 100 17.02 -31.19 -27.35
CA ALA C 100 17.55 -31.99 -28.45
C ALA C 100 19.03 -31.75 -28.68
N ASN C 101 19.43 -30.49 -28.67
CA ASN C 101 20.80 -30.12 -28.98
C ASN C 101 21.74 -30.59 -27.88
N ASP C 102 22.91 -31.11 -28.29
CA ASP C 102 23.81 -31.80 -27.37
C ASP C 102 24.55 -30.85 -26.44
N THR C 103 24.51 -29.54 -26.70
CA THR C 103 25.10 -28.57 -25.78
C THR C 103 24.10 -28.02 -24.78
N ASP C 104 22.83 -28.40 -24.86
CA ASP C 104 21.87 -27.98 -23.85
C ASP C 104 22.14 -28.73 -22.55
N VAL C 105 22.28 -27.99 -21.46
CA VAL C 105 22.47 -28.55 -20.14
C VAL C 105 21.52 -27.86 -19.17
N PHE C 106 21.63 -28.22 -17.90
CA PHE C 106 20.84 -27.60 -16.83
C PHE C 106 21.80 -27.09 -15.77
N VAL C 107 22.02 -25.78 -15.74
CA VAL C 107 22.90 -25.16 -14.76
C VAL C 107 22.21 -25.17 -13.40
N LEU C 108 22.53 -26.17 -12.58
CA LEU C 108 21.91 -26.35 -11.27
C LEU C 108 22.88 -26.06 -10.13
N ASN C 109 23.89 -25.23 -10.38
CA ASN C 109 24.86 -24.87 -9.36
C ASN C 109 24.14 -24.33 -8.11
N ASN C 110 24.53 -24.83 -6.95
CA ASN C 110 23.72 -24.71 -5.77
C ASN C 110 24.49 -24.09 -4.60
N THR C 111 23.78 -23.29 -3.81
CA THR C 111 24.22 -22.82 -2.51
C THR C 111 23.00 -22.84 -1.59
N ARG C 112 23.23 -22.96 -0.28
CA ARG C 112 22.12 -23.07 0.65
C ARG C 112 21.15 -21.91 0.50
N PRO C 113 19.86 -22.15 0.75
CA PRO C 113 18.79 -21.36 0.11
C PRO C 113 18.47 -20.02 0.75
N PRO C 114 18.74 -19.78 2.07
CA PRO C 114 18.24 -18.50 2.63
C PRO C 114 18.62 -17.28 1.83
N LEU C 115 19.88 -17.20 1.38
CA LEU C 115 20.31 -16.18 0.45
C LEU C 115 20.93 -16.77 -0.80
N GLY C 116 20.78 -18.08 -1.03
CA GLY C 116 21.35 -18.72 -2.19
C GLY C 116 20.35 -19.51 -2.99
N ASN C 117 20.84 -20.29 -3.95
CA ASN C 117 19.98 -21.02 -4.85
C ASN C 117 19.11 -22.03 -4.10
N TRP C 118 18.12 -22.58 -4.82
CA TRP C 118 17.23 -23.64 -4.37
C TRP C 118 17.94 -24.71 -3.54
N PHE C 119 17.26 -25.26 -2.53
CA PHE C 119 17.79 -26.37 -1.74
C PHE C 119 18.41 -27.43 -2.65
N GLY C 120 17.58 -28.09 -3.46
CA GLY C 120 18.02 -29.11 -4.39
C GLY C 120 16.97 -29.29 -5.47
N CYS C 121 17.39 -29.97 -6.54
CA CYS C 121 16.53 -30.20 -7.70
C CYS C 121 16.17 -31.67 -7.83
N THR C 122 14.99 -31.92 -8.39
CA THR C 122 14.54 -33.25 -8.75
C THR C 122 14.00 -33.24 -10.17
N TRP C 123 14.14 -34.36 -10.86
CA TRP C 123 13.67 -34.46 -12.23
C TRP C 123 13.49 -35.93 -12.59
N MET C 124 12.97 -36.16 -13.79
CA MET C 124 12.86 -37.49 -14.37
C MET C 124 13.84 -37.59 -15.53
N ASN C 125 14.56 -38.70 -15.62
CA ASN C 125 15.54 -38.87 -16.67
C ASN C 125 14.98 -39.76 -17.78
N SER C 126 15.81 -40.03 -18.79
CA SER C 126 15.32 -40.63 -20.03
C SER C 126 14.69 -42.00 -19.78
N THR C 127 15.36 -42.84 -19.00
CA THR C 127 14.85 -44.19 -18.77
C THR C 127 13.60 -44.19 -17.89
N GLY C 128 13.41 -43.15 -17.07
CA GLY C 128 12.21 -43.05 -16.26
C GLY C 128 12.46 -43.20 -14.77
N PHE C 129 13.65 -42.81 -14.32
CA PHE C 129 14.02 -42.89 -12.92
C PHE C 129 14.15 -41.50 -12.34
N THR C 130 13.70 -41.33 -11.09
CA THR C 130 13.75 -40.04 -10.43
C THR C 130 15.17 -39.76 -9.95
N LYS C 131 15.81 -38.77 -10.56
CA LYS C 131 17.16 -38.37 -10.20
C LYS C 131 17.10 -37.08 -9.38
N VAL C 132 17.82 -37.06 -8.25
CA VAL C 132 17.79 -35.93 -7.33
C VAL C 132 19.22 -35.42 -7.15
N CYS C 133 19.33 -34.23 -6.56
CA CYS C 133 20.62 -33.62 -6.30
C CYS C 133 20.48 -32.66 -5.13
N GLY C 134 21.63 -32.25 -4.60
CA GLY C 134 21.63 -31.28 -3.52
C GLY C 134 21.13 -31.86 -2.21
N ALA C 135 20.39 -31.05 -1.45
CA ALA C 135 19.84 -31.45 -0.18
C ALA C 135 18.37 -31.05 -0.10
N PRO C 136 17.53 -31.86 0.54
CA PRO C 136 16.12 -31.52 0.66
C PRO C 136 15.91 -30.38 1.64
N PRO C 137 14.81 -29.62 1.52
CA PRO C 137 14.50 -28.51 2.42
C PRO C 137 14.21 -28.94 3.85
N SER C 145 16.48 -38.27 -1.10
CA SER C 145 15.30 -38.58 -1.89
C SER C 145 14.57 -37.31 -2.31
N GLY C 146 13.27 -37.27 -2.04
CA GLY C 146 12.45 -36.13 -2.42
C GLY C 146 12.73 -34.91 -1.57
N PRO C 147 12.15 -33.77 -1.96
CA PRO C 147 12.31 -32.55 -1.16
C PRO C 147 11.41 -32.52 0.05
N TRP C 148 11.98 -32.76 1.23
CA TRP C 148 11.22 -32.85 2.48
C TRP C 148 11.46 -31.61 3.32
N ILE C 149 10.38 -30.87 3.62
CA ILE C 149 10.45 -29.74 4.54
C ILE C 149 10.08 -30.14 5.95
N THR C 150 9.66 -31.37 6.16
CA THR C 150 9.16 -31.91 7.43
C THR C 150 9.19 -33.42 7.35
N PRO C 151 9.50 -34.13 8.44
CA PRO C 151 9.59 -35.61 8.39
C PRO C 151 8.43 -36.32 7.70
N ARG C 152 7.29 -35.64 7.53
CA ARG C 152 6.13 -36.23 6.89
C ARG C 152 5.48 -35.28 5.87
N CYS C 153 6.25 -34.33 5.33
CA CYS C 153 5.68 -33.36 4.40
C CYS C 153 6.65 -33.10 3.26
N MET C 154 6.14 -33.16 2.02
CA MET C 154 6.89 -32.84 0.82
C MET C 154 6.36 -31.54 0.22
N VAL C 155 7.16 -30.96 -0.68
CA VAL C 155 6.77 -29.76 -1.39
C VAL C 155 5.87 -30.16 -2.56
N ASP C 156 4.66 -29.60 -2.60
CA ASP C 156 3.72 -29.94 -3.65
C ASP C 156 4.00 -29.10 -4.89
N TYR C 157 4.10 -29.77 -6.04
CA TYR C 157 4.33 -29.12 -7.31
C TYR C 157 3.63 -29.94 -8.39
N PRO C 158 3.35 -29.34 -9.56
CA PRO C 158 2.55 -30.05 -10.58
C PRO C 158 3.02 -31.46 -10.89
N TYR C 159 4.32 -31.68 -11.06
CA TYR C 159 4.85 -32.99 -11.42
C TYR C 159 5.35 -33.76 -10.20
N ARG C 160 4.73 -33.55 -9.04
CA ARG C 160 5.08 -34.32 -7.85
C ARG C 160 4.58 -35.75 -7.97
N LEU C 161 3.35 -35.93 -8.46
CA LEU C 161 2.80 -37.27 -8.60
C LEU C 161 3.57 -38.09 -9.63
N TRP C 162 4.07 -37.44 -10.67
CA TRP C 162 4.84 -38.16 -11.70
C TRP C 162 6.22 -38.55 -11.18
N HIS C 163 6.87 -37.64 -10.44
CA HIS C 163 8.21 -37.92 -9.94
C HIS C 163 8.19 -38.87 -8.75
N TYR C 164 7.17 -38.80 -7.91
CA TYR C 164 7.06 -39.65 -6.73
C TYR C 164 5.64 -40.20 -6.65
N PRO C 165 5.36 -41.31 -7.34
CA PRO C 165 4.01 -41.88 -7.30
C PRO C 165 3.61 -42.42 -5.94
N CYS C 166 4.57 -42.72 -5.07
CA CYS C 166 4.24 -43.25 -3.74
C CYS C 166 3.48 -42.24 -2.88
N THR C 167 3.53 -40.96 -3.25
CA THR C 167 2.85 -39.91 -2.51
C THR C 167 1.50 -39.56 -3.14
N ILE C 168 0.83 -40.52 -3.77
CA ILE C 168 -0.44 -40.24 -4.43
C ILE C 168 -1.55 -40.04 -3.40
N ASN C 169 -1.53 -40.81 -2.31
CA ASN C 169 -2.54 -40.73 -1.28
C ASN C 169 -2.25 -39.65 -0.24
N TYR C 170 -1.28 -38.78 -0.50
CA TYR C 170 -0.95 -37.72 0.44
C TYR C 170 -2.01 -36.62 0.41
N THR C 171 -2.08 -35.87 1.51
CA THR C 171 -3.01 -34.76 1.65
C THR C 171 -2.28 -33.44 1.43
N ILE C 172 -2.96 -32.49 0.81
CA ILE C 172 -2.36 -31.20 0.43
C ILE C 172 -2.79 -30.14 1.43
N PHE C 173 -1.82 -29.38 1.94
CA PHE C 173 -2.07 -28.29 2.86
C PHE C 173 -1.31 -27.05 2.39
N LYS C 174 -1.76 -25.89 2.86
CA LYS C 174 -1.12 -24.61 2.56
C LYS C 174 -0.30 -24.21 3.80
N VAL C 175 1.01 -24.37 3.72
CA VAL C 175 1.89 -24.16 4.86
C VAL C 175 2.71 -22.89 4.65
N ARG C 176 3.38 -22.46 5.71
CA ARG C 176 4.30 -21.34 5.69
C ARG C 176 5.65 -21.79 6.21
N MET C 177 6.71 -21.50 5.47
CA MET C 177 8.07 -21.88 5.86
C MET C 177 8.96 -20.66 5.83
N TYR C 178 9.63 -20.38 6.94
CA TYR C 178 10.53 -19.24 7.06
C TYR C 178 11.96 -19.73 6.97
N VAL C 179 12.66 -19.31 5.91
CA VAL C 179 14.06 -19.64 5.69
C VAL C 179 14.83 -18.34 5.63
N GLY C 180 15.77 -18.15 6.57
CA GLY C 180 16.42 -16.87 6.70
C GLY C 180 15.47 -15.82 7.25
N GLY C 181 15.14 -14.83 6.44
CA GLY C 181 14.21 -13.79 6.84
C GLY C 181 13.11 -13.54 5.84
N VAL C 182 13.05 -14.36 4.80
CA VAL C 182 12.06 -14.22 3.74
C VAL C 182 10.93 -15.21 3.97
N GLU C 183 9.70 -14.78 3.70
CA GLU C 183 8.51 -15.61 3.89
C GLU C 183 8.19 -16.36 2.60
N HIS C 184 7.88 -17.66 2.74
CA HIS C 184 7.54 -18.51 1.62
C HIS C 184 6.20 -19.17 1.89
N ARG C 185 5.20 -18.86 1.06
CA ARG C 185 3.88 -19.49 1.12
C ARG C 185 3.82 -20.52 0.00
N LEU C 186 4.10 -21.77 0.34
CA LEU C 186 4.15 -22.86 -0.63
C LEU C 186 3.04 -23.87 -0.34
N GLU C 187 2.97 -24.90 -1.18
CA GLU C 187 2.00 -25.97 -1.04
C GLU C 187 2.73 -27.24 -0.58
N ALA C 188 2.16 -27.92 0.41
CA ALA C 188 2.78 -29.09 1.01
C ALA C 188 1.87 -30.30 0.90
N ALA C 189 2.46 -31.46 0.65
CA ALA C 189 1.75 -32.73 0.60
C ALA C 189 2.24 -33.59 1.77
N CYS C 190 1.34 -33.88 2.71
CA CYS C 190 1.68 -34.57 3.94
C CYS C 190 0.81 -35.82 4.10
N ASN C 191 1.11 -36.59 5.14
CA ASN C 191 0.31 -37.75 5.52
C ASN C 191 -0.58 -37.43 6.71
N GLN D 1 -6.45 -47.70 -37.91
CA GLN D 1 -5.51 -46.63 -37.62
C GLN D 1 -4.51 -46.46 -38.75
N LEU D 2 -4.95 -46.78 -39.98
CA LEU D 2 -4.06 -46.67 -41.13
C LEU D 2 -3.67 -45.22 -41.41
N GLN D 3 -4.60 -44.30 -41.24
CA GLN D 3 -4.36 -42.88 -41.46
C GLN D 3 -5.30 -42.07 -40.60
N LEU D 4 -4.98 -40.79 -40.42
CA LEU D 4 -5.84 -39.90 -39.64
C LEU D 4 -6.64 -39.00 -40.57
N VAL D 5 -7.81 -38.60 -40.09
CA VAL D 5 -8.70 -37.71 -40.82
C VAL D 5 -8.71 -36.35 -40.13
N GLN D 6 -9.30 -35.36 -40.80
CA GLN D 6 -9.37 -33.99 -40.31
C GLN D 6 -10.81 -33.51 -40.43
N SER D 7 -11.06 -32.35 -39.83
CA SER D 7 -12.41 -31.77 -39.89
C SER D 7 -12.68 -31.21 -41.28
N GLY D 8 -13.97 -31.01 -41.57
CA GLY D 8 -14.37 -30.47 -42.85
C GLY D 8 -14.04 -28.99 -42.98
N ALA D 9 -14.07 -28.51 -44.21
CA ALA D 9 -13.78 -27.11 -44.49
C ALA D 9 -14.83 -26.20 -43.86
N GLU D 10 -14.40 -24.98 -43.52
CA GLU D 10 -15.30 -24.02 -42.88
C GLU D 10 -14.87 -22.62 -43.28
N VAL D 11 -15.81 -21.69 -43.18
CA VAL D 11 -15.58 -20.28 -43.49
C VAL D 11 -16.01 -19.45 -42.29
N ARG D 12 -15.17 -18.49 -41.91
CA ARG D 12 -15.43 -17.63 -40.76
C ARG D 12 -15.22 -16.18 -41.14
N LYS D 13 -15.74 -15.30 -40.29
CA LYS D 13 -15.56 -13.86 -40.43
C LYS D 13 -14.43 -13.38 -39.52
N PRO D 14 -13.85 -12.22 -39.82
CA PRO D 14 -12.74 -11.72 -38.98
C PRO D 14 -13.16 -11.57 -37.52
N GLY D 15 -12.21 -11.85 -36.63
CA GLY D 15 -12.44 -11.79 -35.21
C GLY D 15 -12.95 -13.06 -34.58
N SER D 16 -13.55 -13.95 -35.36
CA SER D 16 -14.10 -15.19 -34.83
C SER D 16 -12.97 -16.18 -34.53
N SER D 17 -13.35 -17.36 -34.05
CA SER D 17 -12.41 -18.43 -33.76
C SER D 17 -12.91 -19.71 -34.42
N VAL D 18 -12.02 -20.42 -35.10
CA VAL D 18 -12.35 -21.65 -35.81
C VAL D 18 -11.60 -22.81 -35.17
N LYS D 19 -12.26 -23.96 -35.09
CA LYS D 19 -11.66 -25.17 -34.54
C LYS D 19 -11.65 -26.26 -35.60
N VAL D 20 -10.55 -27.03 -35.64
CA VAL D 20 -10.37 -28.10 -36.61
C VAL D 20 -10.01 -29.37 -35.86
N SER D 21 -10.79 -30.42 -36.06
CA SER D 21 -10.53 -31.70 -35.42
C SER D 21 -9.57 -32.53 -36.26
N CYS D 22 -8.83 -33.41 -35.59
CA CYS D 22 -7.85 -34.28 -36.23
C CYS D 22 -8.00 -35.67 -35.62
N LYS D 23 -8.75 -36.54 -36.29
CA LYS D 23 -9.08 -37.86 -35.78
C LYS D 23 -8.24 -38.92 -36.48
N ALA D 24 -7.66 -39.82 -35.70
CA ALA D 24 -6.82 -40.89 -36.24
C ALA D 24 -7.54 -42.23 -36.25
N GLY D 31 1.29 -43.59 -31.03
CA GLY D 31 0.98 -42.24 -31.45
C GLY D 31 1.53 -41.19 -30.53
N GLU D 32 2.27 -40.24 -31.09
CA GLU D 32 2.87 -39.16 -30.31
C GLU D 32 3.10 -37.95 -31.19
N VAL D 33 3.25 -36.81 -30.53
CA VAL D 33 3.70 -35.55 -31.15
C VAL D 33 2.84 -35.21 -32.36
N ILE D 34 1.54 -34.99 -32.13
CA ILE D 34 0.69 -34.43 -33.17
C ILE D 34 1.02 -32.96 -33.35
N SER D 35 1.12 -32.52 -34.60
CA SER D 35 1.53 -31.17 -34.92
C SER D 35 0.53 -30.54 -35.88
N TRP D 36 0.79 -29.29 -36.24
CA TRP D 36 -0.11 -28.52 -37.10
C TRP D 36 0.71 -27.55 -37.93
N VAL D 37 0.37 -27.46 -39.22
CA VAL D 37 0.94 -26.47 -40.12
C VAL D 37 -0.18 -25.95 -41.02
N ARG D 38 0.06 -24.80 -41.63
CA ARG D 38 -0.86 -24.21 -42.59
C ARG D 38 -0.08 -23.79 -43.83
N GLN D 39 -0.83 -23.44 -44.88
CA GLN D 39 -0.21 -23.09 -46.15
C GLN D 39 -1.16 -22.18 -46.91
N ALA D 40 -0.77 -20.92 -47.10
CA ALA D 40 -1.56 -19.99 -47.86
C ALA D 40 -1.59 -20.41 -49.33
N PRO D 41 -2.66 -20.07 -50.07
CA PRO D 41 -2.73 -20.45 -51.49
C PRO D 41 -1.56 -19.94 -52.31
N GLY D 42 -0.75 -20.85 -52.82
CA GLY D 42 0.42 -20.45 -53.60
C GLY D 42 1.54 -19.86 -52.77
N GLU D 43 1.65 -20.27 -51.51
CA GLU D 43 2.67 -19.74 -50.62
C GLU D 43 3.26 -20.89 -49.81
N GLY D 44 4.47 -20.67 -49.29
CA GLY D 44 5.15 -21.68 -48.51
C GLY D 44 4.39 -22.03 -47.24
N LEU D 45 4.82 -23.14 -46.63
CA LEU D 45 4.17 -23.63 -45.43
C LEU D 45 4.69 -22.89 -44.20
N GLU D 46 3.78 -22.63 -43.25
CA GLU D 46 4.11 -21.98 -41.99
C GLU D 46 3.89 -22.97 -40.85
N TRP D 47 4.81 -22.98 -39.90
CA TRP D 47 4.77 -23.94 -38.80
C TRP D 47 3.89 -23.39 -37.68
N LEU D 48 2.84 -24.12 -37.35
CA LEU D 48 2.00 -23.86 -36.19
C LEU D 48 2.46 -24.74 -35.03
N GLY D 49 1.85 -24.53 -33.87
CA GLY D 49 2.31 -25.21 -32.67
C GLY D 49 2.21 -26.72 -32.77
N VAL D 50 3.10 -27.39 -32.06
CA VAL D 50 3.09 -28.84 -31.94
C VAL D 50 2.48 -29.21 -30.59
N PHE D 51 2.18 -30.50 -30.42
CA PHE D 51 1.51 -30.97 -29.22
C PHE D 51 2.02 -32.35 -28.82
N ILE D 52 2.13 -32.57 -27.52
CA ILE D 52 2.54 -33.84 -26.92
C ILE D 52 1.32 -34.47 -26.26
N PRO D 53 0.93 -35.70 -26.62
CA PRO D 53 -0.15 -36.37 -25.89
C PRO D 53 0.26 -36.82 -24.48
N MET D 54 1.56 -36.98 -24.23
CA MET D 54 2.00 -37.48 -22.93
C MET D 54 1.86 -36.43 -21.85
N PHE D 55 2.30 -35.20 -22.12
CA PHE D 55 2.23 -34.12 -21.13
C PHE D 55 0.99 -33.25 -21.27
N GLY D 56 0.32 -33.27 -22.42
CA GLY D 56 -0.87 -32.47 -22.62
C GLY D 56 -0.64 -30.99 -22.82
N ILE D 57 0.61 -30.52 -22.77
CA ILE D 57 0.93 -29.12 -22.99
C ILE D 57 1.60 -28.99 -24.35
N ALA D 58 1.37 -27.84 -24.99
CA ALA D 58 1.78 -27.62 -26.37
C ALA D 58 2.62 -26.36 -26.48
N ASP D 59 3.62 -26.40 -27.35
CA ASP D 59 4.41 -25.24 -27.71
C ASP D 59 3.78 -24.56 -28.94
N TYR D 60 4.19 -23.33 -29.21
CA TYR D 60 3.63 -22.58 -30.33
C TYR D 60 4.71 -21.69 -30.92
N ALA D 61 4.47 -21.25 -32.15
CA ALA D 61 5.40 -20.34 -32.80
C ALA D 61 5.22 -18.90 -32.30
N GLN D 62 6.26 -18.09 -32.51
CA GLN D 62 6.25 -16.72 -32.01
C GLN D 62 5.12 -15.90 -32.65
N LYS D 63 4.90 -16.08 -33.95
CA LYS D 63 4.03 -15.17 -34.71
C LYS D 63 2.63 -15.05 -34.11
N PHE D 64 1.97 -16.18 -33.87
CA PHE D 64 0.57 -16.19 -33.46
C PHE D 64 0.37 -16.80 -32.07
N HIS D 65 1.41 -16.82 -31.23
CA HIS D 65 1.34 -17.52 -29.96
C HIS D 65 0.19 -17.01 -29.09
N GLY D 66 -0.12 -15.72 -29.17
CA GLY D 66 -1.16 -15.15 -28.33
C GLY D 66 -2.58 -15.54 -28.71
N ARG D 67 -2.76 -16.22 -29.85
CA ARG D 67 -4.11 -16.52 -30.31
C ARG D 67 -4.28 -17.96 -30.82
N VAL D 68 -3.32 -18.84 -30.57
CA VAL D 68 -3.41 -20.24 -30.97
C VAL D 68 -3.52 -21.10 -29.72
N THR D 69 -4.47 -22.04 -29.73
CA THR D 69 -4.65 -22.99 -28.64
C THR D 69 -4.85 -24.37 -29.23
N ILE D 70 -4.07 -25.34 -28.76
CA ILE D 70 -4.17 -26.72 -29.20
C ILE D 70 -4.86 -27.53 -28.10
N SER D 71 -6.02 -28.08 -28.41
CA SER D 71 -6.75 -28.94 -27.50
C SER D 71 -6.65 -30.40 -27.96
N ALA D 72 -6.78 -31.32 -27.01
CA ALA D 72 -6.71 -32.74 -27.31
C ALA D 72 -7.79 -33.47 -26.54
N ASP D 73 -8.38 -34.47 -27.18
CA ASP D 73 -9.47 -35.23 -26.60
C ASP D 73 -8.97 -36.57 -26.08
N ARG D 74 -9.45 -36.96 -24.91
CA ARG D 74 -9.14 -38.26 -24.33
C ARG D 74 -9.73 -39.37 -25.20
N THR D 75 -9.37 -40.61 -24.88
CA THR D 75 -9.80 -41.79 -25.61
C THR D 75 -9.28 -41.74 -27.04
N THR D 76 -10.19 -41.62 -28.01
CA THR D 76 -9.78 -41.57 -29.41
C THR D 76 -8.99 -40.30 -29.69
N SER D 77 -7.96 -40.42 -30.52
CA SER D 77 -7.14 -39.27 -30.89
C SER D 77 -7.96 -38.26 -31.67
N THR D 78 -8.39 -37.20 -31.01
CA THR D 78 -9.13 -36.10 -31.65
C THR D 78 -8.47 -34.78 -31.22
N THR D 79 -7.26 -34.56 -31.73
CA THR D 79 -6.55 -33.33 -31.42
C THR D 79 -7.21 -32.14 -32.10
N TYR D 80 -7.57 -31.13 -31.31
CA TYR D 80 -8.23 -29.95 -31.83
C TYR D 80 -7.21 -28.87 -32.15
N MET D 81 -7.71 -27.79 -32.77
CA MET D 81 -6.86 -26.69 -33.20
C MET D 81 -7.74 -25.45 -33.31
N GLU D 82 -7.55 -24.49 -32.41
CA GLU D 82 -8.38 -23.30 -32.36
C GLU D 82 -7.50 -22.06 -32.55
N LEU D 83 -7.87 -21.23 -33.53
CA LEU D 83 -7.16 -19.99 -33.81
C LEU D 83 -8.10 -18.83 -33.54
N SER D 84 -7.69 -17.94 -32.63
CA SER D 84 -8.51 -16.80 -32.23
C SER D 84 -8.11 -15.54 -32.99
N SER D 85 -9.06 -14.61 -33.09
CA SER D 85 -8.87 -13.33 -33.76
C SER D 85 -8.39 -13.53 -35.20
N LEU D 86 -9.25 -14.16 -36.00
CA LEU D 86 -8.91 -14.46 -37.38
C LEU D 86 -8.89 -13.19 -38.22
N ARG D 87 -7.98 -13.16 -39.19
CA ARG D 87 -7.87 -12.05 -40.14
C ARG D 87 -7.72 -12.63 -41.54
N SER D 88 -7.67 -11.75 -42.54
CA SER D 88 -7.62 -12.19 -43.93
C SER D 88 -6.31 -12.93 -44.24
N GLU D 89 -5.27 -12.75 -43.42
CA GLU D 89 -4.02 -13.45 -43.66
C GLU D 89 -4.10 -14.93 -43.29
N ASP D 90 -5.04 -15.32 -42.43
CA ASP D 90 -5.13 -16.70 -41.97
C ASP D 90 -5.86 -17.62 -42.95
N THR D 91 -6.42 -17.07 -44.03
CA THR D 91 -7.11 -17.90 -45.01
C THR D 91 -6.15 -18.87 -45.67
N ALA D 92 -6.21 -20.14 -45.28
CA ALA D 92 -5.29 -21.14 -45.78
C ALA D 92 -5.86 -22.53 -45.48
N ILE D 93 -5.18 -23.55 -45.95
CA ILE D 93 -5.51 -24.95 -45.66
C ILE D 93 -4.61 -25.40 -44.52
N TYR D 94 -5.20 -25.99 -43.49
CA TYR D 94 -4.50 -26.38 -42.28
C TYR D 94 -4.35 -27.89 -42.23
N TYR D 95 -3.14 -28.35 -41.93
CA TYR D 95 -2.82 -29.77 -41.88
C TYR D 95 -2.40 -30.15 -40.47
N CYS D 96 -2.90 -31.28 -39.98
CA CYS D 96 -2.37 -31.91 -38.78
C CYS D 96 -1.50 -33.10 -39.19
N ALA D 97 -0.49 -33.39 -38.37
CA ALA D 97 0.49 -34.39 -38.75
C ALA D 97 1.03 -35.08 -37.51
N LYS D 98 1.34 -36.37 -37.65
CA LYS D 98 1.98 -37.16 -36.62
C LYS D 98 3.49 -37.25 -36.89
N VAL D 99 4.28 -37.17 -35.83
CA VAL D 99 5.72 -37.35 -35.92
C VAL D 99 6.04 -38.83 -35.78
N LEU D 100 6.85 -39.35 -36.70
CA LEU D 100 7.12 -40.78 -36.81
C LEU D 100 8.53 -41.12 -36.38
N GLN D 101 8.68 -42.31 -35.81
CA GLN D 101 9.97 -42.91 -35.47
C GLN D 101 10.80 -41.96 -34.59
N VAL D 102 10.17 -41.56 -33.48
CA VAL D 102 10.76 -40.58 -32.58
C VAL D 102 12.07 -41.10 -32.03
N GLY D 103 13.12 -40.27 -32.12
CA GLY D 103 14.41 -40.60 -31.54
C GLY D 103 14.40 -40.39 -30.05
N ARG D 104 15.55 -40.04 -29.48
CA ARG D 104 15.59 -39.78 -28.04
C ARG D 104 14.71 -38.58 -27.68
N ASN D 105 14.80 -37.50 -28.45
CA ASN D 105 13.96 -36.33 -28.21
C ASN D 105 12.55 -36.57 -28.71
N LEU D 106 11.57 -36.15 -27.90
CA LEU D 106 10.17 -36.48 -28.18
C LEU D 106 9.61 -35.66 -29.34
N VAL D 107 9.69 -34.33 -29.27
CA VAL D 107 9.08 -33.46 -30.27
C VAL D 107 10.01 -33.16 -31.43
N VAL D 108 11.28 -33.52 -31.35
CA VAL D 108 12.22 -33.04 -32.36
C VAL D 108 12.08 -33.80 -33.67
N ARG D 109 11.73 -35.08 -33.64
CA ARG D 109 11.67 -35.85 -34.88
C ARG D 109 10.61 -35.30 -35.83
N PRO D 110 10.78 -35.54 -37.13
CA PRO D 110 9.90 -34.92 -38.12
C PRO D 110 8.54 -35.60 -38.22
N LEU D 111 7.62 -34.86 -38.83
CA LEU D 111 6.27 -35.36 -39.09
C LEU D 111 6.25 -36.24 -40.32
N ASP D 112 5.36 -37.23 -40.31
CA ASP D 112 5.25 -38.18 -41.41
C ASP D 112 3.94 -37.99 -42.16
N LEU D 113 2.88 -38.58 -41.63
CA LEU D 113 1.59 -38.54 -42.28
C LEU D 113 0.89 -37.20 -42.04
N TRP D 114 -0.06 -36.87 -42.91
CA TRP D 114 -0.77 -35.61 -42.84
C TRP D 114 -2.27 -35.85 -43.01
N GLY D 115 -3.06 -34.88 -42.56
CA GLY D 115 -4.49 -34.92 -42.77
C GLY D 115 -4.87 -34.56 -44.19
N GLN D 116 -6.17 -34.67 -44.48
CA GLN D 116 -6.64 -34.37 -45.82
C GLN D 116 -6.59 -32.88 -46.12
N GLY D 117 -6.69 -32.04 -45.09
CA GLY D 117 -6.61 -30.61 -45.28
C GLY D 117 -7.94 -29.90 -45.08
N THR D 118 -7.97 -28.97 -44.14
CA THR D 118 -9.17 -28.20 -43.82
C THR D 118 -8.98 -26.77 -44.34
N LEU D 119 -9.82 -26.37 -45.29
CA LEU D 119 -9.77 -25.02 -45.83
C LEU D 119 -10.53 -24.07 -44.92
N VAL D 120 -9.83 -23.08 -44.38
CA VAL D 120 -10.43 -22.06 -43.52
C VAL D 120 -10.39 -20.74 -44.26
N THR D 121 -11.56 -20.20 -44.57
CA THR D 121 -11.69 -18.93 -45.29
C THR D 121 -12.14 -17.86 -44.31
N VAL D 122 -11.35 -16.78 -44.22
CA VAL D 122 -11.65 -15.67 -43.34
C VAL D 122 -12.00 -14.47 -44.24
N SER D 123 -13.29 -14.16 -44.32
CA SER D 123 -13.75 -13.07 -45.16
C SER D 123 -15.07 -12.54 -44.61
N SER D 124 -15.39 -11.31 -45.01
CA SER D 124 -16.63 -10.67 -44.58
C SER D 124 -17.80 -10.94 -45.52
N ALA D 125 -17.54 -11.44 -46.73
CA ALA D 125 -18.60 -11.70 -47.68
C ALA D 125 -19.42 -12.90 -47.25
N SER D 126 -20.64 -12.98 -47.79
CA SER D 126 -21.58 -14.05 -47.49
C SER D 126 -21.58 -15.10 -48.60
N THR D 127 -22.13 -16.26 -48.26
CA THR D 127 -22.18 -17.37 -49.21
C THR D 127 -23.12 -17.02 -50.37
N LYS D 128 -22.56 -16.94 -51.57
CA LYS D 128 -23.30 -16.57 -52.78
C LYS D 128 -22.99 -17.55 -53.89
N GLY D 129 -24.02 -17.91 -54.65
CA GLY D 129 -23.87 -18.81 -55.77
C GLY D 129 -23.24 -18.13 -56.97
N PRO D 130 -22.70 -18.93 -57.89
CA PRO D 130 -22.01 -18.37 -59.04
C PRO D 130 -22.97 -17.93 -60.13
N SER D 131 -22.46 -17.08 -61.02
CA SER D 131 -23.18 -16.58 -62.19
C SER D 131 -22.41 -17.03 -63.42
N VAL D 132 -22.85 -18.11 -64.05
CA VAL D 132 -22.11 -18.71 -65.16
C VAL D 132 -22.45 -17.99 -66.45
N PHE D 133 -21.44 -17.39 -67.08
CA PHE D 133 -21.60 -16.70 -68.34
C PHE D 133 -20.79 -17.37 -69.43
N PRO D 134 -21.33 -17.51 -70.64
CA PRO D 134 -20.63 -18.27 -71.69
C PRO D 134 -19.55 -17.44 -72.38
N LEU D 135 -18.41 -18.09 -72.62
CA LEU D 135 -17.32 -17.52 -73.39
C LEU D 135 -17.45 -18.06 -74.81
N ALA D 136 -18.06 -17.27 -75.69
CA ALA D 136 -18.45 -17.76 -77.00
C ALA D 136 -17.22 -18.02 -77.87
N PRO D 137 -17.22 -19.08 -78.67
CA PRO D 137 -16.11 -19.33 -79.58
C PRO D 137 -16.24 -18.54 -80.87
N SER D 138 -15.12 -18.47 -81.60
CA SER D 138 -15.07 -17.76 -82.87
C SER D 138 -14.30 -18.59 -83.88
N SER D 139 -14.80 -18.63 -85.11
CA SER D 139 -14.15 -19.38 -86.17
C SER D 139 -12.94 -18.68 -86.75
N LYS D 140 -12.73 -17.40 -86.41
CA LYS D 140 -11.56 -16.67 -86.89
C LYS D 140 -10.37 -16.77 -85.96
N SER D 141 -10.61 -16.92 -84.66
CA SER D 141 -9.53 -17.02 -83.68
C SER D 141 -8.90 -18.40 -83.62
N THR D 142 -9.33 -19.33 -84.46
CA THR D 142 -8.81 -20.69 -84.41
C THR D 142 -7.34 -20.72 -84.82
N SER D 143 -6.61 -21.70 -84.26
CA SER D 143 -5.20 -21.90 -84.56
C SER D 143 -5.02 -23.37 -84.94
N GLY D 144 -4.90 -23.63 -86.24
CA GLY D 144 -4.77 -25.00 -86.71
C GLY D 144 -6.05 -25.80 -86.63
N GLY D 145 -7.18 -25.16 -86.92
CA GLY D 145 -8.46 -25.86 -86.87
C GLY D 145 -8.95 -26.21 -85.49
N THR D 146 -8.48 -25.51 -84.46
CA THR D 146 -8.88 -25.76 -83.08
C THR D 146 -9.46 -24.47 -82.51
N ALA D 147 -10.76 -24.45 -82.28
CA ALA D 147 -11.42 -23.30 -81.68
C ALA D 147 -11.37 -23.41 -80.15
N ALA D 148 -11.71 -22.31 -79.50
CA ALA D 148 -11.69 -22.24 -78.04
C ALA D 148 -13.01 -21.68 -77.53
N LEU D 149 -13.58 -22.34 -76.54
CA LEU D 149 -14.80 -21.88 -75.89
C LEU D 149 -14.74 -22.26 -74.42
N GLY D 150 -15.48 -21.53 -73.59
CA GLY D 150 -15.43 -21.79 -72.17
C GLY D 150 -16.59 -21.18 -71.44
N CYS D 151 -16.52 -21.25 -70.11
CA CYS D 151 -17.53 -20.70 -69.21
C CYS D 151 -16.85 -19.81 -68.18
N LEU D 152 -17.52 -18.73 -67.81
CA LEU D 152 -16.99 -17.74 -66.86
C LEU D 152 -17.79 -17.85 -65.56
N VAL D 153 -17.25 -18.57 -64.60
CA VAL D 153 -17.86 -18.70 -63.28
C VAL D 153 -17.46 -17.47 -62.46
N LYS D 154 -18.41 -16.56 -62.26
CA LYS D 154 -18.13 -15.24 -61.71
C LYS D 154 -18.96 -14.98 -60.47
N ASP D 155 -18.34 -14.32 -59.49
CA ASP D 155 -19.02 -13.79 -58.31
C ASP D 155 -19.61 -14.88 -57.42
N TYR D 156 -18.76 -15.75 -56.86
CA TYR D 156 -19.21 -16.79 -55.96
C TYR D 156 -18.32 -16.81 -54.71
N PHE D 157 -18.86 -17.41 -53.64
CA PHE D 157 -18.17 -17.49 -52.36
C PHE D 157 -18.83 -18.57 -51.53
N PRO D 158 -18.07 -19.43 -50.84
CA PRO D 158 -16.61 -19.45 -50.88
C PRO D 158 -16.04 -20.58 -51.74
N GLU D 159 -14.74 -20.78 -51.65
CA GLU D 159 -14.10 -21.91 -52.31
C GLU D 159 -14.65 -23.22 -51.74
N PRO D 160 -14.72 -24.29 -52.56
CA PRO D 160 -14.36 -24.37 -53.97
C PRO D 160 -15.56 -24.49 -54.92
N VAL D 161 -15.27 -24.75 -56.19
CA VAL D 161 -16.29 -24.99 -57.20
C VAL D 161 -15.71 -25.96 -58.23
N THR D 162 -16.56 -26.85 -58.74
CA THR D 162 -16.15 -27.85 -59.70
C THR D 162 -16.84 -27.61 -61.03
N VAL D 163 -16.07 -27.72 -62.12
CA VAL D 163 -16.57 -27.51 -63.47
C VAL D 163 -16.18 -28.71 -64.33
N SER D 164 -17.16 -29.32 -64.98
CA SER D 164 -16.94 -30.39 -65.93
C SER D 164 -17.69 -30.08 -67.22
N TRP D 165 -17.32 -30.78 -68.28
CA TRP D 165 -17.88 -30.53 -69.62
C TRP D 165 -18.54 -31.80 -70.12
N ASN D 166 -19.79 -31.66 -70.57
CA ASN D 166 -20.58 -32.78 -71.12
C ASN D 166 -20.67 -33.94 -70.12
N SER D 167 -20.81 -33.59 -68.84
CA SER D 167 -20.90 -34.58 -67.76
C SER D 167 -19.70 -35.52 -67.75
N GLY D 168 -18.52 -34.97 -67.99
CA GLY D 168 -17.29 -35.73 -67.98
C GLY D 168 -16.93 -36.40 -69.28
N ALA D 169 -17.76 -36.29 -70.31
CA ALA D 169 -17.47 -36.92 -71.60
C ALA D 169 -16.38 -36.19 -72.37
N LEU D 170 -16.13 -34.91 -72.05
CA LEU D 170 -15.13 -34.10 -72.73
C LEU D 170 -14.06 -33.73 -71.71
N THR D 171 -12.91 -34.40 -71.78
CA THR D 171 -11.82 -34.16 -70.83
C THR D 171 -10.55 -33.63 -71.49
N SER D 172 -10.22 -34.11 -72.69
CA SER D 172 -9.01 -33.66 -73.37
C SER D 172 -9.16 -32.21 -73.82
N GLY D 173 -8.15 -31.40 -73.55
CA GLY D 173 -8.17 -30.00 -73.91
C GLY D 173 -8.92 -29.11 -72.95
N VAL D 174 -9.29 -29.61 -71.78
CA VAL D 174 -10.04 -28.84 -70.79
C VAL D 174 -9.06 -28.20 -69.82
N HIS D 175 -9.13 -26.88 -69.68
CA HIS D 175 -8.29 -26.13 -68.75
C HIS D 175 -9.21 -25.32 -67.84
N THR D 176 -9.24 -25.68 -66.56
CA THR D 176 -10.00 -24.95 -65.55
C THR D 176 -9.00 -24.19 -64.70
N PHE D 177 -8.97 -22.85 -64.86
CA PHE D 177 -8.00 -22.02 -64.18
C PHE D 177 -8.32 -21.87 -62.71
N PRO D 178 -7.30 -21.70 -61.86
CA PRO D 178 -7.56 -21.46 -60.44
C PRO D 178 -8.35 -20.17 -60.23
N ALA D 179 -9.08 -20.13 -59.12
CA ALA D 179 -9.94 -18.99 -58.83
C ALA D 179 -9.13 -17.79 -58.35
N VAL D 180 -9.47 -16.62 -58.86
CA VAL D 180 -8.86 -15.36 -58.44
C VAL D 180 -9.81 -14.66 -57.48
N LEU D 181 -9.24 -13.98 -56.49
CA LEU D 181 -10.02 -13.27 -55.49
C LEU D 181 -10.19 -11.82 -55.94
N GLN D 182 -11.40 -11.47 -56.36
CA GLN D 182 -11.69 -10.11 -56.81
C GLN D 182 -11.66 -9.14 -55.63
N SER D 183 -11.66 -7.85 -55.96
CA SER D 183 -11.57 -6.80 -54.96
C SER D 183 -12.81 -6.69 -54.09
N SER D 184 -13.92 -7.32 -54.48
CA SER D 184 -15.16 -7.24 -53.73
C SER D 184 -15.28 -8.32 -52.65
N GLY D 185 -14.33 -9.25 -52.59
CA GLY D 185 -14.39 -10.34 -51.65
C GLY D 185 -14.93 -11.65 -52.20
N LEU D 186 -15.35 -11.68 -53.45
CA LEU D 186 -15.86 -12.88 -54.10
C LEU D 186 -14.82 -13.42 -55.08
N TYR D 187 -14.95 -14.71 -55.38
CA TYR D 187 -14.04 -15.38 -56.29
C TYR D 187 -14.59 -15.39 -57.71
N SER D 188 -13.67 -15.55 -58.67
CA SER D 188 -14.02 -15.60 -60.09
C SER D 188 -13.16 -16.67 -60.76
N LEU D 189 -13.82 -17.56 -61.49
CA LEU D 189 -13.14 -18.69 -62.12
C LEU D 189 -13.54 -18.76 -63.59
N SER D 190 -12.62 -19.28 -64.41
CA SER D 190 -12.86 -19.46 -65.83
C SER D 190 -12.35 -20.83 -66.25
N SER D 191 -13.17 -21.56 -67.01
CA SER D 191 -12.84 -22.91 -67.47
C SER D 191 -13.04 -22.96 -68.98
N VAL D 192 -11.99 -23.26 -69.71
CA VAL D 192 -12.02 -23.25 -71.17
C VAL D 192 -11.79 -24.67 -71.69
N VAL D 193 -12.04 -24.86 -72.97
CA VAL D 193 -11.84 -26.14 -73.64
C VAL D 193 -11.62 -25.88 -75.12
N THR D 194 -10.71 -26.63 -75.72
CA THR D 194 -10.39 -26.51 -77.15
C THR D 194 -11.06 -27.64 -77.92
N VAL D 195 -11.71 -27.29 -79.02
CA VAL D 195 -12.41 -28.25 -79.87
C VAL D 195 -12.20 -27.87 -81.33
N PRO D 196 -12.29 -28.84 -82.23
CA PRO D 196 -12.15 -28.52 -83.66
C PRO D 196 -13.26 -27.60 -84.15
N SER D 197 -12.89 -26.73 -85.10
CA SER D 197 -13.83 -25.72 -85.62
C SER D 197 -14.97 -26.33 -86.43
N SER D 198 -14.79 -27.55 -86.95
CA SER D 198 -15.83 -28.15 -87.78
C SER D 198 -17.04 -28.58 -86.95
N SER D 199 -16.83 -28.91 -85.68
CA SER D 199 -17.91 -29.37 -84.81
C SER D 199 -18.51 -28.23 -83.97
N LEU D 200 -18.38 -26.99 -84.42
CA LEU D 200 -18.95 -25.88 -83.68
C LEU D 200 -20.46 -25.76 -83.87
N GLY D 201 -20.98 -26.23 -85.01
CA GLY D 201 -22.39 -26.14 -85.26
C GLY D 201 -23.10 -27.48 -85.23
N THR D 202 -22.35 -28.55 -84.94
CA THR D 202 -22.90 -29.89 -84.92
C THR D 202 -22.76 -30.59 -83.56
N GLN D 203 -21.91 -30.10 -82.67
CA GLN D 203 -21.70 -30.72 -81.37
C GLN D 203 -22.19 -29.80 -80.27
N THR D 204 -22.78 -30.38 -79.22
CA THR D 204 -23.29 -29.63 -78.08
C THR D 204 -22.25 -29.60 -76.98
N TYR D 205 -21.93 -28.39 -76.50
CA TYR D 205 -20.95 -28.20 -75.44
C TYR D 205 -21.61 -27.51 -74.26
N ILE D 206 -21.62 -28.20 -73.11
CA ILE D 206 -22.24 -27.71 -71.90
C ILE D 206 -21.26 -27.87 -70.75
N CYS D 207 -21.08 -26.82 -69.95
CA CYS D 207 -20.22 -26.87 -68.77
C CYS D 207 -21.08 -27.11 -67.54
N ASN D 208 -20.65 -28.05 -66.71
CA ASN D 208 -21.39 -28.46 -65.52
C ASN D 208 -20.76 -27.79 -64.30
N VAL D 209 -21.36 -26.69 -63.87
CA VAL D 209 -20.86 -25.92 -62.74
C VAL D 209 -21.57 -26.36 -61.48
N ASN D 210 -20.82 -26.78 -60.47
CA ASN D 210 -21.36 -27.28 -59.22
C ASN D 210 -20.70 -26.54 -58.07
N HIS D 211 -21.50 -25.81 -57.29
CA HIS D 211 -21.02 -25.07 -56.12
C HIS D 211 -21.74 -25.63 -54.89
N LYS D 212 -21.07 -26.54 -54.18
CA LYS D 212 -21.63 -27.20 -53.01
C LYS D 212 -21.95 -26.28 -51.85
N PRO D 213 -21.07 -25.33 -51.48
CA PRO D 213 -21.38 -24.49 -50.30
C PRO D 213 -22.68 -23.72 -50.41
N SER D 214 -23.08 -23.31 -51.61
CA SER D 214 -24.31 -22.54 -51.81
C SER D 214 -25.46 -23.39 -52.33
N ASN D 215 -25.26 -24.69 -52.54
CA ASN D 215 -26.28 -25.58 -53.07
C ASN D 215 -26.81 -25.05 -54.42
N THR D 216 -25.88 -24.91 -55.37
CA THR D 216 -26.19 -24.34 -56.67
C THR D 216 -25.47 -25.13 -57.75
N LYS D 217 -26.24 -25.70 -58.67
CA LYS D 217 -25.70 -26.39 -59.84
C LYS D 217 -26.36 -25.82 -61.08
N VAL D 218 -25.54 -25.41 -62.05
CA VAL D 218 -26.03 -24.78 -63.26
C VAL D 218 -25.36 -25.44 -64.46
N ASP D 219 -26.17 -25.81 -65.45
CA ASP D 219 -25.67 -26.31 -66.74
C ASP D 219 -25.88 -25.22 -67.78
N LYS D 220 -24.78 -24.69 -68.31
CA LYS D 220 -24.81 -23.60 -69.27
C LYS D 220 -24.37 -24.12 -70.64
N LYS D 221 -25.14 -23.78 -71.67
CA LYS D 221 -24.88 -24.22 -73.03
C LYS D 221 -24.11 -23.14 -73.76
N VAL D 222 -22.92 -23.48 -74.25
CA VAL D 222 -22.06 -22.55 -74.98
C VAL D 222 -22.26 -22.76 -76.47
N GLU D 223 -22.57 -21.69 -77.17
CA GLU D 223 -22.85 -21.72 -78.60
C GLU D 223 -22.22 -20.51 -79.27
N PRO D 224 -21.81 -20.63 -80.54
CA PRO D 224 -21.22 -19.49 -81.26
C PRO D 224 -22.26 -18.43 -81.61
N GLU E 1 14.96 -16.78 -34.35
CA GLU E 1 14.27 -17.32 -35.51
C GLU E 1 15.27 -17.64 -36.62
N ILE E 2 15.16 -18.84 -37.18
CA ILE E 2 16.02 -19.28 -38.27
C ILE E 2 15.34 -18.92 -39.59
N VAL E 3 16.14 -18.60 -40.59
CA VAL E 3 15.67 -18.42 -41.95
C VAL E 3 16.31 -19.50 -42.83
N LEU E 4 15.53 -20.01 -43.79
CA LEU E 4 15.97 -21.09 -44.67
C LEU E 4 15.85 -20.61 -46.11
N THR E 5 16.98 -20.34 -46.74
CA THR E 5 17.03 -19.87 -48.12
C THR E 5 17.34 -21.06 -49.03
N GLN E 6 16.40 -21.37 -49.92
CA GLN E 6 16.56 -22.47 -50.85
C GLN E 6 16.98 -21.95 -52.22
N SER E 7 17.87 -22.69 -52.89
CA SER E 7 18.38 -22.32 -54.20
C SER E 7 18.36 -23.55 -55.10
N PRO E 8 17.89 -23.43 -56.34
CA PRO E 8 17.36 -22.19 -56.90
C PRO E 8 15.85 -22.05 -56.69
N GLY E 9 15.26 -20.96 -57.19
CA GLY E 9 13.83 -20.79 -57.03
C GLY E 9 13.03 -21.79 -57.83
N ILE E 10 13.36 -21.94 -59.13
CA ILE E 10 12.71 -22.89 -60.01
C ILE E 10 13.80 -23.66 -60.74
N LEU E 11 13.77 -24.98 -60.63
CA LEU E 11 14.72 -25.86 -61.31
C LEU E 11 14.03 -26.50 -62.51
N SER E 12 14.63 -26.35 -63.69
CA SER E 12 14.06 -26.85 -64.94
C SER E 12 14.98 -27.95 -65.47
N LEU E 13 14.57 -29.20 -65.28
CA LEU E 13 15.33 -30.35 -65.72
C LEU E 13 14.42 -31.32 -66.46
N SER E 14 15.04 -32.23 -67.25
CA SER E 14 14.34 -33.21 -68.05
C SER E 14 14.33 -34.57 -67.35
N PRO E 15 13.32 -35.40 -67.63
CA PRO E 15 13.29 -36.74 -67.02
C PRO E 15 14.50 -37.57 -67.45
N GLY E 16 15.21 -38.09 -66.46
CA GLY E 16 16.42 -38.87 -66.68
C GLY E 16 17.68 -38.23 -66.14
N GLU E 17 17.67 -36.92 -65.90
CA GLU E 17 18.84 -36.23 -65.37
C GLU E 17 18.82 -36.30 -63.85
N ARG E 18 19.70 -35.54 -63.20
CA ARG E 18 19.83 -35.53 -61.75
C ARG E 18 19.69 -34.11 -61.23
N ALA E 19 18.97 -33.95 -60.13
CA ALA E 19 18.72 -32.65 -59.53
C ALA E 19 19.58 -32.47 -58.27
N THR E 20 19.92 -31.21 -57.99
CA THR E 20 20.72 -30.87 -56.82
C THR E 20 20.12 -29.62 -56.19
N LEU E 21 19.42 -29.80 -55.08
CA LEU E 21 18.77 -28.70 -54.36
C LEU E 21 19.60 -28.30 -53.15
N SER E 22 19.57 -27.01 -52.84
CA SER E 22 20.31 -26.45 -51.70
C SER E 22 19.34 -25.76 -50.75
N CYS E 23 19.59 -25.89 -49.45
CA CYS E 23 18.78 -25.28 -48.39
C CYS E 23 19.72 -24.59 -47.42
N ARG E 24 20.24 -23.44 -47.83
CA ARG E 24 21.15 -22.68 -46.99
C ARG E 24 20.42 -22.07 -45.80
N ALA E 25 21.03 -22.18 -44.62
CA ALA E 25 20.48 -21.64 -43.39
C ALA E 25 21.32 -20.46 -42.91
N SER E 26 20.78 -19.76 -41.91
CA SER E 26 21.49 -18.65 -41.29
C SER E 26 22.18 -19.03 -39.99
N ARG E 27 21.61 -19.97 -39.24
CA ARG E 27 22.20 -20.48 -38.02
C ARG E 27 22.28 -22.01 -38.10
N THR E 28 23.22 -22.61 -37.38
CA THR E 28 23.34 -24.09 -37.43
C THR E 28 22.06 -24.75 -36.93
N ILE E 29 21.55 -25.75 -37.63
CA ILE E 29 20.28 -26.42 -37.24
C ILE E 29 20.46 -27.53 -36.20
N SER E 30 20.90 -27.19 -34.99
CA SER E 30 21.08 -28.20 -33.91
C SER E 30 22.00 -29.28 -34.49
N ARG E 31 21.63 -30.54 -34.37
CA ARG E 31 22.48 -31.61 -34.95
C ARG E 31 21.66 -32.53 -35.87
N THR E 32 21.71 -32.31 -37.17
CA THR E 32 21.03 -33.22 -38.14
C THR E 32 19.56 -33.49 -37.80
N HIS E 33 18.74 -32.47 -37.54
CA HIS E 33 17.29 -32.73 -37.28
C HIS E 33 16.46 -32.24 -38.48
N LEU E 34 17.14 -31.92 -39.57
CA LEU E 34 16.60 -31.27 -40.75
C LEU E 34 15.86 -32.31 -41.57
N ALA E 35 14.70 -31.93 -42.09
CA ALA E 35 13.87 -32.82 -42.89
C ALA E 35 13.65 -32.22 -44.26
N TRP E 36 13.22 -33.08 -45.19
CA TRP E 36 12.87 -32.68 -46.55
C TRP E 36 11.49 -33.21 -46.89
N TYR E 37 10.72 -32.41 -47.62
CA TYR E 37 9.36 -32.78 -47.98
C TYR E 37 9.13 -32.43 -49.46
N GLN E 38 8.29 -33.23 -50.10
CA GLN E 38 7.80 -32.92 -51.43
C GLN E 38 6.29 -32.74 -51.39
N GLN E 39 5.80 -31.83 -52.22
CA GLN E 39 4.38 -31.54 -52.29
C GLN E 39 3.96 -31.45 -53.74
N LYS E 40 3.07 -32.31 -54.16
CA LYS E 40 2.47 -32.23 -55.48
C LYS E 40 1.24 -31.34 -55.44
N PRO E 41 0.94 -30.65 -56.54
CA PRO E 41 -0.19 -29.71 -56.54
C PRO E 41 -1.51 -30.40 -56.21
N GLY E 42 -2.18 -29.90 -55.18
CA GLY E 42 -3.43 -30.45 -54.73
C GLY E 42 -3.32 -31.57 -53.72
N GLN E 43 -2.17 -31.76 -53.10
CA GLN E 43 -1.96 -32.84 -52.14
C GLN E 43 -1.22 -32.31 -50.93
N ALA E 44 -1.29 -33.07 -49.84
CA ALA E 44 -0.51 -32.77 -48.66
C ALA E 44 0.96 -33.11 -48.89
N PRO E 45 1.87 -32.50 -48.13
CA PRO E 45 3.30 -32.80 -48.30
C PRO E 45 3.61 -34.26 -48.00
N ARG E 46 4.83 -34.66 -48.37
CA ARG E 46 5.28 -36.03 -48.20
C ARG E 46 6.73 -36.01 -47.72
N LEU E 47 7.03 -36.80 -46.69
CA LEU E 47 8.35 -36.80 -46.06
C LEU E 47 9.32 -37.66 -46.84
N LEU E 48 10.37 -37.04 -47.38
CA LEU E 48 11.37 -37.75 -48.17
C LEU E 48 12.61 -38.11 -47.36
N ILE E 49 13.31 -37.11 -46.83
CA ILE E 49 14.56 -37.32 -46.11
C ILE E 49 14.42 -36.72 -44.71
N TYR E 50 14.82 -37.49 -43.70
CA TYR E 50 14.80 -37.06 -42.31
C TYR E 50 16.15 -37.35 -41.68
N GLY E 51 16.62 -36.43 -40.83
CA GLY E 51 17.94 -36.56 -40.26
C GLY E 51 19.06 -36.31 -41.24
N VAL E 52 18.78 -35.57 -42.32
CA VAL E 52 19.74 -35.11 -43.32
C VAL E 52 20.39 -36.24 -44.12
N SER E 53 20.18 -37.49 -43.73
CA SER E 53 20.76 -38.59 -44.48
C SER E 53 19.88 -39.83 -44.52
N SER E 54 19.11 -40.07 -43.47
CA SER E 54 18.25 -41.26 -43.44
C SER E 54 17.08 -41.09 -44.41
N ARG E 55 16.61 -42.22 -44.93
CA ARG E 55 15.49 -42.26 -45.87
C ARG E 55 14.24 -42.72 -45.14
N ALA E 56 13.10 -42.15 -45.53
CA ALA E 56 11.84 -42.53 -44.93
C ALA E 56 11.34 -43.84 -45.53
N ILE E 57 10.30 -44.40 -44.89
CA ILE E 57 9.75 -45.67 -45.34
C ILE E 57 9.02 -45.49 -46.66
N GLY E 58 9.25 -46.41 -47.60
CA GLY E 58 8.64 -46.33 -48.91
C GLY E 58 9.29 -45.37 -49.87
N ILE E 59 10.15 -44.47 -49.39
CA ILE E 59 10.83 -43.54 -50.29
C ILE E 59 11.88 -44.29 -51.11
N PRO E 60 11.84 -44.21 -52.44
CA PRO E 60 12.81 -44.95 -53.25
C PRO E 60 14.24 -44.48 -52.99
N ASP E 61 15.19 -45.31 -53.42
CA ASP E 61 16.60 -45.06 -53.19
C ASP E 61 17.17 -43.94 -54.05
N ARG E 62 16.37 -43.37 -54.96
CA ARG E 62 16.86 -42.27 -55.80
C ARG E 62 17.09 -41.01 -54.99
N PHE E 63 16.29 -40.76 -53.97
CA PHE E 63 16.45 -39.58 -53.12
C PHE E 63 17.57 -39.82 -52.11
N SER E 64 18.32 -38.76 -51.83
CA SER E 64 19.41 -38.83 -50.86
C SER E 64 19.78 -37.42 -50.43
N GLY E 65 19.79 -37.18 -49.12
CA GLY E 65 20.21 -35.91 -48.57
C GLY E 65 21.62 -35.96 -48.02
N SER E 66 22.22 -34.79 -47.87
CA SER E 66 23.57 -34.68 -47.34
C SER E 66 23.75 -33.28 -46.76
N GLY E 67 24.98 -33.00 -46.33
CA GLY E 67 25.33 -31.70 -45.79
C GLY E 67 25.27 -31.68 -44.27
N SER E 68 25.83 -30.60 -43.72
CA SER E 68 25.84 -30.38 -42.27
C SER E 68 26.18 -28.93 -42.02
N GLY E 69 25.77 -28.44 -40.86
CA GLY E 69 26.03 -27.05 -40.51
C GLY E 69 24.97 -26.15 -41.11
N ALA E 70 25.40 -25.15 -41.88
CA ALA E 70 24.49 -24.19 -42.49
C ALA E 70 24.15 -24.53 -43.94
N ASP E 71 24.88 -25.45 -44.56
CA ASP E 71 24.66 -25.84 -45.95
C ASP E 71 24.11 -27.26 -46.00
N PHE E 72 23.06 -27.46 -46.79
CA PHE E 72 22.44 -28.77 -46.94
C PHE E 72 22.11 -29.01 -48.41
N THR E 73 22.06 -30.28 -48.79
CA THR E 73 21.80 -30.66 -50.17
C THR E 73 20.90 -31.89 -50.20
N LEU E 74 19.90 -31.86 -51.09
CA LEU E 74 19.08 -33.02 -51.41
C LEU E 74 19.27 -33.33 -52.88
N THR E 75 19.60 -34.58 -53.19
CA THR E 75 19.91 -34.99 -54.56
C THR E 75 19.05 -36.19 -54.93
N ILE E 76 18.32 -36.07 -56.03
CA ILE E 76 17.55 -37.18 -56.58
C ILE E 76 18.42 -37.87 -57.61
N SER E 77 18.69 -39.17 -57.40
CA SER E 77 19.63 -39.89 -58.24
C SER E 77 19.25 -39.82 -59.71
N ARG E 78 17.98 -40.03 -60.02
CA ARG E 78 17.52 -39.93 -61.41
C ARG E 78 16.07 -39.44 -61.41
N LEU E 79 15.81 -38.36 -62.14
CA LEU E 79 14.49 -37.76 -62.17
C LEU E 79 13.55 -38.57 -63.04
N GLU E 80 12.34 -38.77 -62.55
CA GLU E 80 11.26 -39.46 -63.26
C GLU E 80 10.01 -38.60 -63.16
N PRO E 81 9.01 -38.83 -64.05
CA PRO E 81 7.84 -37.94 -64.09
C PRO E 81 7.13 -37.75 -62.75
N GLU E 82 7.28 -38.69 -61.83
CA GLU E 82 6.64 -38.60 -60.53
C GLU E 82 7.49 -37.87 -59.49
N ASP E 83 8.61 -37.27 -59.90
CA ASP E 83 9.47 -36.54 -58.98
C ASP E 83 9.39 -35.03 -59.12
N PHE E 84 8.86 -34.51 -60.23
CA PHE E 84 8.78 -33.08 -60.45
C PHE E 84 7.66 -32.50 -59.59
N ALA E 85 8.02 -31.78 -58.55
CA ALA E 85 7.06 -31.11 -57.66
C ALA E 85 7.80 -30.02 -56.90
N VAL E 86 7.14 -29.46 -55.89
CA VAL E 86 7.74 -28.42 -55.06
C VAL E 86 8.33 -29.09 -53.82
N TYR E 87 9.56 -28.72 -53.47
CA TYR E 87 10.28 -29.32 -52.36
C TYR E 87 10.53 -28.26 -51.28
N TYR E 88 10.38 -28.67 -50.03
CA TYR E 88 10.62 -27.80 -48.88
C TYR E 88 11.57 -28.50 -47.91
N CYS E 89 12.39 -27.72 -47.21
CA CYS E 89 13.24 -28.24 -46.16
C CYS E 89 12.72 -27.79 -44.81
N HIS E 90 12.82 -28.68 -43.82
CA HIS E 90 12.23 -28.49 -42.50
C HIS E 90 13.31 -28.69 -41.44
N GLN E 91 13.60 -27.63 -40.68
CA GLN E 91 14.44 -27.73 -39.50
C GLN E 91 13.53 -27.71 -38.28
N GLY E 93 15.18 -28.24 -35.01
CA GLY E 93 16.17 -28.32 -33.95
C GLY E 93 15.96 -27.28 -32.86
N ASN E 94 14.99 -26.38 -33.01
CA ASN E 94 14.77 -25.36 -31.99
C ASN E 94 13.31 -24.91 -32.04
N SER E 95 12.99 -23.86 -31.28
CA SER E 95 11.59 -23.46 -31.09
C SER E 95 10.97 -22.88 -32.35
N PRO E 96 11.63 -22.02 -33.14
CA PRO E 96 10.95 -21.47 -34.33
C PRO E 96 10.43 -22.54 -35.28
N GLN E 97 11.25 -23.56 -35.56
CA GLN E 97 10.87 -24.66 -36.45
C GLN E 97 10.39 -24.12 -37.79
N THR E 98 11.25 -23.32 -38.41
CA THR E 98 10.91 -22.60 -39.62
C THR E 98 10.94 -23.53 -40.83
N PHE E 99 10.32 -23.06 -41.90
CA PHE E 99 10.27 -23.77 -43.18
C PHE E 99 10.92 -22.94 -44.27
N GLY E 100 11.28 -23.61 -45.36
CA GLY E 100 11.75 -22.91 -46.53
C GLY E 100 10.60 -22.46 -47.42
N GLN E 101 10.92 -21.59 -48.37
CA GLN E 101 9.89 -21.09 -49.28
C GLN E 101 9.57 -22.07 -50.40
N GLY E 102 10.49 -22.97 -50.72
CA GLY E 102 10.20 -24.02 -51.68
C GLY E 102 10.94 -23.81 -53.00
N THR E 103 11.18 -24.93 -53.69
CA THR E 103 11.79 -24.92 -55.02
C THR E 103 10.89 -25.70 -55.96
N LYS E 104 10.63 -25.14 -57.13
CA LYS E 104 9.76 -25.76 -58.12
C LYS E 104 10.59 -26.55 -59.12
N LEU E 105 10.25 -27.83 -59.28
CA LEU E 105 10.89 -28.69 -60.27
C LEU E 105 9.92 -28.89 -61.42
N GLU E 106 10.26 -28.34 -62.58
CA GLU E 106 9.43 -28.44 -63.77
C GLU E 106 10.20 -29.10 -64.91
N ILE E 107 9.45 -29.74 -65.81
CA ILE E 107 10.07 -30.40 -66.95
C ILE E 107 10.53 -29.35 -67.95
N LYS E 108 11.81 -29.42 -68.32
CA LYS E 108 12.34 -28.52 -69.35
C LYS E 108 11.89 -29.01 -70.72
N ARG E 109 11.13 -28.18 -71.42
CA ARG E 109 10.48 -28.55 -72.66
C ARG E 109 10.88 -27.58 -73.77
N THR E 110 10.65 -28.00 -75.02
CA THR E 110 10.83 -27.10 -76.14
C THR E 110 9.95 -25.86 -75.99
N VAL E 111 10.52 -24.70 -76.28
CA VAL E 111 9.80 -23.43 -76.15
C VAL E 111 8.60 -23.44 -77.10
N ALA E 112 7.39 -23.44 -76.52
CA ALA E 112 6.16 -23.48 -77.27
C ALA E 112 5.46 -22.12 -77.17
N ALA E 113 5.00 -21.61 -78.30
CA ALA E 113 4.29 -20.34 -78.31
C ALA E 113 2.84 -20.53 -77.92
N PRO E 114 2.25 -19.60 -77.17
CA PRO E 114 0.86 -19.77 -76.73
C PRO E 114 -0.12 -19.54 -77.87
N SER E 115 -1.28 -20.17 -77.75
CA SER E 115 -2.40 -19.96 -78.67
C SER E 115 -3.32 -18.92 -78.03
N VAL E 116 -3.37 -17.73 -78.62
CA VAL E 116 -4.07 -16.60 -78.02
C VAL E 116 -5.51 -16.59 -78.51
N PHE E 117 -6.44 -16.65 -77.56
CA PHE E 117 -7.87 -16.53 -77.83
C PHE E 117 -8.43 -15.43 -76.95
N ILE E 118 -9.35 -14.62 -77.51
CA ILE E 118 -9.99 -13.55 -76.78
C ILE E 118 -11.49 -13.76 -76.84
N PHE E 119 -12.18 -13.45 -75.73
CA PHE E 119 -13.61 -13.69 -75.58
C PHE E 119 -14.29 -12.39 -75.19
N PRO E 120 -15.18 -11.85 -76.01
CA PRO E 120 -15.97 -10.69 -75.58
C PRO E 120 -16.92 -11.07 -74.46
N PRO E 121 -17.34 -10.11 -73.64
CA PRO E 121 -18.29 -10.43 -72.56
C PRO E 121 -19.64 -10.83 -73.11
N SER E 122 -20.28 -11.77 -72.42
CA SER E 122 -21.56 -12.29 -72.86
C SER E 122 -22.67 -11.25 -72.64
N ASP E 123 -23.76 -11.42 -73.39
CA ASP E 123 -24.90 -10.52 -73.25
C ASP E 123 -25.62 -10.74 -71.93
N GLU E 124 -25.62 -11.97 -71.40
CA GLU E 124 -26.21 -12.22 -70.10
C GLU E 124 -25.48 -11.46 -68.99
N GLN E 125 -24.17 -11.25 -69.16
CA GLN E 125 -23.41 -10.47 -68.17
C GLN E 125 -23.65 -8.97 -68.34
N LEU E 126 -23.84 -8.50 -69.57
CA LEU E 126 -24.11 -7.08 -69.78
C LEU E 126 -25.47 -6.69 -69.20
N LYS E 127 -26.42 -7.62 -69.15
CA LYS E 127 -27.71 -7.34 -68.52
C LYS E 127 -27.62 -7.23 -67.01
N SER E 128 -26.49 -7.62 -66.42
CA SER E 128 -26.32 -7.54 -64.97
C SER E 128 -25.60 -6.27 -64.53
N GLY E 129 -24.95 -5.56 -65.43
CA GLY E 129 -24.28 -4.31 -65.10
C GLY E 129 -22.76 -4.35 -65.15
N THR E 130 -22.16 -5.52 -65.39
CA THR E 130 -20.72 -5.64 -65.45
C THR E 130 -20.31 -6.27 -66.77
N ALA E 131 -19.04 -6.09 -67.12
CA ALA E 131 -18.50 -6.61 -68.37
C ALA E 131 -17.08 -7.09 -68.14
N SER E 132 -16.82 -8.37 -68.40
CA SER E 132 -15.50 -8.97 -68.24
C SER E 132 -15.02 -9.47 -69.59
N VAL E 133 -13.79 -9.09 -69.95
CA VAL E 133 -13.16 -9.53 -71.19
C VAL E 133 -12.06 -10.52 -70.81
N VAL E 134 -12.15 -11.74 -71.36
CA VAL E 134 -11.21 -12.81 -71.04
C VAL E 134 -10.27 -13.00 -72.21
N CYS E 135 -8.97 -13.14 -71.90
CA CYS E 135 -7.94 -13.44 -72.88
C CYS E 135 -7.26 -14.74 -72.48
N LEU E 136 -7.12 -15.65 -73.44
CA LEU E 136 -6.70 -17.02 -73.18
C LEU E 136 -5.32 -17.29 -73.78
N LEU E 137 -4.43 -17.86 -72.99
CA LEU E 137 -3.13 -18.35 -73.44
C LEU E 137 -3.03 -19.82 -73.07
N ASN E 138 -2.82 -20.67 -74.06
CA ASN E 138 -2.89 -22.11 -73.85
C ASN E 138 -1.68 -22.82 -74.42
N ASN E 139 -1.10 -23.73 -73.62
CA ASN E 139 -0.07 -24.66 -74.06
C ASN E 139 1.20 -23.93 -74.52
N PHE E 140 1.84 -23.23 -73.58
CA PHE E 140 3.07 -22.51 -73.85
C PHE E 140 4.13 -22.89 -72.83
N TYR E 141 5.38 -22.61 -73.18
CA TYR E 141 6.52 -22.84 -72.30
C TYR E 141 7.65 -21.93 -72.75
N PRO E 142 8.39 -21.30 -71.82
CA PRO E 142 8.28 -21.41 -70.37
C PRO E 142 7.08 -20.68 -69.77
N ARG E 143 7.00 -20.68 -68.44
CA ARG E 143 5.87 -20.05 -67.75
C ARG E 143 5.88 -18.54 -67.91
N GLU E 144 7.05 -17.93 -68.05
CA GLU E 144 7.17 -16.49 -68.13
C GLU E 144 6.44 -15.93 -69.35
N ALA E 145 5.31 -15.28 -69.11
CA ALA E 145 4.52 -14.68 -70.18
C ALA E 145 4.03 -13.31 -69.74
N LYS E 146 3.64 -12.50 -70.72
CA LYS E 146 3.21 -11.13 -70.47
C LYS E 146 1.97 -10.83 -71.30
N VAL E 147 0.97 -10.21 -70.67
CA VAL E 147 -0.22 -9.74 -71.37
C VAL E 147 -0.43 -8.27 -71.04
N GLN E 148 -0.93 -7.52 -72.02
CA GLN E 148 -1.26 -6.11 -71.83
C GLN E 148 -2.57 -5.82 -72.55
N TRP E 149 -3.57 -5.34 -71.81
CA TRP E 149 -4.86 -5.03 -72.38
C TRP E 149 -4.81 -3.67 -73.08
N LYS E 150 -5.61 -3.54 -74.13
CA LYS E 150 -5.68 -2.32 -74.94
C LYS E 150 -7.16 -2.00 -75.19
N VAL E 151 -7.72 -1.08 -74.42
CA VAL E 151 -9.08 -0.62 -74.63
C VAL E 151 -9.00 0.62 -75.52
N ASP E 152 -9.49 0.50 -76.75
CA ASP E 152 -9.35 1.54 -77.77
C ASP E 152 -7.89 1.95 -77.92
N ASN E 153 -7.01 0.95 -77.94
CA ASN E 153 -5.57 1.07 -78.13
C ASN E 153 -4.88 1.79 -76.97
N ALA E 154 -5.58 1.95 -75.84
CA ALA E 154 -5.00 2.59 -74.65
C ALA E 154 -4.49 1.52 -73.69
N LEU E 155 -3.24 1.64 -73.28
CA LEU E 155 -2.63 0.66 -72.38
C LEU E 155 -3.29 0.73 -71.01
N GLN E 156 -3.92 -0.37 -70.60
CA GLN E 156 -4.61 -0.44 -69.31
C GLN E 156 -3.63 -0.87 -68.22
N SER E 157 -4.11 -0.79 -66.98
CA SER E 157 -3.29 -1.16 -65.82
C SER E 157 -4.19 -1.26 -64.60
N GLY E 158 -3.89 -2.21 -63.73
CA GLY E 158 -4.58 -2.34 -62.45
C GLY E 158 -6.03 -2.76 -62.52
N ASN E 159 -6.56 -3.06 -63.70
CA ASN E 159 -7.95 -3.47 -63.85
C ASN E 159 -8.08 -4.86 -64.47
N SER E 160 -7.02 -5.67 -64.37
CA SER E 160 -7.03 -7.02 -64.90
C SER E 160 -6.33 -7.95 -63.93
N GLN E 161 -6.78 -9.20 -63.89
CA GLN E 161 -6.21 -10.24 -63.04
C GLN E 161 -5.87 -11.46 -63.87
N GLU E 162 -4.73 -12.06 -63.61
CA GLU E 162 -4.26 -13.23 -64.33
C GLU E 162 -4.45 -14.48 -63.48
N SER E 163 -4.36 -15.64 -64.15
CA SER E 163 -4.48 -16.93 -63.49
C SER E 163 -3.76 -17.96 -64.34
N VAL E 164 -2.81 -18.67 -63.73
CA VAL E 164 -1.97 -19.64 -64.43
C VAL E 164 -2.26 -21.03 -63.87
N THR E 165 -2.45 -21.99 -64.78
CA THR E 165 -2.63 -23.37 -64.38
C THR E 165 -1.30 -23.99 -63.98
N GLU E 166 -1.38 -25.14 -63.31
CA GLU E 166 -0.18 -25.90 -63.03
C GLU E 166 0.35 -26.53 -64.31
N GLN E 167 1.64 -26.89 -64.29
CA GLN E 167 2.26 -27.48 -65.46
C GLN E 167 1.62 -28.82 -65.77
N ASP E 168 1.13 -28.96 -67.01
CA ASP E 168 0.48 -30.19 -67.43
C ASP E 168 1.47 -31.36 -67.36
N SER E 169 0.92 -32.57 -67.25
CA SER E 169 1.72 -33.78 -67.22
C SER E 169 1.79 -34.47 -68.58
N LYS E 170 0.89 -34.14 -69.50
CA LYS E 170 0.90 -34.78 -70.81
C LYS E 170 1.94 -34.14 -71.73
N ASP E 171 1.97 -32.81 -71.77
CA ASP E 171 2.92 -32.10 -72.62
C ASP E 171 3.75 -31.06 -71.88
N SER E 172 3.59 -30.94 -70.56
CA SER E 172 4.39 -30.03 -69.73
C SER E 172 4.32 -28.59 -70.25
N THR E 173 3.11 -28.06 -70.29
CA THR E 173 2.85 -26.71 -70.77
C THR E 173 1.94 -25.97 -69.80
N TYR E 174 2.20 -24.68 -69.63
CA TYR E 174 1.38 -23.83 -68.78
C TYR E 174 0.24 -23.21 -69.58
N SER E 175 -0.72 -22.64 -68.85
CA SER E 175 -1.86 -21.98 -69.46
C SER E 175 -2.25 -20.79 -68.60
N LEU E 176 -2.54 -19.66 -69.25
CA LEU E 176 -2.81 -18.40 -68.56
C LEU E 176 -4.13 -17.83 -69.04
N SER E 177 -4.81 -17.13 -68.13
CA SER E 177 -6.09 -16.47 -68.45
C SER E 177 -6.13 -15.13 -67.74
N SER E 178 -6.25 -14.06 -68.52
CA SER E 178 -6.35 -12.70 -67.98
C SER E 178 -7.77 -12.19 -68.20
N THR E 179 -8.39 -11.67 -67.14
CA THR E 179 -9.76 -11.19 -67.17
C THR E 179 -9.75 -9.69 -66.92
N LEU E 180 -10.20 -8.92 -67.91
CA LEU E 180 -10.28 -7.47 -67.81
C LEU E 180 -11.69 -7.09 -67.38
N THR E 181 -11.81 -6.53 -66.18
CA THR E 181 -13.10 -6.20 -65.59
C THR E 181 -13.39 -4.71 -65.79
N LEU E 182 -14.54 -4.41 -66.38
CA LEU E 182 -15.01 -3.05 -66.57
C LEU E 182 -16.47 -2.96 -66.12
N SER E 183 -17.04 -1.78 -66.27
CA SER E 183 -18.46 -1.56 -66.00
C SER E 183 -19.25 -1.57 -67.30
N LYS E 184 -20.57 -1.77 -67.17
CA LYS E 184 -21.43 -1.77 -68.34
C LYS E 184 -21.37 -0.44 -69.08
N ALA E 185 -21.24 0.66 -68.35
CA ALA E 185 -21.14 1.97 -68.99
C ALA E 185 -19.81 2.13 -69.71
N ASP E 186 -18.70 1.83 -69.02
CA ASP E 186 -17.38 1.99 -69.60
C ASP E 186 -17.13 1.01 -70.75
N TYR E 187 -17.83 -0.12 -70.77
CA TYR E 187 -17.63 -1.06 -71.87
C TYR E 187 -18.24 -0.55 -73.16
N GLU E 188 -19.41 0.09 -73.09
CA GLU E 188 -20.07 0.61 -74.27
C GLU E 188 -19.53 1.97 -74.71
N LYS E 189 -18.53 2.51 -74.01
CA LYS E 189 -17.93 3.78 -74.38
C LYS E 189 -16.77 3.64 -75.36
N HIS E 190 -16.29 2.43 -75.61
CA HIS E 190 -15.20 2.18 -76.54
C HIS E 190 -15.63 1.13 -77.55
N LYS E 191 -14.82 0.97 -78.59
CA LYS E 191 -15.12 0.04 -79.67
C LYS E 191 -14.05 -1.01 -79.90
N VAL E 192 -12.79 -0.71 -79.62
CA VAL E 192 -11.67 -1.63 -79.84
C VAL E 192 -11.21 -2.18 -78.50
N TYR E 193 -11.09 -3.50 -78.42
CA TYR E 193 -10.60 -4.18 -77.22
C TYR E 193 -9.57 -5.22 -77.65
N ALA E 194 -8.31 -4.94 -77.39
CA ALA E 194 -7.20 -5.79 -77.81
C ALA E 194 -6.55 -6.47 -76.61
N CYS E 195 -5.74 -7.48 -76.91
CA CYS E 195 -5.00 -8.23 -75.89
C CYS E 195 -3.61 -8.52 -76.45
N GLU E 196 -2.63 -7.74 -76.01
CA GLU E 196 -1.26 -7.87 -76.50
C GLU E 196 -0.52 -8.89 -75.65
N VAL E 197 0.10 -9.87 -76.32
CA VAL E 197 0.79 -10.97 -75.66
C VAL E 197 2.23 -11.00 -76.12
N THR E 198 3.17 -11.08 -75.17
CA THR E 198 4.59 -11.21 -75.45
C THR E 198 5.10 -12.48 -74.80
N HIS E 199 5.90 -13.26 -75.53
CA HIS E 199 6.42 -14.52 -75.03
C HIS E 199 7.73 -14.83 -75.74
N GLN E 200 8.50 -15.74 -75.14
CA GLN E 200 9.78 -16.13 -75.72
C GLN E 200 9.60 -16.84 -77.05
N GLY E 201 8.58 -17.70 -77.15
CA GLY E 201 8.28 -18.42 -78.37
C GLY E 201 7.64 -17.59 -79.46
N LEU E 202 7.48 -16.29 -79.24
CA LEU E 202 6.84 -15.39 -80.21
C LEU E 202 7.88 -14.38 -80.68
N SER E 203 8.24 -14.46 -81.95
CA SER E 203 9.19 -13.50 -82.51
C SER E 203 8.61 -12.09 -82.50
N SER E 204 7.31 -11.96 -82.77
CA SER E 204 6.61 -10.69 -82.74
C SER E 204 5.45 -10.76 -81.75
N PRO E 205 5.19 -9.68 -81.00
CA PRO E 205 4.06 -9.69 -80.06
C PRO E 205 2.74 -9.91 -80.80
N VAL E 206 2.02 -10.95 -80.39
CA VAL E 206 0.75 -11.31 -81.00
C VAL E 206 -0.38 -10.59 -80.28
N THR E 207 -1.30 -10.02 -81.06
CA THR E 207 -2.42 -9.25 -80.51
C THR E 207 -3.72 -9.77 -81.10
N LYS E 208 -4.61 -10.25 -80.23
CA LYS E 208 -5.94 -10.67 -80.60
C LYS E 208 -6.94 -9.62 -80.11
N SER E 209 -7.72 -9.07 -81.03
CA SER E 209 -8.65 -7.98 -80.72
C SER E 209 -10.01 -8.27 -81.32
N PHE E 210 -10.98 -7.44 -80.95
CA PHE E 210 -12.34 -7.54 -81.47
C PHE E 210 -13.03 -6.19 -81.34
N ASN E 211 -14.12 -6.04 -82.06
CA ASN E 211 -14.95 -4.85 -82.01
C ASN E 211 -16.35 -5.21 -81.54
N ARG E 212 -17.01 -4.26 -80.89
CA ARG E 212 -18.38 -4.47 -80.40
C ARG E 212 -19.32 -4.52 -81.59
N GLY E 213 -19.76 -5.72 -81.95
CA GLY E 213 -20.67 -5.90 -83.07
C GLY E 213 -20.35 -7.13 -83.89
N LEU F 4 -24.94 -8.51 28.23
CA LEU F 4 -25.47 -7.50 27.33
C LEU F 4 -24.37 -6.53 26.88
N LEU F 5 -24.31 -6.29 25.56
CA LEU F 5 -23.34 -5.37 24.99
C LEU F 5 -24.03 -4.56 23.90
N GLU F 6 -24.00 -3.24 24.03
CA GLU F 6 -24.55 -2.38 23.00
C GLU F 6 -23.61 -2.28 21.81
N GLN F 7 -24.12 -1.76 20.70
CA GLN F 7 -23.33 -1.63 19.49
C GLN F 7 -23.94 -0.54 18.62
N SER F 8 -23.14 -0.05 17.68
CA SER F 8 -23.57 1.05 16.83
C SER F 8 -24.67 0.59 15.87
N GLY F 9 -25.33 1.56 15.25
CA GLY F 9 -26.39 1.28 14.30
C GLY F 9 -25.87 1.01 12.89
N ALA F 10 -26.80 0.60 12.02
CA ALA F 10 -26.45 0.30 10.64
C ALA F 10 -26.02 1.57 9.91
N GLU F 11 -25.06 1.41 9.00
CA GLU F 11 -24.51 2.53 8.25
C GLU F 11 -24.28 2.12 6.80
N LEU F 12 -24.44 3.09 5.90
CA LEU F 12 -24.14 2.91 4.47
C LEU F 12 -22.95 3.79 4.14
N LYS F 13 -21.82 3.16 3.79
CA LYS F 13 -20.60 3.85 3.42
C LYS F 13 -20.25 3.52 1.98
N LYS F 14 -20.07 4.56 1.17
CA LYS F 14 -19.66 4.36 -0.22
C LYS F 14 -18.26 3.74 -0.26
N PRO F 15 -17.96 2.96 -1.30
CA PRO F 15 -16.65 2.29 -1.36
C PRO F 15 -15.50 3.30 -1.36
N GLY F 16 -14.47 2.98 -0.56
CA GLY F 16 -13.30 3.82 -0.41
C GLY F 16 -13.22 4.53 0.93
N SER F 17 -14.36 4.80 1.54
CA SER F 17 -14.40 5.49 2.83
C SER F 17 -14.16 4.49 3.96
N SER F 18 -14.22 4.99 5.19
CA SER F 18 -14.03 4.19 6.39
C SER F 18 -15.34 4.11 7.17
N VAL F 19 -15.33 3.26 8.20
CA VAL F 19 -16.50 3.06 9.04
C VAL F 19 -16.03 2.80 10.46
N LYS F 20 -16.74 3.37 11.43
CA LYS F 20 -16.44 3.20 12.85
C LYS F 20 -17.66 2.56 13.52
N VAL F 21 -17.44 1.43 14.17
CA VAL F 21 -18.48 0.71 14.89
C VAL F 21 -18.16 0.74 16.38
N SER F 22 -19.10 1.22 17.18
CA SER F 22 -18.89 1.34 18.62
C SER F 22 -19.41 0.10 19.34
N CYS F 23 -18.82 -0.17 20.51
CA CYS F 23 -19.20 -1.30 21.34
C CYS F 23 -19.12 -0.85 22.79
N LYS F 24 -20.27 -0.78 23.46
CA LYS F 24 -20.35 -0.20 24.80
C LYS F 24 -20.82 -1.25 25.79
N PRO F 25 -20.06 -1.53 26.85
CA PRO F 25 -20.54 -2.43 27.89
C PRO F 25 -21.70 -1.83 28.66
N SER F 26 -22.52 -2.72 29.24
CA SER F 26 -23.69 -2.27 29.99
C SER F 26 -23.27 -1.61 31.31
N THR F 29 -18.25 0.84 32.72
CA THR F 29 -16.85 0.70 33.12
C THR F 29 -16.24 -0.57 32.53
N PHE F 30 -15.03 -0.43 31.98
CA PHE F 30 -14.33 -1.59 31.46
C PHE F 30 -13.89 -2.51 32.59
N ARG F 31 -13.75 -3.79 32.27
CA ARG F 31 -13.31 -4.78 33.24
C ARG F 31 -12.15 -5.60 32.69
N ALA F 32 -11.83 -6.72 33.34
CA ALA F 32 -10.74 -7.59 32.89
C ALA F 32 -11.31 -8.59 31.89
N TYR F 33 -11.27 -8.21 30.61
CA TYR F 33 -11.67 -9.11 29.54
C TYR F 33 -11.13 -8.57 28.22
N THR F 34 -10.87 -9.49 27.29
CA THR F 34 -10.47 -9.13 25.94
C THR F 34 -11.71 -8.93 25.08
N LEU F 35 -11.66 -7.92 24.21
CA LEU F 35 -12.78 -7.58 23.34
C LEU F 35 -12.38 -7.84 21.90
N SER F 36 -13.09 -8.74 21.24
CA SER F 36 -12.80 -9.13 19.87
C SER F 36 -13.86 -8.57 18.93
N TRP F 37 -13.54 -8.63 17.63
CA TRP F 37 -14.46 -8.19 16.57
C TRP F 37 -14.57 -9.30 15.54
N VAL F 38 -15.78 -9.82 15.36
CA VAL F 38 -16.05 -10.91 14.44
C VAL F 38 -17.17 -10.49 13.49
N ARG F 39 -16.97 -10.71 12.20
CA ARG F 39 -17.94 -10.39 11.17
C ARG F 39 -18.41 -11.67 10.48
N GLN F 40 -19.47 -11.52 9.68
CA GLN F 40 -20.05 -12.65 8.97
C GLN F 40 -20.61 -12.16 7.64
N ALA F 41 -19.90 -12.46 6.55
CA ALA F 41 -20.33 -12.02 5.23
C ALA F 41 -21.59 -12.78 4.80
N PRO F 42 -22.38 -12.20 3.90
CA PRO F 42 -23.57 -12.92 3.40
C PRO F 42 -23.16 -14.21 2.68
N GLY F 43 -23.62 -15.33 3.24
CA GLY F 43 -23.27 -16.62 2.68
C GLY F 43 -21.87 -17.08 3.00
N GLN F 44 -21.31 -16.66 4.13
CA GLN F 44 -19.98 -17.04 4.54
C GLN F 44 -19.99 -17.36 6.03
N THR F 45 -18.91 -18.02 6.49
CA THR F 45 -18.79 -18.36 7.88
C THR F 45 -18.35 -17.14 8.70
N LEU F 46 -18.30 -17.33 10.02
CA LEU F 46 -17.85 -16.27 10.90
C LEU F 46 -16.35 -16.02 10.72
N GLU F 47 -15.98 -14.75 10.64
CA GLU F 47 -14.60 -14.35 10.36
C GLU F 47 -14.11 -13.45 11.48
N TRP F 48 -13.05 -13.88 12.16
CA TRP F 48 -12.47 -13.11 13.26
C TRP F 48 -11.52 -12.06 12.72
N MET F 49 -11.75 -10.80 13.10
CA MET F 49 -10.98 -9.67 12.60
C MET F 49 -9.84 -9.29 13.54
N GLY F 50 -10.16 -8.91 14.78
CA GLY F 50 -9.12 -8.46 15.68
C GLY F 50 -9.56 -8.58 17.13
N ARG F 51 -8.57 -8.40 18.01
CA ARG F 51 -8.76 -8.47 19.45
C ARG F 51 -8.07 -7.29 20.11
N ILE F 52 -8.71 -6.73 21.13
CA ILE F 52 -8.14 -5.64 21.91
C ILE F 52 -8.29 -5.96 23.39
N MET F 53 -7.22 -5.70 24.15
CA MET F 53 -7.27 -5.83 25.59
C MET F 53 -7.40 -4.43 26.19
N PRO F 54 -8.63 -3.96 26.42
CA PRO F 54 -8.81 -2.55 26.80
C PRO F 54 -8.27 -2.19 28.17
N THR F 55 -8.05 -3.18 29.04
CA THR F 55 -7.49 -2.87 30.35
C THR F 55 -6.02 -2.47 30.24
N VAL F 56 -5.28 -3.10 29.32
CA VAL F 56 -3.87 -2.80 29.15
C VAL F 56 -3.56 -2.12 27.83
N GLY F 57 -4.41 -2.29 26.80
CA GLY F 57 -4.18 -1.63 25.53
C GLY F 57 -3.44 -2.43 24.49
N ILE F 58 -3.59 -3.75 24.49
CA ILE F 58 -2.95 -4.61 23.50
C ILE F 58 -3.94 -4.86 22.37
N THR F 59 -3.47 -4.72 21.13
CA THR F 59 -4.29 -5.01 19.95
C THR F 59 -3.57 -6.03 19.07
N ASN F 60 -4.35 -6.94 18.49
CA ASN F 60 -3.84 -7.93 17.55
C ASN F 60 -4.87 -8.12 16.45
N TYR F 61 -4.46 -7.89 15.21
CA TYR F 61 -5.34 -7.99 14.05
C TYR F 61 -4.98 -9.23 13.23
N ALA F 62 -5.98 -9.71 12.48
CA ALA F 62 -5.74 -10.83 11.58
C ALA F 62 -4.88 -10.38 10.40
N GLN F 63 -4.25 -11.36 9.75
CA GLN F 63 -3.39 -11.06 8.62
C GLN F 63 -4.17 -10.54 7.41
N LYS F 64 -5.45 -10.86 7.31
CA LYS F 64 -6.23 -10.43 6.15
C LYS F 64 -6.51 -8.93 6.19
N PHE F 65 -6.85 -8.40 7.37
CA PHE F 65 -7.22 -7.00 7.52
C PHE F 65 -6.07 -6.14 8.02
N GLN F 66 -4.84 -6.63 7.93
CA GLN F 66 -3.70 -5.88 8.44
C GLN F 66 -3.48 -4.63 7.60
N GLY F 67 -3.27 -3.49 8.28
CA GLY F 67 -3.09 -2.22 7.61
C GLY F 67 -4.37 -1.53 7.18
N ARG F 68 -5.51 -2.22 7.23
CA ARG F 68 -6.78 -1.65 6.84
C ARG F 68 -7.81 -1.61 7.96
N VAL F 69 -7.53 -2.21 9.11
CA VAL F 69 -8.43 -2.17 10.25
C VAL F 69 -7.63 -1.73 11.47
N THR F 70 -8.30 -0.98 12.36
CA THR F 70 -7.70 -0.52 13.61
C THR F 70 -8.77 -0.52 14.68
N ILE F 71 -8.46 -1.09 15.84
CA ILE F 71 -9.40 -1.22 16.95
C ILE F 71 -8.89 -0.34 18.08
N SER F 72 -9.63 0.72 18.39
CA SER F 72 -9.28 1.66 19.43
C SER F 72 -10.35 1.68 20.50
N ALA F 73 -9.92 1.68 21.76
CA ALA F 73 -10.82 1.76 22.91
C ALA F 73 -10.54 3.03 23.69
N ASP F 74 -11.59 3.80 23.97
CA ASP F 74 -11.47 5.04 24.71
C ASP F 74 -11.80 4.81 26.17
N MET F 75 -10.89 5.18 27.06
CA MET F 75 -11.13 5.05 28.49
C MET F 75 -11.97 6.22 28.98
N SER F 76 -12.60 6.03 30.14
CA SER F 76 -13.54 6.97 30.75
C SER F 76 -14.77 7.22 29.89
N THR F 77 -14.91 6.51 28.77
CA THR F 77 -16.09 6.61 27.92
C THR F 77 -16.82 5.27 27.78
N ALA F 78 -16.18 4.16 28.14
CA ALA F 78 -16.79 2.83 28.08
C ALA F 78 -17.25 2.49 26.66
N THR F 79 -16.38 2.74 25.69
CA THR F 79 -16.68 2.46 24.30
C THR F 79 -15.45 1.89 23.61
N ALA F 80 -15.69 1.00 22.65
CA ALA F 80 -14.63 0.41 21.83
C ALA F 80 -14.97 0.63 20.37
N TYR F 81 -14.02 1.18 19.61
CA TYR F 81 -14.23 1.54 18.22
C TYR F 81 -13.45 0.62 17.30
N MET F 82 -13.96 0.45 16.08
CA MET F 82 -13.32 -0.36 15.05
C MET F 82 -13.29 0.45 13.76
N GLU F 83 -12.12 1.02 13.46
CA GLU F 83 -11.92 1.81 12.25
C GLU F 83 -11.53 0.87 11.11
N LEU F 84 -12.46 0.67 10.17
CA LEU F 84 -12.23 -0.20 9.02
C LEU F 84 -12.12 0.69 7.78
N SER F 85 -10.91 1.09 7.45
CA SER F 85 -10.68 1.97 6.32
C SER F 85 -10.57 1.17 5.02
N SER F 86 -10.68 1.88 3.90
CA SER F 86 -10.60 1.30 2.56
C SER F 86 -11.62 0.16 2.41
N LEU F 87 -12.89 0.56 2.36
CA LEU F 87 -13.97 -0.41 2.25
C LEU F 87 -14.13 -0.89 0.82
N ARG F 88 -14.74 -2.06 0.67
CA ARG F 88 -14.93 -2.70 -0.61
C ARG F 88 -16.24 -3.47 -0.58
N SER F 89 -16.83 -3.68 -1.76
CA SER F 89 -18.15 -4.30 -1.86
C SER F 89 -18.20 -5.67 -1.20
N ASP F 90 -17.06 -6.37 -1.10
CA ASP F 90 -17.03 -7.66 -0.44
C ASP F 90 -16.98 -7.56 1.08
N ASP F 91 -16.71 -6.38 1.62
CA ASP F 91 -16.58 -6.20 3.06
C ASP F 91 -17.91 -5.98 3.77
N THR F 92 -19.02 -5.84 3.05
CA THR F 92 -20.30 -5.65 3.68
C THR F 92 -20.73 -6.92 4.41
N ALA F 93 -21.07 -6.78 5.69
CA ALA F 93 -21.39 -7.93 6.53
C ALA F 93 -21.99 -7.40 7.83
N ILE F 94 -22.28 -8.32 8.75
CA ILE F 94 -22.74 -8.00 10.09
C ILE F 94 -21.54 -8.10 11.02
N TYR F 95 -21.24 -7.01 11.72
CA TYR F 95 -20.06 -6.92 12.58
C TYR F 95 -20.48 -7.07 14.04
N TYR F 96 -19.92 -8.07 14.70
CA TYR F 96 -20.16 -8.31 16.12
C TYR F 96 -18.93 -7.96 16.93
N CYS F 97 -19.14 -7.52 18.16
CA CYS F 97 -18.08 -7.36 19.15
C CYS F 97 -18.35 -8.33 20.29
N ALA F 98 -17.41 -9.24 20.52
CA ALA F 98 -17.59 -10.34 21.46
C ALA F 98 -16.64 -10.18 22.65
N LYS F 99 -17.14 -10.49 23.85
CA LYS F 99 -16.36 -10.39 25.07
C LYS F 99 -15.62 -11.71 25.29
N GLY F 100 -14.32 -11.70 25.04
CA GLY F 100 -13.47 -12.83 25.36
C GLY F 100 -12.86 -12.66 26.74
N PRO F 101 -12.48 -13.76 27.37
CA PRO F 101 -11.88 -13.67 28.71
C PRO F 101 -10.56 -12.91 28.67
N TYR F 102 -10.29 -12.19 29.78
CA TYR F 102 -8.99 -11.54 29.93
C TYR F 102 -7.86 -12.55 29.82
N VAL F 103 -8.13 -13.80 30.19
CA VAL F 103 -7.20 -14.90 29.96
C VAL F 103 -6.77 -14.97 28.50
N GLY F 104 -7.66 -14.58 27.59
CA GLY F 104 -7.38 -14.56 26.17
C GLY F 104 -8.35 -15.42 25.39
N LEU F 105 -8.27 -15.27 24.07
CA LEU F 105 -9.09 -16.09 23.20
C LEU F 105 -8.63 -17.55 23.25
N GLY F 106 -9.53 -18.45 22.90
CA GLY F 106 -9.30 -19.86 23.05
C GLY F 106 -10.50 -20.53 23.66
N GLU F 107 -10.91 -20.07 24.84
CA GLU F 107 -12.17 -20.50 25.44
C GLU F 107 -13.37 -19.89 24.74
N GLY F 108 -13.17 -19.06 23.73
CA GLY F 108 -14.26 -18.48 22.98
C GLY F 108 -14.71 -17.13 23.53
N PHE F 109 -16.01 -16.86 23.43
CA PHE F 109 -16.58 -15.60 23.86
C PHE F 109 -17.85 -15.87 24.65
N SER F 110 -17.92 -15.32 25.87
CA SER F 110 -19.08 -15.56 26.71
C SER F 110 -20.29 -14.76 26.22
N GLU F 111 -20.12 -13.46 26.02
CA GLU F 111 -21.19 -12.59 25.56
C GLU F 111 -20.89 -12.05 24.17
N TRP F 112 -21.95 -11.79 23.41
CA TRP F 112 -21.85 -11.26 22.06
C TRP F 112 -22.64 -9.97 21.94
N GLY F 113 -22.25 -9.16 20.97
CA GLY F 113 -22.97 -7.92 20.69
C GLY F 113 -24.25 -8.18 19.91
N GLN F 114 -25.06 -7.12 19.80
CA GLN F 114 -26.32 -7.22 19.08
C GLN F 114 -26.12 -7.35 17.58
N GLY F 115 -24.96 -6.94 17.06
CA GLY F 115 -24.70 -7.03 15.64
C GLY F 115 -24.92 -5.71 14.92
N THR F 116 -23.97 -5.33 14.07
CA THR F 116 -24.05 -4.09 13.31
C THR F 116 -23.90 -4.41 11.83
N LEU F 117 -24.92 -4.08 11.04
CA LEU F 117 -24.93 -4.35 9.61
C LEU F 117 -24.41 -3.13 8.86
N VAL F 118 -23.21 -3.24 8.32
CA VAL F 118 -22.59 -2.17 7.54
C VAL F 118 -22.71 -2.53 6.07
N THR F 119 -23.37 -1.67 5.31
CA THR F 119 -23.60 -1.89 3.89
C THR F 119 -22.74 -0.92 3.08
N VAL F 120 -22.07 -1.43 2.06
CA VAL F 120 -21.26 -0.63 1.15
C VAL F 120 -21.89 -0.68 -0.23
N SER F 121 -22.17 0.50 -0.79
CA SER F 121 -22.82 0.60 -2.09
C SER F 121 -22.71 2.03 -2.58
N SER F 122 -22.77 2.20 -3.90
CA SER F 122 -22.76 3.52 -4.50
C SER F 122 -24.15 4.16 -4.57
N ALA F 123 -25.21 3.37 -4.34
CA ALA F 123 -26.55 3.91 -4.37
C ALA F 123 -26.83 4.76 -3.13
N SER F 124 -27.84 5.61 -3.23
CA SER F 124 -28.17 6.54 -2.17
C SER F 124 -29.14 5.91 -1.17
N THR F 125 -29.17 6.49 0.03
CA THR F 125 -30.11 6.04 1.05
C THR F 125 -31.52 6.48 0.69
N LYS F 126 -32.47 5.56 0.79
CA LYS F 126 -33.86 5.83 0.44
C LYS F 126 -34.77 5.50 1.60
N GLY F 127 -35.78 6.34 1.81
CA GLY F 127 -36.73 6.16 2.88
C GLY F 127 -37.79 5.12 2.55
N PRO F 128 -38.18 4.32 3.55
CA PRO F 128 -39.16 3.27 3.32
C PRO F 128 -40.59 3.81 3.33
N SER F 129 -41.36 3.43 2.31
CA SER F 129 -42.80 3.66 2.29
C SER F 129 -43.51 2.40 2.76
N VAL F 130 -44.58 2.57 3.53
CA VAL F 130 -45.32 1.46 4.10
C VAL F 130 -46.73 1.45 3.53
N PHE F 131 -47.30 0.24 3.42
CA PHE F 131 -48.65 0.07 2.91
C PHE F 131 -49.30 -1.09 3.69
N PRO F 132 -50.54 -0.92 4.12
CA PRO F 132 -51.19 -1.97 4.92
C PRO F 132 -51.77 -3.07 4.04
N LEU F 133 -52.09 -4.18 4.68
CA LEU F 133 -52.70 -5.35 4.03
C LEU F 133 -54.05 -5.60 4.69
N ALA F 134 -55.12 -5.39 3.94
CA ALA F 134 -56.47 -5.51 4.49
C ALA F 134 -56.76 -6.96 4.86
N PRO F 135 -57.19 -7.24 6.10
CA PRO F 135 -57.50 -8.59 6.60
C PRO F 135 -58.55 -9.31 5.75
N THR F 144 -58.71 -19.24 10.87
CA THR F 144 -58.42 -17.98 11.56
C THR F 144 -58.42 -16.82 10.57
N ALA F 145 -58.16 -15.62 11.09
CA ALA F 145 -58.10 -14.41 10.28
C ALA F 145 -56.67 -13.88 10.22
N ALA F 146 -56.26 -13.47 9.03
CA ALA F 146 -54.92 -12.96 8.80
C ALA F 146 -54.91 -11.44 8.82
N LEU F 147 -53.71 -10.87 8.95
CA LEU F 147 -53.53 -9.43 9.06
C LEU F 147 -52.06 -9.11 8.82
N GLY F 148 -51.79 -8.14 7.95
CA GLY F 148 -50.42 -7.90 7.52
C GLY F 148 -50.10 -6.42 7.43
N CYS F 149 -48.82 -6.14 7.22
CA CYS F 149 -48.30 -4.78 7.12
C CYS F 149 -47.01 -4.84 6.32
N LEU F 150 -46.99 -4.18 5.16
CA LEU F 150 -45.91 -4.32 4.19
C LEU F 150 -45.03 -3.07 4.18
N VAL F 151 -43.73 -3.29 3.99
CA VAL F 151 -42.75 -2.22 3.80
C VAL F 151 -42.10 -2.42 2.45
N LYS F 152 -41.97 -1.34 1.69
CA LYS F 152 -41.48 -1.42 0.31
C LYS F 152 -40.57 -0.24 0.01
N ASP F 153 -39.58 -0.49 -0.84
CA ASP F 153 -38.68 0.53 -1.38
C ASP F 153 -37.87 1.21 -0.27
N TYR F 154 -37.05 0.40 0.41
CA TYR F 154 -36.10 0.91 1.39
C TYR F 154 -34.71 0.40 1.06
N PHE F 155 -33.72 1.21 1.41
CA PHE F 155 -32.32 0.88 1.16
C PHE F 155 -31.42 1.74 2.03
N PRO F 156 -30.47 1.15 2.76
CA PRO F 156 -30.21 -0.29 2.78
C PRO F 156 -30.91 -1.02 3.93
N GLU F 157 -30.58 -2.30 4.09
CA GLU F 157 -31.06 -3.07 5.22
C GLU F 157 -30.42 -2.56 6.51
N PRO F 158 -31.00 -2.92 7.68
CA PRO F 158 -32.21 -3.70 7.92
C PRO F 158 -33.44 -2.85 8.28
N VAL F 159 -34.54 -3.52 8.59
CA VAL F 159 -35.78 -2.88 9.02
C VAL F 159 -36.39 -3.70 10.14
N THR F 160 -36.60 -3.08 11.29
CA THR F 160 -37.21 -3.75 12.45
C THR F 160 -38.68 -3.38 12.54
N VAL F 161 -39.51 -4.36 12.84
CA VAL F 161 -40.96 -4.18 12.88
C VAL F 161 -41.49 -4.72 14.21
N SER F 162 -42.15 -3.87 14.97
CA SER F 162 -42.90 -4.28 16.16
C SER F 162 -44.38 -4.06 15.89
N TRP F 163 -45.20 -5.06 16.23
CA TRP F 163 -46.58 -5.09 15.78
C TRP F 163 -47.55 -4.35 16.68
N ASN F 164 -47.17 -4.01 17.91
CA ASN F 164 -48.06 -3.25 18.78
C ASN F 164 -47.27 -2.59 19.91
N SER F 165 -46.28 -1.77 19.53
CA SER F 165 -45.43 -1.09 20.50
C SER F 165 -44.73 -2.07 21.44
N GLY F 166 -44.43 -3.27 20.94
CA GLY F 166 -43.80 -4.29 21.74
C GLY F 166 -44.74 -5.12 22.59
N ALA F 167 -46.05 -4.98 22.41
CA ALA F 167 -47.04 -5.72 23.19
C ALA F 167 -47.51 -6.99 22.51
N LEU F 168 -47.69 -6.96 21.19
CA LEU F 168 -48.13 -8.12 20.43
C LEU F 168 -46.91 -8.84 19.86
N THR F 169 -46.64 -10.03 20.39
CA THR F 169 -45.50 -10.86 19.92
C THR F 169 -45.85 -12.34 20.10
N VAL F 172 -46.49 -13.53 15.58
CA VAL F 172 -45.90 -12.54 14.69
C VAL F 172 -44.87 -13.24 13.80
N HIS F 173 -44.95 -12.97 12.50
CA HIS F 173 -44.03 -13.53 11.52
C HIS F 173 -43.45 -12.39 10.67
N THR F 174 -42.15 -12.18 10.77
CA THR F 174 -41.45 -11.17 9.99
C THR F 174 -40.63 -11.86 8.90
N PHE F 175 -40.98 -11.56 7.64
CA PHE F 175 -40.33 -12.18 6.49
C PHE F 175 -39.00 -11.49 6.19
N PRO F 176 -38.01 -12.25 5.73
CA PRO F 176 -36.73 -11.63 5.33
C PRO F 176 -36.91 -10.72 4.12
N ALA F 177 -35.95 -9.83 3.95
CA ALA F 177 -35.98 -8.86 2.86
C ALA F 177 -35.64 -9.53 1.53
N VAL F 178 -36.26 -9.04 0.47
CA VAL F 178 -36.00 -9.52 -0.88
C VAL F 178 -35.54 -8.35 -1.75
N LEU F 179 -34.59 -8.63 -2.65
CA LEU F 179 -34.06 -7.60 -3.53
C LEU F 179 -34.96 -7.44 -4.75
N GLN F 180 -35.17 -6.20 -5.16
CA GLN F 180 -35.98 -5.89 -6.33
C GLN F 180 -35.09 -5.52 -7.51
N SER F 181 -35.71 -5.45 -8.69
CA SER F 181 -34.97 -5.13 -9.90
C SER F 181 -34.45 -3.69 -9.88
N SER F 182 -35.14 -2.78 -9.19
CA SER F 182 -34.73 -1.39 -9.09
C SER F 182 -33.65 -1.17 -8.03
N GLY F 183 -33.15 -2.22 -7.39
CA GLY F 183 -32.14 -2.09 -6.37
C GLY F 183 -32.66 -1.82 -4.97
N LEU F 184 -33.96 -1.86 -4.77
CA LEU F 184 -34.57 -1.61 -3.47
C LEU F 184 -34.96 -2.93 -2.81
N TYR F 185 -35.19 -2.85 -1.50
CA TYR F 185 -35.56 -4.00 -0.70
C TYR F 185 -37.01 -3.89 -0.24
N SER F 186 -37.58 -5.03 0.14
CA SER F 186 -38.96 -5.08 0.61
C SER F 186 -39.13 -6.30 1.51
N LEU F 187 -39.78 -6.11 2.65
CA LEU F 187 -40.15 -7.20 3.53
C LEU F 187 -41.60 -7.05 3.95
N SER F 188 -42.16 -8.14 4.46
CA SER F 188 -43.54 -8.16 4.93
C SER F 188 -43.57 -8.68 6.37
N SER F 189 -44.73 -8.54 7.01
CA SER F 189 -44.92 -9.01 8.37
C SER F 189 -46.41 -9.24 8.59
N VAL F 190 -46.79 -10.47 8.94
CA VAL F 190 -48.18 -10.84 9.10
C VAL F 190 -48.37 -11.53 10.43
N VAL F 191 -49.59 -11.42 10.98
CA VAL F 191 -50.00 -12.12 12.19
C VAL F 191 -51.35 -12.76 11.95
N THR F 192 -51.70 -13.71 12.82
CA THR F 192 -52.98 -14.41 12.76
C THR F 192 -53.70 -14.21 14.08
N TYR F 203 -54.51 -2.87 15.69
CA TYR F 203 -53.12 -3.24 15.46
C TYR F 203 -52.40 -2.14 14.67
N ILE F 204 -51.18 -1.82 15.10
CA ILE F 204 -50.39 -0.76 14.47
C ILE F 204 -48.94 -1.23 14.41
N CYS F 205 -48.41 -1.38 13.20
CA CYS F 205 -47.04 -1.81 13.00
C CYS F 205 -46.09 -0.62 13.06
N ASN F 206 -45.01 -0.77 13.82
CA ASN F 206 -43.98 0.26 13.94
C ASN F 206 -42.79 -0.13 13.08
N VAL F 207 -42.47 0.71 12.10
CA VAL F 207 -41.37 0.47 11.16
C VAL F 207 -40.28 1.50 11.43
N ASN F 208 -39.06 1.02 11.63
CA ASN F 208 -37.91 1.88 11.91
C ASN F 208 -36.81 1.59 10.92
N HIS F 209 -36.26 2.64 10.32
CA HIS F 209 -35.13 2.55 9.41
C HIS F 209 -34.06 3.52 9.91
N LYS F 210 -32.96 2.97 10.42
CA LYS F 210 -31.92 3.80 11.02
C LYS F 210 -31.28 4.77 10.02
N PRO F 211 -30.89 4.36 8.81
CA PRO F 211 -30.33 5.36 7.88
C PRO F 211 -31.32 6.43 7.47
N SER F 212 -32.60 6.09 7.32
CA SER F 212 -33.61 7.07 6.97
C SER F 212 -33.99 7.96 8.14
N ASN F 213 -33.78 7.51 9.37
CA ASN F 213 -34.12 8.28 10.58
C ASN F 213 -35.60 8.67 10.58
N THR F 214 -36.45 7.75 10.12
CA THR F 214 -37.88 7.97 10.06
C THR F 214 -38.60 6.75 10.63
N LYS F 215 -39.59 6.98 11.48
CA LYS F 215 -40.41 5.93 12.06
C LYS F 215 -41.87 6.21 11.75
N VAL F 216 -42.56 5.20 11.22
CA VAL F 216 -43.96 5.35 10.84
C VAL F 216 -44.81 4.23 11.44
N GLU G 4 -2.62 -23.44 6.83
CA GLU G 4 -1.91 -24.40 7.66
C GLU G 4 -2.87 -25.34 8.36
N LEU G 5 -4.01 -24.80 8.79
CA LEU G 5 -5.00 -25.54 9.57
C LEU G 5 -6.39 -25.17 9.10
N VAL G 6 -7.26 -26.17 9.01
CA VAL G 6 -8.64 -25.99 8.57
C VAL G 6 -9.54 -26.90 9.38
N LEU G 7 -10.79 -26.47 9.55
CA LEU G 7 -11.80 -27.25 10.26
C LEU G 7 -12.89 -27.66 9.29
N THR G 8 -13.17 -28.96 9.23
CA THR G 8 -14.24 -29.52 8.42
C THR G 8 -15.38 -29.93 9.33
N GLN G 9 -16.60 -29.53 8.98
CA GLN G 9 -17.78 -29.77 9.80
C GLN G 9 -18.72 -30.70 9.04
N SER G 10 -18.85 -31.94 9.53
CA SER G 10 -19.67 -32.96 8.91
C SER G 10 -20.71 -33.48 9.89
N PRO G 11 -21.98 -33.64 9.46
CA PRO G 11 -22.49 -33.33 8.13
C PRO G 11 -22.93 -31.88 8.01
N LEU G 12 -22.87 -31.31 6.80
CA LEU G 12 -23.19 -29.89 6.64
C LEU G 12 -24.66 -29.61 6.88
N SER G 13 -25.54 -30.58 6.61
CA SER G 13 -26.98 -30.43 6.86
C SER G 13 -27.47 -31.74 7.46
N LEU G 14 -27.90 -31.69 8.73
CA LEU G 14 -28.31 -32.88 9.48
C LEU G 14 -29.79 -32.75 9.83
N PRO G 15 -30.69 -33.24 8.98
CA PRO G 15 -32.12 -33.26 9.32
C PRO G 15 -32.44 -34.46 10.19
N VAL G 16 -32.97 -34.22 11.38
CA VAL G 16 -33.35 -35.27 12.31
C VAL G 16 -34.77 -35.04 12.78
N THR G 17 -35.48 -36.14 13.04
CA THR G 17 -36.84 -36.07 13.54
C THR G 17 -36.85 -35.51 14.96
N LEU G 18 -38.03 -35.06 15.39
CA LEU G 18 -38.17 -34.50 16.73
C LEU G 18 -38.03 -35.60 17.78
N GLY G 19 -37.30 -35.28 18.85
CA GLY G 19 -37.09 -36.25 19.91
C GLY G 19 -36.19 -37.41 19.54
N GLN G 20 -35.09 -37.13 18.84
CA GLN G 20 -34.15 -38.16 18.39
C GLN G 20 -32.73 -37.63 18.49
N PRO G 21 -31.77 -38.49 18.79
CA PRO G 21 -30.39 -38.03 18.92
C PRO G 21 -29.82 -37.53 17.60
N ALA G 22 -28.81 -36.67 17.71
CA ALA G 22 -28.12 -36.12 16.57
C ALA G 22 -26.69 -35.78 16.98
N SER G 23 -25.75 -35.95 16.05
CA SER G 23 -24.34 -35.71 16.32
C SER G 23 -23.73 -34.91 15.19
N ILE G 24 -22.91 -33.92 15.55
CA ILE G 24 -22.19 -33.08 14.61
C ILE G 24 -20.71 -33.27 14.86
N SER G 25 -19.98 -33.69 13.82
CA SER G 25 -18.55 -33.96 13.92
C SER G 25 -17.75 -32.78 13.39
N CYS G 26 -16.70 -32.40 14.14
CA CYS G 26 -15.80 -31.32 13.77
C CYS G 26 -14.39 -31.86 13.82
N ARG G 27 -13.72 -31.91 12.67
CA ARG G 27 -12.39 -32.49 12.57
C ARG G 27 -11.39 -31.42 12.13
N SER G 28 -10.23 -31.41 12.80
CA SER G 28 -9.14 -30.49 12.50
C SER G 28 -7.95 -31.25 11.94
N THR G 29 -6.95 -30.49 11.50
CA THR G 29 -5.74 -31.08 10.94
C THR G 29 -4.61 -31.23 11.95
N GLN G 30 -4.54 -30.36 12.96
CA GLN G 30 -3.54 -30.43 14.00
C GLN G 30 -4.20 -30.77 15.33
N SER G 31 -3.37 -31.14 16.30
CA SER G 31 -3.87 -31.45 17.64
C SER G 31 -4.22 -30.16 18.38
N LEU G 32 -5.41 -30.11 18.93
CA LEU G 32 -5.89 -28.88 19.62
C LEU G 32 -5.54 -28.98 21.11
N VAL G 33 -4.74 -29.96 21.50
CA VAL G 33 -4.40 -30.16 22.94
C VAL G 33 -3.68 -28.93 23.47
N TYR G 34 -2.76 -28.34 22.69
CA TYR G 34 -1.93 -27.13 22.96
C TYR G 34 -0.73 -27.45 23.86
N SER G 35 0.18 -26.48 24.04
CA SER G 35 1.36 -26.60 24.92
C SER G 35 0.92 -26.68 26.39
N ASP G 36 -0.13 -25.91 26.71
CA ASP G 36 -0.77 -25.81 28.04
C ASP G 36 -1.38 -27.16 28.43
N GLY G 37 -1.90 -27.89 27.46
CA GLY G 37 -2.50 -29.21 27.71
C GLY G 37 -4.02 -29.15 27.83
N ASN G 38 -4.61 -27.96 27.81
CA ASN G 38 -6.09 -27.89 27.85
C ASN G 38 -6.58 -27.81 26.40
N THR G 39 -7.24 -28.85 25.91
CA THR G 39 -7.70 -28.83 24.50
C THR G 39 -8.77 -27.74 24.35
N TYR G 40 -8.72 -26.96 23.28
CA TYR G 40 -9.76 -25.91 23.09
C TYR G 40 -10.62 -26.28 21.89
N LEU G 41 -11.90 -26.54 22.13
CA LEU G 41 -12.92 -26.49 21.05
C LEU G 41 -14.16 -25.77 21.61
N ASN G 42 -14.80 -24.92 20.83
CA ASN G 42 -16.01 -24.22 21.36
C ASN G 42 -17.17 -24.42 20.39
N TRP G 43 -18.35 -24.78 20.91
CA TRP G 43 -19.53 -24.97 20.08
C TRP G 43 -20.46 -23.78 20.30
N PHE G 44 -20.96 -23.22 19.21
CA PHE G 44 -21.81 -22.03 19.26
C PHE G 44 -23.12 -22.31 18.53
N HIS G 45 -24.21 -21.77 19.08
CA HIS G 45 -25.54 -21.87 18.49
C HIS G 45 -25.96 -20.49 18.00
N GLN G 46 -26.32 -20.39 16.73
CA GLN G 46 -26.78 -19.15 16.14
C GLN G 46 -28.16 -19.36 15.55
N ARG G 47 -29.13 -18.57 16.02
CA ARG G 47 -30.46 -18.56 15.43
C ARG G 47 -30.52 -17.47 14.35
N ALA G 48 -31.64 -17.45 13.63
CA ALA G 48 -31.84 -16.46 12.58
C ALA G 48 -32.26 -15.14 13.21
N GLY G 49 -31.47 -14.09 12.98
CA GLY G 49 -31.75 -12.78 13.53
C GLY G 49 -31.14 -12.51 14.89
N GLN G 50 -30.38 -13.44 15.44
CA GLN G 50 -29.77 -13.29 16.75
C GLN G 50 -28.29 -13.64 16.68
N PRO G 51 -27.46 -13.00 17.50
CA PRO G 51 -26.03 -13.32 17.52
C PRO G 51 -25.80 -14.69 18.13
N PRO G 52 -24.66 -15.32 17.85
CA PRO G 52 -24.38 -16.64 18.42
C PRO G 52 -24.23 -16.56 19.94
N ARG G 53 -24.48 -17.70 20.58
CA ARG G 53 -24.31 -17.84 22.02
C ARG G 53 -23.60 -19.15 22.31
N ARG G 54 -22.72 -19.13 23.30
CA ARG G 54 -21.86 -20.28 23.58
C ARG G 54 -22.62 -21.33 24.37
N LEU G 55 -22.51 -22.58 23.91
CA LEU G 55 -23.07 -23.73 24.63
C LEU G 55 -22.02 -24.61 25.26
N ILE G 56 -20.83 -24.70 24.67
CA ILE G 56 -19.76 -25.60 25.11
C ILE G 56 -18.45 -24.83 24.96
N TYR G 57 -17.81 -24.50 26.09
CA TYR G 57 -16.55 -23.76 26.02
C TYR G 57 -15.32 -24.66 26.08
N LYS G 58 -15.50 -25.94 26.42
CA LYS G 58 -14.45 -26.94 26.29
C LYS G 58 -15.13 -28.27 25.99
N VAL G 59 -14.46 -29.11 25.20
CA VAL G 59 -15.05 -30.30 24.57
C VAL G 59 -15.98 -31.07 25.50
N SER G 60 -15.72 -31.01 26.79
CA SER G 60 -16.56 -31.68 27.77
C SER G 60 -17.22 -30.73 28.76
N ASN G 61 -16.91 -29.43 28.70
CA ASN G 61 -17.45 -28.46 29.64
C ASN G 61 -18.70 -27.82 29.08
N ARG G 62 -19.78 -27.85 29.87
CA ARG G 62 -21.06 -27.28 29.48
C ARG G 62 -21.22 -25.89 30.08
N ASP G 63 -21.70 -24.96 29.27
CA ASP G 63 -21.92 -23.60 29.74
C ASP G 63 -23.26 -23.49 30.46
N SER G 64 -23.36 -22.51 31.36
CA SER G 64 -24.58 -22.30 32.11
C SER G 64 -25.71 -21.83 31.19
N GLY G 65 -26.94 -22.04 31.65
CA GLY G 65 -28.10 -21.69 30.85
C GLY G 65 -28.30 -22.57 29.63
N VAL G 66 -27.70 -23.75 29.62
CA VAL G 66 -27.80 -24.69 28.51
C VAL G 66 -28.42 -25.98 29.04
N PRO G 67 -29.43 -26.54 28.37
CA PRO G 67 -30.03 -27.80 28.86
C PRO G 67 -29.01 -28.93 28.86
N GLU G 68 -29.33 -29.95 29.66
CA GLU G 68 -28.44 -31.10 29.79
C GLU G 68 -28.40 -31.94 28.51
N ARG G 69 -29.34 -31.70 27.58
CA ARG G 69 -29.42 -32.49 26.36
C ARG G 69 -28.21 -32.31 25.46
N PHE G 70 -27.28 -31.42 25.82
CA PHE G 70 -26.11 -31.16 25.01
C PHE G 70 -24.87 -31.73 25.69
N SER G 71 -23.94 -32.21 24.86
CA SER G 71 -22.68 -32.77 25.35
C SER G 71 -21.71 -32.86 24.18
N GLY G 72 -20.42 -32.73 24.50
CA GLY G 72 -19.38 -32.84 23.50
C GLY G 72 -18.40 -33.95 23.80
N SER G 73 -17.66 -34.39 22.79
CA SER G 73 -16.69 -35.46 22.95
C SER G 73 -15.54 -35.24 21.98
N GLY G 74 -14.61 -36.18 21.97
CA GLY G 74 -13.47 -36.13 21.08
C GLY G 74 -12.21 -35.63 21.76
N SER G 75 -11.07 -35.88 21.11
CA SER G 75 -9.78 -35.46 21.63
C SER G 75 -8.79 -35.42 20.48
N GLY G 76 -8.00 -34.35 20.42
CA GLY G 76 -7.00 -34.20 19.39
C GLY G 76 -7.55 -33.61 18.11
N THR G 77 -7.86 -34.46 17.13
CA THR G 77 -8.38 -34.03 15.85
C THR G 77 -9.87 -34.27 15.70
N ASP G 78 -10.36 -35.45 16.10
CA ASP G 78 -11.78 -35.76 16.00
C ASP G 78 -12.53 -35.21 17.20
N PHE G 79 -13.68 -34.59 16.94
CA PHE G 79 -14.54 -34.07 17.99
C PHE G 79 -16.00 -34.29 17.57
N THR G 80 -16.87 -34.39 18.57
CA THR G 80 -18.28 -34.70 18.32
C THR G 80 -19.16 -33.92 19.28
N LEU G 81 -20.15 -33.23 18.74
CA LEU G 81 -21.20 -32.58 19.52
C LEU G 81 -22.48 -33.39 19.37
N LYS G 82 -22.85 -34.12 20.41
CA LYS G 82 -24.00 -35.01 20.37
C LYS G 82 -25.12 -34.46 21.23
N ILE G 83 -26.34 -34.51 20.70
CA ILE G 83 -27.54 -34.05 21.40
C ILE G 83 -28.33 -35.28 21.82
N SER G 84 -28.62 -35.38 23.12
CA SER G 84 -29.38 -36.52 23.63
C SER G 84 -30.82 -36.50 23.12
N ARG G 85 -31.52 -35.39 23.36
CA ARG G 85 -32.91 -35.23 22.90
C ARG G 85 -33.01 -33.92 22.14
N VAL G 86 -33.48 -34.01 20.89
CA VAL G 86 -33.66 -32.83 20.05
C VAL G 86 -35.09 -32.32 20.22
N GLU G 87 -35.21 -31.03 20.56
CA GLU G 87 -36.49 -30.38 20.74
C GLU G 87 -36.76 -29.45 19.56
N ALA G 88 -37.90 -28.75 19.62
CA ALA G 88 -38.18 -27.71 18.64
C ALA G 88 -37.34 -26.47 18.88
N GLU G 89 -36.78 -26.31 20.09
CA GLU G 89 -35.94 -25.16 20.40
C GLU G 89 -34.63 -25.20 19.63
N ASP G 90 -34.05 -26.39 19.47
CA ASP G 90 -32.74 -26.55 18.84
C ASP G 90 -32.88 -26.43 17.34
N VAL G 91 -32.79 -25.20 16.83
CA VAL G 91 -32.84 -24.94 15.39
C VAL G 91 -31.84 -23.82 15.08
N GLY G 92 -31.39 -23.80 13.82
CA GLY G 92 -30.43 -22.81 13.36
C GLY G 92 -29.14 -23.48 12.90
N ILE G 93 -28.05 -22.73 13.03
CA ILE G 93 -26.73 -23.17 12.58
C ILE G 93 -25.84 -23.40 13.80
N TYR G 94 -25.02 -24.44 13.74
CA TYR G 94 -24.12 -24.83 14.82
C TYR G 94 -22.68 -24.74 14.31
N TYR G 95 -21.84 -23.99 15.00
CA TYR G 95 -20.45 -23.82 14.64
C TYR G 95 -19.54 -24.44 15.68
N CYS G 96 -18.37 -24.91 15.23
CA CYS G 96 -17.32 -25.36 16.13
C CYS G 96 -16.15 -24.38 16.03
N MET G 97 -15.85 -23.72 17.15
CA MET G 97 -14.82 -22.69 17.21
C MET G 97 -13.54 -23.28 17.79
N GLN G 98 -12.42 -23.02 17.12
CA GLN G 98 -11.12 -23.52 17.56
C GLN G 98 -10.26 -22.37 18.05
N GLY G 99 -9.56 -22.58 19.16
CA GLY G 99 -8.71 -21.58 19.74
C GLY G 99 -7.37 -22.13 20.18
N ALA G 100 -6.86 -23.10 19.42
CA ALA G 100 -5.56 -23.69 19.71
C ALA G 100 -4.45 -23.24 18.77
N HIS G 101 -4.79 -22.70 17.61
CA HIS G 101 -3.79 -22.26 16.64
C HIS G 101 -4.24 -20.95 16.01
N TRP G 102 -3.35 -19.98 15.97
CA TRP G 102 -3.67 -18.68 15.41
C TRP G 102 -3.79 -18.77 13.90
N PRO G 103 -4.81 -18.13 13.29
CA PRO G 103 -5.85 -17.37 13.99
C PRO G 103 -7.06 -18.23 14.35
N PRO G 104 -7.85 -17.78 15.33
CA PRO G 104 -9.07 -18.53 15.69
C PRO G 104 -10.09 -18.48 14.56
N THR G 105 -10.43 -19.66 14.03
CA THR G 105 -11.32 -19.78 12.88
C THR G 105 -12.54 -20.59 13.28
N PHE G 106 -13.72 -20.08 12.93
CA PHE G 106 -14.96 -20.79 13.19
C PHE G 106 -15.17 -21.89 12.14
N GLY G 107 -15.99 -22.86 12.50
CA GLY G 107 -16.33 -23.91 11.58
C GLY G 107 -17.33 -23.46 10.53
N GLY G 108 -17.58 -24.34 9.56
CA GLY G 108 -18.49 -23.99 8.48
C GLY G 108 -19.92 -23.82 8.95
N GLY G 109 -20.33 -24.62 9.93
CA GLY G 109 -21.69 -24.57 10.44
C GLY G 109 -22.57 -25.63 9.83
N THR G 110 -23.45 -26.22 10.63
CA THR G 110 -24.35 -27.28 10.16
C THR G 110 -25.79 -26.87 10.49
N LYS G 111 -26.53 -26.45 9.47
CA LYS G 111 -27.93 -26.07 9.65
C LYS G 111 -28.75 -27.29 10.03
N VAL G 112 -29.40 -27.23 11.19
CA VAL G 112 -30.19 -28.36 11.71
C VAL G 112 -31.64 -28.14 11.35
N GLU G 113 -32.27 -29.19 10.81
CA GLU G 113 -33.65 -29.14 10.35
C GLU G 113 -34.46 -30.23 11.04
N ILE G 114 -35.68 -29.90 11.44
CA ILE G 114 -36.57 -30.84 12.10
C ILE G 114 -37.47 -31.49 11.06
N ASN G 115 -37.74 -32.78 11.23
CA ASN G 115 -38.58 -33.54 10.30
C ASN G 115 -40.04 -33.38 10.72
N ARG G 116 -40.58 -32.20 10.42
CA ARG G 116 -41.99 -31.92 10.60
C ARG G 116 -42.79 -32.60 9.48
N THR G 117 -44.07 -32.88 9.76
CA THR G 117 -44.90 -33.63 8.82
C THR G 117 -46.32 -33.10 8.84
N VAL G 118 -47.02 -33.36 7.74
CA VAL G 118 -48.47 -33.13 7.58
C VAL G 118 -48.83 -31.71 7.99
N ALA G 119 -48.33 -30.72 7.24
CA ALA G 119 -48.62 -29.32 7.51
C ALA G 119 -49.09 -28.66 6.23
N ALA G 120 -50.34 -28.18 6.22
CA ALA G 120 -50.85 -27.53 5.03
C ALA G 120 -50.85 -26.02 5.20
N PRO G 121 -50.54 -25.27 4.14
CA PRO G 121 -50.52 -23.81 4.25
C PRO G 121 -51.91 -23.22 4.28
N SER G 122 -52.10 -22.22 5.16
CA SER G 122 -53.33 -21.43 5.18
C SER G 122 -53.11 -20.24 4.25
N VAL G 123 -53.53 -20.42 3.00
CA VAL G 123 -53.23 -19.44 1.96
C VAL G 123 -54.14 -18.23 2.12
N PHE G 124 -53.52 -17.04 2.13
CA PHE G 124 -54.23 -15.77 2.17
C PHE G 124 -53.79 -14.91 0.99
N ILE G 125 -54.63 -13.94 0.64
CA ILE G 125 -54.34 -13.00 -0.43
C ILE G 125 -54.74 -11.61 0.02
N PHE G 126 -53.96 -10.60 -0.39
CA PHE G 126 -54.18 -9.22 0.03
C PHE G 126 -54.18 -8.33 -1.21
N PRO G 127 -55.24 -7.57 -1.46
CA PRO G 127 -55.24 -6.64 -2.59
C PRO G 127 -54.34 -5.45 -2.29
N PRO G 128 -53.84 -4.77 -3.32
CA PRO G 128 -52.96 -3.63 -3.08
C PRO G 128 -53.72 -2.44 -2.50
N SER G 129 -53.02 -1.68 -1.66
CA SER G 129 -53.61 -0.50 -1.06
C SER G 129 -53.72 0.62 -2.09
N ASP G 130 -54.65 1.56 -1.82
CA ASP G 130 -54.87 2.66 -2.76
C ASP G 130 -53.66 3.58 -2.84
N GLU G 131 -53.00 3.82 -1.71
CA GLU G 131 -51.81 4.68 -1.71
C GLU G 131 -50.75 4.15 -2.66
N GLN G 132 -50.63 2.84 -2.80
CA GLN G 132 -49.71 2.27 -3.77
C GLN G 132 -50.21 2.51 -5.19
N LEU G 133 -51.53 2.40 -5.40
CA LEU G 133 -52.09 2.74 -6.71
C LEU G 133 -51.95 4.22 -7.01
N LYS G 134 -51.90 5.07 -5.98
CA LYS G 134 -51.61 6.48 -6.20
C LYS G 134 -50.21 6.67 -6.75
N SER G 135 -49.29 5.76 -6.42
CA SER G 135 -47.93 5.79 -6.93
C SER G 135 -47.91 5.16 -8.32
N GLY G 136 -46.71 4.93 -8.87
CA GLY G 136 -46.61 4.42 -10.23
C GLY G 136 -46.92 2.95 -10.34
N THR G 137 -46.46 2.16 -9.38
CA THR G 137 -46.61 0.71 -9.42
C THR G 137 -47.48 0.22 -8.27
N ALA G 138 -47.98 -1.01 -8.42
CA ALA G 138 -48.79 -1.66 -7.42
C ALA G 138 -48.36 -3.12 -7.28
N SER G 139 -48.57 -3.67 -6.09
CA SER G 139 -48.13 -5.03 -5.81
C SER G 139 -49.20 -5.78 -5.03
N VAL G 140 -49.41 -7.05 -5.40
CA VAL G 140 -50.34 -7.95 -4.72
C VAL G 140 -49.53 -8.97 -3.93
N VAL G 141 -50.05 -9.35 -2.76
CA VAL G 141 -49.33 -10.21 -1.83
C VAL G 141 -50.11 -11.49 -1.63
N CYS G 142 -49.42 -12.63 -1.76
CA CYS G 142 -49.97 -13.95 -1.51
C CYS G 142 -49.22 -14.55 -0.33
N LEU G 143 -49.96 -15.07 0.65
CA LEU G 143 -49.39 -15.48 1.93
C LEU G 143 -49.57 -16.98 2.15
N LEU G 144 -48.53 -17.61 2.70
CA LEU G 144 -48.58 -19.00 3.15
C LEU G 144 -48.05 -19.03 4.57
N ASN G 145 -48.89 -19.44 5.51
CA ASN G 145 -48.58 -19.36 6.94
C ASN G 145 -48.62 -20.74 7.58
N ASN G 146 -47.58 -21.06 8.34
CA ASN G 146 -47.51 -22.28 9.15
C ASN G 146 -47.65 -23.53 8.29
N PHE G 147 -46.73 -23.69 7.34
CA PHE G 147 -46.72 -24.84 6.46
C PHE G 147 -45.39 -25.56 6.52
N TYR G 148 -45.39 -26.83 6.09
CA TYR G 148 -44.25 -27.71 6.07
C TYR G 148 -44.61 -28.94 5.25
N PRO G 149 -43.71 -29.46 4.39
CA PRO G 149 -42.31 -29.09 4.14
C PRO G 149 -42.10 -27.74 3.46
N ARG G 150 -40.84 -27.30 3.45
CA ARG G 150 -40.51 -26.01 2.86
C ARG G 150 -40.81 -25.98 1.37
N GLU G 151 -40.68 -27.12 0.69
CA GLU G 151 -41.01 -27.22 -0.72
C GLU G 151 -42.43 -26.73 -0.97
N ALA G 152 -42.55 -25.64 -1.72
CA ALA G 152 -43.84 -25.07 -2.04
C ALA G 152 -43.73 -24.36 -3.39
N LYS G 153 -44.85 -24.36 -4.13
CA LYS G 153 -44.87 -23.82 -5.48
C LYS G 153 -46.14 -22.99 -5.64
N VAL G 154 -45.98 -21.68 -5.86
CA VAL G 154 -47.10 -20.77 -6.05
C VAL G 154 -47.11 -20.31 -7.50
N GLN G 155 -48.32 -20.14 -8.05
CA GLN G 155 -48.50 -19.74 -9.44
C GLN G 155 -49.47 -18.58 -9.48
N TRP G 156 -49.10 -17.49 -10.15
CA TRP G 156 -49.92 -16.30 -10.23
C TRP G 156 -50.80 -16.37 -11.47
N LYS G 157 -52.11 -16.26 -11.28
CA LYS G 157 -53.10 -16.30 -12.36
C LYS G 157 -53.73 -14.92 -12.49
N VAL G 158 -53.30 -14.18 -13.50
CA VAL G 158 -53.90 -12.89 -13.86
C VAL G 158 -54.91 -13.14 -14.97
N ASP G 159 -56.19 -12.95 -14.68
CA ASP G 159 -57.27 -13.30 -15.59
C ASP G 159 -57.17 -14.75 -16.02
N ASN G 160 -56.95 -15.62 -15.03
CA ASN G 160 -56.81 -17.07 -15.21
C ASN G 160 -55.67 -17.43 -16.16
N ALA G 161 -54.72 -16.51 -16.37
CA ALA G 161 -53.59 -16.73 -17.25
C ALA G 161 -52.29 -16.75 -16.43
N LEU G 162 -51.33 -17.54 -16.90
CA LEU G 162 -50.07 -17.72 -16.18
C LEU G 162 -49.28 -16.42 -16.13
N GLN G 163 -48.54 -16.24 -15.05
CA GLN G 163 -47.67 -15.08 -14.86
C GLN G 163 -46.30 -15.55 -14.41
N SER G 164 -45.26 -14.89 -14.92
CA SER G 164 -43.89 -15.25 -14.58
C SER G 164 -42.99 -14.06 -14.90
N GLY G 165 -41.81 -14.05 -14.28
CA GLY G 165 -40.84 -12.99 -14.49
C GLY G 165 -41.02 -11.75 -13.67
N ASN G 166 -42.15 -11.61 -12.97
CA ASN G 166 -42.42 -10.43 -12.15
C ASN G 166 -42.90 -10.78 -10.75
N SER G 167 -42.72 -12.03 -10.33
CA SER G 167 -43.14 -12.48 -9.00
C SER G 167 -41.92 -12.73 -8.13
N GLN G 168 -42.01 -12.29 -6.87
CA GLN G 168 -40.93 -12.42 -5.90
C GLN G 168 -41.42 -13.22 -4.71
N GLU G 169 -40.70 -14.27 -4.36
CA GLU G 169 -41.03 -15.13 -3.25
C GLU G 169 -40.04 -14.92 -2.09
N SER G 170 -40.55 -15.04 -0.87
CA SER G 170 -39.74 -14.86 0.33
C SER G 170 -40.08 -15.95 1.33
N VAL G 171 -39.09 -16.76 1.69
CA VAL G 171 -39.27 -17.85 2.65
C VAL G 171 -38.60 -17.46 3.95
N THR G 172 -39.29 -17.73 5.06
CA THR G 172 -38.75 -17.45 6.38
C THR G 172 -37.90 -18.62 6.88
N GLU G 173 -37.16 -18.37 7.94
CA GLU G 173 -36.44 -19.42 8.63
C GLU G 173 -37.43 -20.38 9.30
N GLN G 174 -36.95 -21.58 9.59
CA GLN G 174 -37.78 -22.57 10.26
C GLN G 174 -38.09 -22.11 11.68
N ASP G 175 -39.37 -21.89 11.96
CA ASP G 175 -39.79 -21.38 13.27
C ASP G 175 -39.46 -22.38 14.36
N SER G 176 -38.73 -21.94 15.38
CA SER G 176 -38.37 -22.79 16.50
C SER G 176 -39.54 -23.09 17.42
N LYS G 177 -40.70 -22.48 17.18
CA LYS G 177 -41.86 -22.70 18.05
C LYS G 177 -42.61 -23.97 17.66
N ASP G 178 -43.04 -24.07 16.40
CA ASP G 178 -43.83 -25.20 15.94
C ASP G 178 -43.23 -25.87 14.71
N SER G 179 -41.99 -25.55 14.33
CA SER G 179 -41.28 -26.19 13.23
C SER G 179 -42.05 -26.05 11.91
N THR G 180 -42.51 -24.83 11.63
CA THR G 180 -43.21 -24.53 10.39
C THR G 180 -42.46 -23.44 9.64
N TYR G 181 -42.88 -23.21 8.40
CA TYR G 181 -42.32 -22.20 7.53
C TYR G 181 -43.38 -21.15 7.21
N SER G 182 -42.98 -20.13 6.44
CA SER G 182 -43.90 -19.08 6.02
C SER G 182 -43.36 -18.47 4.73
N LEU G 183 -44.21 -18.39 3.71
CA LEU G 183 -43.83 -17.87 2.41
C LEU G 183 -44.76 -16.72 2.03
N SER G 184 -44.21 -15.73 1.34
CA SER G 184 -44.96 -14.57 0.90
C SER G 184 -44.54 -14.22 -0.52
N SER G 185 -45.52 -14.18 -1.43
CA SER G 185 -45.28 -13.81 -2.81
C SER G 185 -45.66 -12.36 -3.06
N THR G 186 -45.07 -11.76 -4.09
CA THR G 186 -45.32 -10.36 -4.42
C THR G 186 -45.25 -10.20 -5.93
N LEU G 187 -46.33 -9.68 -6.52
CA LEU G 187 -46.42 -9.46 -7.96
C LEU G 187 -46.40 -7.95 -8.23
N THR G 188 -45.23 -7.44 -8.60
CA THR G 188 -45.06 -6.02 -8.85
C THR G 188 -45.37 -5.71 -10.31
N LEU G 189 -46.26 -4.73 -10.53
CA LEU G 189 -46.61 -4.30 -11.86
C LEU G 189 -47.14 -2.88 -11.80
N SER G 190 -47.07 -2.18 -12.93
CA SER G 190 -47.50 -0.79 -12.99
C SER G 190 -49.01 -0.68 -12.88
N LYS G 191 -49.47 0.50 -12.46
CA LYS G 191 -50.91 0.73 -12.32
C LYS G 191 -51.61 0.69 -13.67
N ALA G 192 -50.97 1.24 -14.71
CA ALA G 192 -51.55 1.19 -16.05
C ALA G 192 -51.72 -0.26 -16.51
N ASP G 193 -50.76 -1.13 -16.19
CA ASP G 193 -50.90 -2.55 -16.45
C ASP G 193 -51.80 -3.25 -15.45
N TYR G 194 -52.17 -2.60 -14.35
CA TYR G 194 -53.03 -3.20 -13.34
C TYR G 194 -54.50 -3.13 -13.72
N GLU G 195 -54.91 -2.06 -14.42
CA GLU G 195 -56.32 -1.86 -14.72
C GLU G 195 -56.81 -2.72 -15.88
N LYS G 196 -55.90 -3.29 -16.68
CA LYS G 196 -56.28 -4.08 -17.84
C LYS G 196 -56.81 -5.46 -17.49
N HIS G 197 -56.89 -5.81 -16.21
CA HIS G 197 -57.39 -7.10 -15.79
C HIS G 197 -58.33 -6.91 -14.60
N LYS G 198 -59.18 -7.90 -14.37
CA LYS G 198 -60.18 -7.85 -13.32
C LYS G 198 -59.93 -8.85 -12.20
N VAL G 199 -59.67 -10.12 -12.53
CA VAL G 199 -59.50 -11.17 -11.53
C VAL G 199 -58.01 -11.46 -11.38
N TYR G 200 -57.54 -11.53 -10.14
CA TYR G 200 -56.16 -11.90 -9.81
C TYR G 200 -56.17 -13.08 -8.87
N ALA G 201 -55.34 -14.08 -9.15
CA ALA G 201 -55.31 -15.31 -8.38
C ALA G 201 -53.89 -15.79 -8.20
N CYS G 202 -53.59 -16.37 -7.03
CA CYS G 202 -52.33 -17.05 -6.77
C CYS G 202 -52.65 -18.48 -6.36
N GLU G 203 -52.27 -19.44 -7.21
CA GLU G 203 -52.53 -20.84 -6.98
C GLU G 203 -51.36 -21.47 -6.25
N VAL G 204 -51.65 -22.19 -5.17
CA VAL G 204 -50.63 -22.79 -4.31
C VAL G 204 -50.71 -24.31 -4.45
N THR G 205 -49.59 -24.93 -4.78
CA THR G 205 -49.46 -26.38 -4.80
C THR G 205 -48.50 -26.81 -3.70
N HIS G 206 -48.89 -27.83 -2.94
CA HIS G 206 -48.09 -28.28 -1.82
C HIS G 206 -48.30 -29.78 -1.62
N GLN G 207 -47.36 -30.39 -0.90
CA GLN G 207 -47.45 -31.82 -0.65
C GLN G 207 -48.63 -32.16 0.26
N GLY G 208 -48.91 -31.29 1.23
CA GLY G 208 -50.03 -31.52 2.14
C GLY G 208 -51.39 -31.32 1.50
N LEU G 209 -51.46 -30.59 0.39
CA LEU G 209 -52.72 -30.32 -0.29
C LEU G 209 -52.87 -31.32 -1.45
N SER G 210 -53.95 -32.09 -1.41
CA SER G 210 -54.22 -33.02 -2.50
C SER G 210 -54.53 -32.27 -3.80
N SER G 211 -55.34 -31.21 -3.70
CA SER G 211 -55.65 -30.36 -4.83
C SER G 211 -55.12 -28.95 -4.61
N PRO G 212 -54.60 -28.31 -5.65
CA PRO G 212 -54.05 -26.95 -5.48
C PRO G 212 -55.13 -25.96 -5.06
N VAL G 213 -54.92 -25.32 -3.91
CA VAL G 213 -55.83 -24.33 -3.37
C VAL G 213 -55.50 -22.98 -3.98
N THR G 214 -56.54 -22.24 -4.39
CA THR G 214 -56.37 -20.94 -5.02
C THR G 214 -57.29 -19.93 -4.35
N LYS G 215 -56.75 -18.76 -4.03
CA LYS G 215 -57.53 -17.65 -3.48
C LYS G 215 -57.43 -16.47 -4.44
N SER G 216 -58.58 -15.94 -4.85
CA SER G 216 -58.64 -14.89 -5.85
C SER G 216 -59.64 -13.82 -5.44
N PHE G 217 -59.44 -12.62 -5.97
CA PHE G 217 -60.39 -11.52 -5.81
C PHE G 217 -60.74 -10.97 -7.19
N ASN G 218 -62.02 -10.63 -7.36
CA ASN G 218 -62.55 -10.25 -8.67
C ASN G 218 -62.39 -8.77 -8.99
N ARG G 219 -61.91 -7.96 -8.05
CA ARG G 219 -61.79 -6.53 -8.26
C ARG G 219 -60.43 -6.20 -8.90
N GLY G 220 -60.45 -5.24 -9.83
CA GLY G 220 -59.25 -4.81 -10.50
C GLY G 220 -59.52 -4.01 -11.76
N HIS H 12 -1.62 6.02 32.23
CA HIS H 12 -0.43 5.14 32.19
C HIS H 12 0.33 5.22 33.53
N ILE H 13 0.28 6.39 34.19
CA ILE H 13 0.97 6.59 35.50
C ILE H 13 -0.05 6.62 36.64
N ASN H 14 -1.34 6.83 36.35
CA ASN H 14 -2.38 6.88 37.40
C ASN H 14 -2.44 5.53 38.12
N SER H 15 -2.31 4.42 37.38
CA SER H 15 -2.40 3.06 37.98
C SER H 15 -1.03 2.39 38.12
N THR H 16 0.04 3.14 38.38
CA THR H 16 1.36 2.55 38.58
C THR H 16 1.63 2.48 40.08
N ALA H 17 1.67 1.26 40.62
CA ALA H 17 1.93 1.08 42.03
C ALA H 17 3.37 1.46 42.35
N LEU H 18 3.56 2.23 43.42
CA LEU H 18 4.85 2.78 43.79
C LEU H 18 5.12 2.61 45.28
N ASN H 19 4.85 1.42 45.82
CA ASN H 19 5.14 1.16 47.24
C ASN H 19 6.58 0.67 47.35
N CYS H 20 7.47 1.59 47.73
CA CYS H 20 8.89 1.30 47.84
C CYS H 20 9.39 1.79 49.20
N ASN H 21 10.28 1.01 49.80
CA ASN H 21 10.83 1.31 51.13
C ASN H 21 12.32 1.62 50.96
N GLU H 22 12.69 2.87 51.23
CA GLU H 22 14.07 3.33 51.14
C GLU H 22 14.69 3.04 49.78
N ILE H 65 -2.67 -13.61 40.12
CA ILE H 65 -3.00 -12.28 40.62
C ILE H 65 -2.10 -11.94 41.80
N VAL H 66 -1.69 -10.68 41.89
CA VAL H 66 -0.74 -10.22 42.91
C VAL H 66 -1.28 -8.95 43.57
N PRO H 67 -1.25 -8.85 44.89
CA PRO H 67 -1.70 -7.61 45.54
C PRO H 67 -0.75 -6.45 45.24
N ALA H 68 -1.32 -5.27 45.01
CA ALA H 68 -0.53 -4.09 44.69
C ALA H 68 0.16 -3.48 45.89
N LYS H 69 -0.02 -4.03 47.09
CA LYS H 69 0.60 -3.51 48.30
C LYS H 69 2.01 -4.05 48.50
N SER H 70 2.62 -4.65 47.48
CA SER H 70 3.97 -5.17 47.58
C SER H 70 4.64 -5.20 46.21
N VAL H 71 4.43 -4.16 45.40
CA VAL H 71 5.00 -4.07 44.07
C VAL H 71 5.44 -2.63 43.84
N CYS H 72 6.75 -2.43 43.64
CA CYS H 72 7.33 -1.10 43.46
C CYS H 72 7.66 -0.91 41.98
N GLY H 73 7.13 0.16 41.39
CA GLY H 73 7.39 0.46 40.00
C GLY H 73 6.35 -0.17 39.08
N PRO H 74 6.62 -0.14 37.77
CA PRO H 74 5.67 -0.71 36.82
C PRO H 74 5.79 -2.23 36.74
N VAL H 75 4.68 -2.86 36.38
CA VAL H 75 4.63 -4.30 36.19
C VAL H 75 4.70 -4.58 34.70
N TYR H 76 5.82 -5.15 34.25
CA TYR H 76 6.07 -5.39 32.84
C TYR H 76 5.74 -6.83 32.48
N CYS H 77 5.04 -7.00 31.36
CA CYS H 77 4.67 -8.34 30.83
C CYS H 77 5.15 -8.43 29.37
N PHE H 78 5.44 -9.62 28.87
CA PHE H 78 6.06 -9.77 27.56
C PHE H 78 5.21 -10.68 26.68
N THR H 79 4.84 -10.18 25.50
CA THR H 79 3.92 -10.87 24.59
C THR H 79 4.56 -11.62 23.42
N PRO H 80 5.89 -11.59 23.21
CA PRO H 80 7.13 -11.12 23.86
C PRO H 80 7.35 -9.61 23.85
N SER H 81 6.54 -8.87 23.09
CA SER H 81 6.68 -7.42 23.10
C SER H 81 6.33 -6.87 24.48
N PRO H 82 7.10 -5.91 25.00
CA PRO H 82 6.88 -5.45 26.38
C PRO H 82 5.55 -4.70 26.51
N VAL H 83 4.82 -5.06 27.54
CA VAL H 83 3.49 -4.43 27.84
C VAL H 83 3.45 -4.09 29.33
N VAL H 84 2.98 -2.89 29.66
CA VAL H 84 2.80 -2.42 31.03
C VAL H 84 1.36 -2.69 31.46
N VAL H 85 1.20 -3.28 32.64
CA VAL H 85 -0.11 -3.56 33.21
C VAL H 85 -0.33 -2.61 34.39
N GLY H 86 -1.47 -1.91 34.38
CA GLY H 86 -1.75 -0.94 35.41
C GLY H 86 -2.46 -1.53 36.62
N THR H 87 -2.56 -0.73 37.68
CA THR H 87 -3.29 -1.14 38.87
C THR H 87 -4.76 -1.34 38.54
N THR H 88 -5.30 -2.48 38.94
CA THR H 88 -6.65 -2.86 38.56
C THR H 88 -7.38 -3.43 39.78
N ASP H 89 -8.66 -3.11 39.89
CA ASP H 89 -9.51 -3.73 40.89
C ASP H 89 -9.61 -5.23 40.62
N ARG H 90 -10.02 -5.98 41.65
CA ARG H 90 -10.28 -7.40 41.49
C ARG H 90 -11.37 -7.59 40.43
N SER H 91 -10.98 -8.00 39.23
CA SER H 91 -11.89 -8.15 38.10
C SER H 91 -12.70 -6.87 37.87
N GLY H 92 -12.00 -5.74 37.89
CA GLY H 92 -12.66 -4.45 37.75
C GLY H 92 -11.95 -3.49 36.83
N ALA H 93 -12.32 -2.22 36.91
CA ALA H 93 -11.71 -1.19 36.09
C ALA H 93 -10.33 -0.84 36.62
N PRO H 94 -9.45 -0.32 35.76
CA PRO H 94 -8.13 0.12 36.24
C PRO H 94 -8.26 1.28 37.21
N THR H 95 -7.82 1.07 38.44
CA THR H 95 -7.84 2.11 39.45
C THR H 95 -6.65 3.04 39.29
N TYR H 96 -6.80 4.26 39.79
CA TYR H 96 -5.79 5.31 39.66
C TYR H 96 -5.41 5.82 41.05
N SER H 97 -4.62 5.03 41.79
CA SER H 97 -4.29 5.37 43.16
C SER H 97 -2.82 5.11 43.49
N TRP H 98 -1.98 4.91 42.49
CA TRP H 98 -0.55 4.62 42.69
C TRP H 98 -0.33 3.41 43.57
N GLY H 99 -1.26 2.45 43.53
CA GLY H 99 -1.12 1.25 44.33
C GLY H 99 -1.15 1.49 45.82
N ALA H 100 -1.78 2.59 46.26
CA ALA H 100 -1.92 2.86 47.68
C ALA H 100 -3.17 2.22 48.28
N ASN H 101 -4.24 2.09 47.50
CA ASN H 101 -5.48 1.50 47.98
C ASN H 101 -5.37 -0.02 48.04
N ASP H 102 -5.90 -0.61 49.11
CA ASP H 102 -5.68 -2.03 49.39
C ASP H 102 -6.50 -2.95 48.49
N THR H 103 -7.49 -2.42 47.77
CA THR H 103 -8.18 -3.24 46.78
C THR H 103 -7.45 -3.32 45.45
N ASP H 104 -6.42 -2.50 45.24
CA ASP H 104 -5.70 -2.53 43.98
C ASP H 104 -4.87 -3.80 43.90
N VAL H 105 -4.99 -4.50 42.78
CA VAL H 105 -4.17 -5.67 42.50
C VAL H 105 -3.70 -5.59 41.06
N PHE H 106 -3.06 -6.65 40.58
CA PHE H 106 -2.63 -6.75 39.19
C PHE H 106 -3.14 -8.05 38.62
N VAL H 107 -4.13 -7.97 37.73
CA VAL H 107 -4.69 -9.16 37.09
C VAL H 107 -3.69 -9.69 36.09
N LEU H 108 -2.92 -10.70 36.50
CA LEU H 108 -1.87 -11.28 35.65
C LEU H 108 -2.18 -12.73 35.31
N ASN H 109 -3.47 -13.08 35.23
CA ASN H 109 -3.85 -14.42 34.79
C ASN H 109 -3.35 -14.66 33.37
N ASN H 110 -2.77 -15.84 33.15
CA ASN H 110 -1.89 -16.04 32.01
C ASN H 110 -2.29 -17.26 31.20
N THR H 111 -2.08 -17.16 29.89
CA THR H 111 -2.09 -18.27 28.94
C THR H 111 -0.92 -18.10 27.99
N ARG H 112 -0.54 -19.17 27.32
CA ARG H 112 0.62 -19.12 26.44
C ARG H 112 0.38 -18.10 25.32
N PRO H 113 1.44 -17.39 24.91
CA PRO H 113 1.27 -16.14 24.15
C PRO H 113 0.71 -16.29 22.74
N PRO H 114 1.04 -17.40 21.96
CA PRO H 114 0.69 -17.39 20.53
C PRO H 114 -0.70 -16.85 20.20
N LEU H 115 -1.68 -17.11 21.06
CA LEU H 115 -3.01 -16.52 20.90
C LEU H 115 -3.61 -16.08 22.23
N GLY H 116 -2.80 -15.92 23.26
CA GLY H 116 -3.30 -15.58 24.59
C GLY H 116 -2.50 -14.45 25.20
N ASN H 117 -2.34 -14.51 26.52
CA ASN H 117 -1.68 -13.45 27.26
C ASN H 117 -0.17 -13.58 27.16
N TRP H 118 0.52 -12.61 27.76
CA TRP H 118 1.98 -12.52 27.80
C TRP H 118 2.66 -13.80 28.29
N PHE H 119 3.92 -14.02 27.87
CA PHE H 119 4.71 -15.12 28.39
C PHE H 119 4.66 -15.13 29.92
N GLY H 120 5.30 -14.15 30.53
CA GLY H 120 5.29 -13.98 31.97
C GLY H 120 5.60 -12.55 32.31
N CYS H 121 5.28 -12.19 33.55
CA CYS H 121 5.48 -10.83 34.03
C CYS H 121 6.68 -10.76 34.97
N THR H 122 7.33 -9.61 34.99
CA THR H 122 8.42 -9.31 35.91
C THR H 122 8.17 -7.94 36.52
N TRP H 123 8.57 -7.78 37.77
CA TRP H 123 8.37 -6.52 38.48
C TRP H 123 9.34 -6.45 39.66
N MET H 124 9.23 -5.36 40.42
CA MET H 124 10.04 -5.13 41.60
C MET H 124 9.10 -4.97 42.80
N ASN H 125 9.37 -5.71 43.87
CA ASN H 125 8.48 -5.63 45.03
C ASN H 125 9.02 -4.58 46.01
N SER H 126 8.31 -4.43 47.14
CA SER H 126 8.56 -3.28 48.01
C SER H 126 9.98 -3.26 48.56
N THR H 127 10.48 -4.42 48.99
CA THR H 127 11.81 -4.46 49.60
C THR H 127 12.90 -4.20 48.56
N GLY H 128 12.66 -4.54 47.30
CA GLY H 128 13.61 -4.28 46.24
C GLY H 128 14.14 -5.53 45.57
N PHE H 129 13.28 -6.55 45.46
CA PHE H 129 13.66 -7.83 44.88
C PHE H 129 12.85 -8.08 43.61
N THR H 130 13.51 -8.66 42.61
CA THR H 130 12.88 -8.94 41.32
C THR H 130 12.00 -10.17 41.44
N LYS H 131 10.70 -9.99 41.34
CA LYS H 131 9.74 -11.09 41.40
C LYS H 131 9.24 -11.38 39.99
N VAL H 132 9.25 -12.65 39.60
CA VAL H 132 8.83 -13.04 38.27
C VAL H 132 7.59 -13.93 38.32
N GLY H 146 14.49 -14.03 34.48
CA GLY H 146 14.17 -13.00 33.51
C GLY H 146 13.51 -13.53 32.26
N PRO H 147 12.91 -12.65 31.47
CA PRO H 147 12.26 -13.06 30.22
C PRO H 147 13.28 -13.32 29.13
N TRP H 148 13.50 -14.61 28.83
CA TRP H 148 14.49 -15.02 27.84
C TRP H 148 13.77 -15.51 26.58
N ILE H 149 14.22 -15.01 25.43
CA ILE H 149 13.76 -15.47 24.12
C ILE H 149 14.85 -16.22 23.38
N THR H 150 16.03 -16.37 23.97
CA THR H 150 17.21 -16.97 23.37
C THR H 150 18.19 -17.26 24.50
N PRO H 151 18.94 -18.37 24.46
CA PRO H 151 19.86 -18.69 25.56
C PRO H 151 20.80 -17.57 25.99
N ARG H 152 20.91 -16.49 25.22
CA ARG H 152 21.74 -15.36 25.61
C ARG H 152 21.08 -14.00 25.37
N CYS H 153 19.78 -13.95 25.07
CA CYS H 153 19.13 -12.70 24.72
C CYS H 153 17.88 -12.48 25.57
N MET H 154 17.77 -11.31 26.18
CA MET H 154 16.60 -10.90 26.94
C MET H 154 15.78 -9.89 26.14
N VAL H 155 14.54 -9.70 26.57
CA VAL H 155 13.67 -8.70 25.98
C VAL H 155 14.01 -7.34 26.57
N ASP H 156 14.33 -6.37 25.71
CA ASP H 156 14.71 -5.04 26.15
C ASP H 156 13.48 -4.18 26.37
N TYR H 157 13.40 -3.56 27.54
CA TYR H 157 12.31 -2.68 27.90
C TYR H 157 12.89 -1.58 28.79
N PRO H 158 12.17 -0.46 28.95
CA PRO H 158 12.76 0.70 29.68
C PRO H 158 13.34 0.35 31.05
N TYR H 159 12.67 -0.49 31.84
CA TYR H 159 13.14 -0.82 33.18
C TYR H 159 13.86 -2.17 33.23
N ARG H 160 14.51 -2.55 32.13
CA ARG H 160 15.28 -3.79 32.14
C ARG H 160 16.53 -3.66 33.00
N LEU H 161 17.19 -2.50 32.94
CA LEU H 161 18.39 -2.29 33.75
C LEU H 161 18.07 -2.24 35.24
N TRP H 162 16.91 -1.71 35.60
CA TRP H 162 16.55 -1.63 37.02
C TRP H 162 16.16 -2.99 37.57
N HIS H 163 15.38 -3.76 36.80
CA HIS H 163 14.96 -5.08 37.27
C HIS H 163 16.11 -6.08 37.26
N TYR H 164 17.01 -5.96 36.29
CA TYR H 164 18.14 -6.90 36.16
C TYR H 164 19.41 -6.10 35.91
N PRO H 165 20.08 -5.66 36.98
CA PRO H 165 21.31 -4.88 36.80
C PRO H 165 22.46 -5.66 36.21
N CYS H 166 22.46 -6.99 36.32
CA CYS H 166 23.54 -7.80 35.77
C CYS H 166 23.61 -7.72 34.25
N THR H 167 22.59 -7.20 33.58
CA THR H 167 22.57 -7.08 32.13
C THR H 167 22.91 -5.67 31.66
N ILE H 168 23.79 -4.96 32.39
CA ILE H 168 24.12 -3.59 32.03
C ILE H 168 25.07 -3.56 30.85
N ASN H 169 26.03 -4.48 30.81
CA ASN H 169 27.00 -4.54 29.72
C ASN H 169 26.48 -5.30 28.50
N TYR H 170 25.18 -5.62 28.46
CA TYR H 170 24.61 -6.31 27.32
C TYR H 170 24.50 -5.36 26.13
N THR H 171 24.45 -5.94 24.93
CA THR H 171 24.31 -5.19 23.70
C THR H 171 22.87 -5.29 23.20
N ILE H 172 22.37 -4.21 22.61
CA ILE H 172 20.99 -4.11 22.17
C ILE H 172 20.92 -4.34 20.66
N PHE H 173 20.01 -5.22 20.24
CA PHE H 173 19.79 -5.51 18.83
C PHE H 173 18.30 -5.45 18.52
N LYS H 174 18.00 -5.23 17.25
CA LYS H 174 16.62 -5.24 16.75
C LYS H 174 16.37 -6.60 16.10
N VAL H 175 15.59 -7.44 16.76
CA VAL H 175 15.36 -8.81 16.32
C VAL H 175 13.89 -8.99 15.97
N ARG H 176 13.60 -10.13 15.32
CA ARG H 176 12.25 -10.52 14.96
C ARG H 176 11.96 -11.88 15.55
N MET H 177 10.81 -12.01 16.22
CA MET H 177 10.40 -13.26 16.83
C MET H 177 9.00 -13.59 16.34
N TYR H 178 8.84 -14.79 15.76
CA TYR H 178 7.56 -15.25 15.26
C TYR H 178 6.97 -16.25 16.24
N VAL H 179 5.82 -15.90 16.83
CA VAL H 179 5.05 -16.83 17.65
C VAL H 179 3.67 -16.95 17.01
N GLY H 180 3.17 -18.19 16.96
CA GLY H 180 1.94 -18.43 16.21
C GLY H 180 2.10 -18.00 14.77
N GLY H 181 1.20 -17.14 14.30
CA GLY H 181 1.28 -16.61 12.95
C GLY H 181 1.38 -15.10 12.92
N VAL H 182 1.70 -14.50 14.07
CA VAL H 182 1.79 -13.05 14.20
C VAL H 182 3.26 -12.65 14.30
N GLU H 183 3.61 -11.57 13.61
CA GLU H 183 4.97 -11.05 13.61
C GLU H 183 5.16 -10.05 14.74
N HIS H 184 6.35 -10.07 15.34
CA HIS H 184 6.67 -9.18 16.46
C HIS H 184 8.08 -8.64 16.29
N ARG H 185 8.19 -7.31 16.22
CA ARG H 185 9.47 -6.61 16.15
C ARG H 185 9.72 -5.98 17.52
N LEU H 186 10.60 -6.60 18.30
CA LEU H 186 10.92 -6.15 19.64
C LEU H 186 12.41 -5.83 19.73
N GLU H 187 12.82 -5.35 20.90
CA GLU H 187 14.21 -5.01 21.18
C GLU H 187 14.81 -6.07 22.10
N ALA H 188 16.01 -6.52 21.77
CA ALA H 188 16.66 -7.61 22.50
C ALA H 188 17.99 -7.15 23.06
N ALA H 189 18.30 -7.59 24.29
CA ALA H 189 19.56 -7.31 24.95
C ALA H 189 20.33 -8.62 25.05
N CYS H 190 21.47 -8.70 24.36
CA CYS H 190 22.25 -9.92 24.27
C CYS H 190 23.70 -9.64 24.67
N ASN H 191 24.49 -10.71 24.70
CA ASN H 191 25.92 -10.61 24.93
C ASN H 191 26.68 -11.05 23.68
N GLN I 1 19.67 22.76 54.51
CA GLN I 1 18.51 22.04 54.00
C GLN I 1 17.33 22.15 54.97
N LEU I 2 17.36 23.19 55.81
CA LEU I 2 16.30 23.38 56.78
C LEU I 2 14.95 23.61 56.10
N GLN I 3 14.95 24.39 55.02
CA GLN I 3 13.73 24.67 54.27
C GLN I 3 14.08 24.85 52.80
N LEU I 4 13.05 24.92 51.96
CA LEU I 4 13.22 25.07 50.52
C LEU I 4 12.71 26.43 50.08
N VAL I 5 13.39 27.00 49.08
CA VAL I 5 13.05 28.30 48.54
C VAL I 5 12.41 28.12 47.16
N GLN I 6 11.82 29.20 46.66
CA GLN I 6 11.12 29.20 45.38
C GLN I 6 11.60 30.39 44.55
N SER I 7 11.25 30.37 43.26
CA SER I 7 11.66 31.44 42.37
C SER I 7 10.90 32.72 42.68
N GLY I 8 11.43 33.83 42.17
CA GLY I 8 10.78 35.11 42.37
C GLY I 8 9.51 35.25 41.54
N ALA I 9 8.69 36.23 41.94
CA ALA I 9 7.44 36.49 41.24
C ALA I 9 7.71 36.96 39.82
N GLU I 10 6.81 36.60 38.91
CA GLU I 10 6.94 36.96 37.50
C GLU I 10 5.56 37.25 36.92
N VAL I 11 5.55 38.00 35.82
CA VAL I 11 4.32 38.36 35.13
C VAL I 11 4.50 38.05 33.65
N ARG I 12 3.50 37.41 33.05
CA ARG I 12 3.54 36.98 31.66
C ARG I 12 2.27 37.40 30.95
N LYS I 13 2.30 37.28 29.62
CA LYS I 13 1.16 37.53 28.76
C LYS I 13 0.50 36.22 28.33
N PRO I 14 -0.77 36.26 27.93
CA PRO I 14 -1.45 35.02 27.54
C PRO I 14 -0.74 34.32 26.40
N GLY I 15 -0.67 32.99 26.48
CA GLY I 15 0.00 32.17 25.50
C GLY I 15 1.44 31.83 25.83
N SER I 16 2.10 32.64 26.64
CA SER I 16 3.50 32.41 26.98
C SER I 16 3.62 31.22 27.94
N SER I 17 4.86 30.93 28.32
CA SER I 17 5.15 29.87 29.28
C SER I 17 6.06 30.41 30.37
N VAL I 18 5.74 30.08 31.62
CA VAL I 18 6.48 30.55 32.78
C VAL I 18 7.06 29.34 33.51
N LYS I 19 8.29 29.48 33.99
CA LYS I 19 8.96 28.43 34.73
C LYS I 19 9.28 28.93 36.14
N VAL I 20 9.01 28.07 37.13
CA VAL I 20 9.22 28.39 38.54
C VAL I 20 10.21 27.39 39.11
N SER I 21 11.29 27.88 39.70
CA SER I 21 12.30 27.03 40.31
C SER I 21 11.98 26.82 41.78
N CYS I 22 12.35 25.63 42.28
CA CYS I 22 12.13 25.25 43.67
C CYS I 22 13.43 24.63 44.18
N LYS I 23 14.19 25.40 44.96
CA LYS I 23 15.48 24.98 45.46
C LYS I 23 15.39 24.70 46.96
N ALA I 24 15.98 23.58 47.38
CA ALA I 24 15.97 23.20 48.78
C ALA I 24 17.37 23.30 49.39
N GLU I 32 12.43 13.42 48.73
CA GLU I 32 11.82 12.95 47.49
C GLU I 32 10.38 13.44 47.38
N VAL I 33 9.72 13.03 46.29
CA VAL I 33 8.34 13.35 45.97
C VAL I 33 8.02 14.81 46.25
N ILE I 34 8.61 15.70 45.44
CA ILE I 34 8.26 17.11 45.48
C ILE I 34 6.93 17.31 44.77
N SER I 35 6.08 18.16 45.34
CA SER I 35 4.74 18.41 44.82
C SER I 35 4.63 19.85 44.32
N TRP I 36 3.47 20.16 43.76
CA TRP I 36 3.19 21.51 43.24
C TRP I 36 1.70 21.77 43.33
N VAL I 37 1.32 22.93 43.88
CA VAL I 37 -0.07 23.37 43.96
C VAL I 37 -0.12 24.85 43.65
N ARG I 38 -1.33 25.34 43.37
CA ARG I 38 -1.57 26.76 43.15
C ARG I 38 -2.83 27.16 43.89
N GLN I 39 -3.05 28.47 43.99
CA GLN I 39 -4.20 29.01 44.73
C GLN I 39 -4.55 30.37 44.17
N ALA I 40 -5.72 30.48 43.54
CA ALA I 40 -6.19 31.75 43.02
C ALA I 40 -6.52 32.70 44.17
N PRO I 41 -6.39 34.02 43.95
CA PRO I 41 -6.71 35.02 44.97
C PRO I 41 -8.15 34.92 45.50
N GLU I 43 -9.62 31.93 46.62
CA GLU I 43 -10.13 30.69 46.09
C GLU I 43 -9.34 29.50 46.65
N GLY I 44 -9.98 28.34 46.68
CA GLY I 44 -9.34 27.15 47.21
C GLY I 44 -8.12 26.74 46.40
N LEU I 45 -7.37 25.80 46.97
CA LEU I 45 -6.13 25.34 46.35
C LEU I 45 -6.42 24.28 45.30
N GLU I 46 -5.70 24.35 44.19
CA GLU I 46 -5.78 23.39 43.11
C GLU I 46 -4.49 22.58 43.04
N TRP I 47 -4.61 21.31 42.67
CA TRP I 47 -3.49 20.38 42.70
C TRP I 47 -2.86 20.30 41.32
N LEU I 48 -1.62 20.81 41.20
CA LEU I 48 -0.81 20.57 40.02
C LEU I 48 -0.08 19.24 40.18
N GLY I 49 0.65 18.85 39.14
CA GLY I 49 1.29 17.54 39.16
C GLY I 49 2.36 17.43 40.21
N VAL I 50 2.60 16.20 40.66
CA VAL I 50 3.68 15.89 41.58
C VAL I 50 4.79 15.17 40.81
N PHE I 51 5.96 15.10 41.43
CA PHE I 51 7.15 14.58 40.77
C PHE I 51 7.94 13.69 41.72
N ILE I 52 8.52 12.62 41.19
CA ILE I 52 9.34 11.69 41.96
C ILE I 52 10.78 11.82 41.47
N PRO I 53 11.73 12.14 42.36
CA PRO I 53 13.13 12.25 41.92
C PRO I 53 13.78 10.92 41.59
N MET I 54 13.23 9.80 42.06
CA MET I 54 13.86 8.51 41.81
C MET I 54 13.66 8.06 40.37
N PHE I 55 12.46 8.24 39.82
CA PHE I 55 12.18 7.81 38.46
C PHE I 55 12.28 8.92 37.43
N GLY I 56 12.23 10.18 37.85
CA GLY I 56 12.36 11.30 36.94
C GLY I 56 11.14 11.61 36.11
N ILE I 57 10.05 10.84 36.25
CA ILE I 57 8.81 11.10 35.54
C ILE I 57 7.78 11.61 36.54
N ALA I 58 6.81 12.37 36.04
CA ALA I 58 5.84 13.05 36.88
C ALA I 58 4.43 12.79 36.39
N ASP I 59 3.49 12.68 37.33
CA ASP I 59 2.08 12.61 37.01
C ASP I 59 1.48 14.02 37.06
N TYR I 60 0.29 14.16 36.48
CA TYR I 60 -0.34 15.47 36.40
C TYR I 60 -1.85 15.32 36.52
N ALA I 61 -2.49 16.43 36.90
CA ALA I 61 -3.94 16.51 36.88
C ALA I 61 -4.44 16.71 35.46
N GLN I 62 -5.61 16.15 35.16
CA GLN I 62 -6.12 16.16 33.80
C GLN I 62 -6.69 17.51 33.36
N LYS I 63 -6.92 18.43 34.29
CA LYS I 63 -7.43 19.74 33.91
C LYS I 63 -6.49 20.43 32.93
N PHE I 64 -5.20 20.39 33.21
CA PHE I 64 -4.19 21.09 32.43
C PHE I 64 -3.05 20.15 32.04
N HIS I 65 -3.34 18.85 31.98
CA HIS I 65 -2.30 17.86 31.72
C HIS I 65 -1.56 18.13 30.41
N GLY I 66 -2.26 18.66 29.42
CA GLY I 66 -1.64 18.90 28.12
C GLY I 66 -0.72 20.10 28.08
N ARG I 67 -0.64 20.89 29.16
CA ARG I 67 0.17 22.10 29.13
C ARG I 67 1.01 22.28 30.38
N VAL I 68 1.27 21.22 31.15
CA VAL I 68 2.11 21.28 32.33
C VAL I 68 3.28 20.32 32.14
N THR I 69 4.48 20.78 32.49
CA THR I 69 5.68 19.95 32.43
C THR I 69 6.51 20.24 33.67
N ILE I 70 6.94 19.18 34.35
CA ILE I 70 7.76 19.29 35.55
C ILE I 70 9.17 18.82 35.21
N SER I 71 10.12 19.73 35.31
CA SER I 71 11.53 19.44 35.08
C SER I 71 12.28 19.42 36.40
N ALA I 72 13.32 18.60 36.46
CA ALA I 72 14.15 18.48 37.66
C ALA I 72 15.61 18.62 37.27
N ASP I 73 16.39 19.24 38.15
CA ASP I 73 17.81 19.48 37.93
C ASP I 73 18.64 18.52 38.78
N ARG I 74 19.66 17.94 38.17
CA ARG I 74 20.59 17.08 38.87
C ARG I 74 21.36 17.88 39.92
N THR I 75 22.12 17.17 40.77
CA THR I 75 22.87 17.74 41.88
C THR I 75 21.93 18.40 42.88
N THR I 76 22.00 19.73 43.00
CA THR I 76 21.12 20.42 43.92
C THR I 76 19.67 20.32 43.47
N SER I 77 18.78 20.09 44.43
CA SER I 77 17.36 20.02 44.12
C SER I 77 16.86 21.35 43.59
N THR I 78 16.64 21.42 42.28
CA THR I 78 16.13 22.63 41.62
C THR I 78 14.97 22.21 40.70
N THR I 79 13.90 21.73 41.33
CA THR I 79 12.73 21.28 40.58
C THR I 79 12.05 22.44 39.88
N TYR I 80 11.82 22.30 38.58
CA TYR I 80 11.20 23.35 37.78
C TYR I 80 9.72 23.06 37.59
N MET I 81 8.99 24.09 37.19
CA MET I 81 7.55 24.01 37.00
C MET I 81 7.18 24.92 35.84
N GLU I 82 6.85 24.34 34.69
CA GLU I 82 6.56 25.09 33.48
C GLU I 82 5.10 24.87 33.08
N LEU I 83 4.35 25.95 32.93
CA LEU I 83 2.96 25.91 32.50
C LEU I 83 2.85 26.63 31.16
N SER I 84 2.35 25.93 30.16
CA SER I 84 2.25 26.46 28.81
C SER I 84 0.82 26.92 28.53
N SER I 85 0.70 27.79 27.52
CA SER I 85 -0.59 28.35 27.09
C SER I 85 -1.33 29.00 28.27
N LEU I 86 -0.69 30.01 28.84
CA LEU I 86 -1.25 30.69 30.01
C LEU I 86 -2.47 31.50 29.61
N ARG I 87 -3.47 31.51 30.51
CA ARG I 87 -4.67 32.30 30.34
C ARG I 87 -4.94 33.07 31.64
N SER I 88 -5.99 33.89 31.62
CA SER I 88 -6.30 34.71 32.79
C SER I 88 -6.70 33.90 34.00
N GLU I 89 -7.09 32.62 33.81
CA GLU I 89 -7.46 31.77 34.93
C GLU I 89 -6.27 31.23 35.70
N ASP I 90 -5.06 31.33 35.16
CA ASP I 90 -3.88 30.80 35.82
C ASP I 90 -3.19 31.81 36.74
N THR I 91 -3.73 33.03 36.85
CA THR I 91 -3.14 34.06 37.71
C THR I 91 -3.32 33.65 39.16
N ALA I 92 -2.25 33.14 39.77
CA ALA I 92 -2.31 32.63 41.13
C ALA I 92 -0.90 32.49 41.67
N ILE I 93 -0.82 32.21 42.97
CA ILE I 93 0.46 31.95 43.63
C ILE I 93 0.70 30.44 43.65
N TYR I 94 1.87 30.02 43.17
CA TYR I 94 2.20 28.62 43.02
C TYR I 94 3.18 28.20 44.12
N TYR I 95 2.92 27.04 44.73
CA TYR I 95 3.72 26.52 45.81
C TYR I 95 4.28 25.16 45.44
N CYS I 96 5.56 24.94 45.74
CA CYS I 96 6.17 23.61 45.68
C CYS I 96 6.24 23.04 47.09
N ALA I 97 6.07 21.72 47.19
CA ALA I 97 5.96 21.09 48.50
C ALA I 97 6.71 19.77 48.52
N LYS I 98 7.46 19.53 49.59
CA LYS I 98 8.07 18.24 49.85
C LYS I 98 7.09 17.34 50.60
N VAL I 99 7.03 16.08 50.22
CA VAL I 99 6.07 15.14 50.89
C VAL I 99 6.81 14.39 51.99
N LEU I 100 6.33 14.45 53.22
CA LEU I 100 6.99 13.74 54.35
C LEU I 100 7.13 12.26 54.00
N ASN I 105 4.15 3.10 49.66
CA ASN I 105 3.85 4.09 48.63
C ASN I 105 4.65 5.36 48.85
N LEU I 106 4.99 6.06 47.76
CA LEU I 106 5.75 7.29 47.82
C LEU I 106 4.94 8.54 47.51
N VAL I 107 3.85 8.43 46.77
CA VAL I 107 3.10 9.60 46.33
C VAL I 107 1.95 9.97 47.26
N VAL I 108 1.44 9.02 48.04
CA VAL I 108 0.25 9.22 48.86
C VAL I 108 0.67 9.50 50.30
N ARG I 109 1.53 10.50 50.48
CA ARG I 109 1.93 10.99 51.79
C ARG I 109 1.81 12.51 51.79
N PRO I 110 1.59 13.12 52.95
CA PRO I 110 1.21 14.55 52.97
C PRO I 110 2.37 15.47 52.63
N LEU I 111 2.00 16.72 52.35
CA LEU I 111 2.95 17.79 52.08
C LEU I 111 3.40 18.45 53.37
N ASP I 112 4.59 19.06 53.33
CA ASP I 112 5.19 19.60 54.55
C ASP I 112 5.78 20.99 54.33
N LEU I 113 6.91 21.07 53.63
CA LEU I 113 7.57 22.35 53.41
C LEU I 113 6.97 23.03 52.18
N TRP I 114 6.85 24.35 52.25
CA TRP I 114 6.28 25.14 51.17
C TRP I 114 7.21 26.31 50.84
N GLY I 115 7.39 26.56 49.55
CA GLY I 115 8.15 27.72 49.12
C GLY I 115 7.46 29.01 49.52
N GLN I 116 8.21 30.11 49.41
CA GLN I 116 7.68 31.40 49.81
C GLN I 116 6.51 31.85 48.95
N GLY I 117 6.33 31.25 47.78
CA GLY I 117 5.20 31.58 46.92
C GLY I 117 5.56 32.43 45.73
N THR I 118 5.39 31.88 44.53
CA THR I 118 5.69 32.58 43.28
C THR I 118 4.39 33.10 42.70
N LEU I 119 4.22 34.42 42.73
CA LEU I 119 3.04 35.06 42.14
C LEU I 119 3.23 35.16 40.63
N VAL I 120 2.34 34.51 39.89
CA VAL I 120 2.35 34.53 38.43
C VAL I 120 1.10 35.27 37.96
N THR I 121 1.29 36.37 37.26
CA THR I 121 0.20 37.21 36.77
C THR I 121 0.15 37.10 35.25
N VAL I 122 -1.00 36.69 34.72
CA VAL I 122 -1.21 36.55 33.27
C VAL I 122 -2.15 37.66 32.84
N SER I 123 -1.60 38.67 32.17
CA SER I 123 -2.41 39.79 31.71
C SER I 123 -1.72 40.44 30.52
N SER I 124 -2.52 41.12 29.71
CA SER I 124 -2.02 41.82 28.53
C SER I 124 -1.52 43.23 28.84
N ALA I 125 -1.84 43.76 30.02
CA ALA I 125 -1.40 45.10 30.38
C ALA I 125 0.10 45.11 30.69
N SER I 126 0.68 46.30 30.61
CA SER I 126 2.10 46.50 30.87
C SER I 126 2.33 47.03 32.28
N THR I 127 3.59 46.99 32.70
CA THR I 127 3.96 47.46 34.03
C THR I 127 3.77 48.97 34.11
N LYS I 128 2.87 49.42 34.98
CA LYS I 128 2.55 50.83 35.14
C LYS I 128 2.59 51.20 36.61
N GLY I 129 3.17 52.37 36.90
CA GLY I 129 3.23 52.87 38.25
C GLY I 129 1.89 53.41 38.72
N PRO I 130 1.70 53.45 40.03
CA PRO I 130 0.41 53.91 40.57
C PRO I 130 0.28 55.43 40.54
N SER I 131 -0.96 55.87 40.66
CA SER I 131 -1.30 57.29 40.78
C SER I 131 -1.99 57.47 42.13
N VAL I 132 -1.26 58.02 43.09
CA VAL I 132 -1.75 58.14 44.47
C VAL I 132 -2.56 59.43 44.58
N PHE I 133 -3.84 59.29 44.93
CA PHE I 133 -4.73 60.42 45.13
C PHE I 133 -5.20 60.46 46.57
N PRO I 134 -5.35 61.66 47.15
CA PRO I 134 -5.70 61.75 48.57
C PRO I 134 -7.20 61.61 48.81
N LEU I 135 -7.53 60.92 49.90
CA LEU I 135 -8.91 60.81 50.39
C LEU I 135 -9.03 61.78 51.55
N ALA I 136 -9.49 62.99 51.25
CA ALA I 136 -9.48 64.07 52.24
C ALA I 136 -10.44 63.77 53.38
N PRO I 137 -10.08 64.11 54.61
CA PRO I 137 -10.98 63.88 55.75
C PRO I 137 -12.01 64.98 55.87
N SER I 138 -13.04 64.70 56.66
CA SER I 138 -14.10 65.65 56.95
C SER I 138 -14.40 65.65 58.44
N SER I 139 -14.55 66.85 59.01
CA SER I 139 -14.89 66.98 60.41
C SER I 139 -16.34 66.63 60.72
N LYS I 140 -17.20 66.54 59.70
CA LYS I 140 -18.59 66.20 59.91
C LYS I 140 -18.86 64.69 59.86
N SER I 141 -18.06 63.95 59.11
CA SER I 141 -18.23 62.50 59.00
C SER I 141 -17.71 61.74 60.22
N THR I 142 -17.10 62.44 61.18
CA THR I 142 -16.51 61.76 62.33
C THR I 142 -17.56 61.05 63.15
N SER I 143 -17.13 60.00 63.86
CA SER I 143 -17.99 59.23 64.75
C SER I 143 -17.23 59.03 66.06
N GLY I 144 -17.62 59.78 67.09
CA GLY I 144 -16.93 59.70 68.36
C GLY I 144 -15.59 60.41 68.40
N GLY I 145 -15.45 61.52 67.69
CA GLY I 145 -14.20 62.24 67.69
C GLY I 145 -13.08 61.56 66.94
N THR I 146 -13.40 60.71 65.97
CA THR I 146 -12.40 60.01 65.17
C THR I 146 -12.71 60.27 63.70
N ALA I 147 -11.85 61.02 63.03
CA ALA I 147 -11.99 61.29 61.61
C ALA I 147 -11.28 60.21 60.79
N ALA I 148 -11.65 60.14 59.51
CA ALA I 148 -11.11 59.14 58.60
C ALA I 148 -10.47 59.82 57.39
N LEU I 149 -9.29 59.33 57.02
CA LEU I 149 -8.57 59.82 55.85
C LEU I 149 -7.73 58.69 55.30
N GLY I 150 -7.42 58.77 54.00
CA GLY I 150 -6.65 57.72 53.38
C GLY I 150 -6.07 58.16 52.05
N CYS I 151 -5.47 57.19 51.36
CA CYS I 151 -4.88 57.41 50.04
C CYS I 151 -5.46 56.39 49.07
N LEU I 152 -5.56 56.80 47.81
CA LEU I 152 -6.16 55.98 46.75
C LEU I 152 -5.06 55.61 45.77
N VAL I 153 -4.58 54.36 45.87
CA VAL I 153 -3.58 53.83 44.96
C VAL I 153 -4.34 53.26 43.76
N LYS I 154 -4.36 54.01 42.66
CA LYS I 154 -5.18 53.69 41.51
C LYS I 154 -4.32 53.49 40.27
N ASP I 155 -4.72 52.54 39.43
CA ASP I 155 -4.09 52.29 38.13
C ASP I 155 -2.63 51.92 38.25
N TYR I 156 -2.34 50.69 38.65
CA TYR I 156 -0.99 50.19 38.73
C TYR I 156 -0.97 48.72 38.35
N PHE I 157 0.21 48.24 37.93
CA PHE I 157 0.35 46.87 37.48
C PHE I 157 1.83 46.51 37.52
N PRO I 158 2.19 45.30 38.00
CA PRO I 158 1.26 44.35 38.58
C PRO I 158 1.28 44.34 40.11
N GLU I 159 0.74 43.27 40.69
CA GLU I 159 0.83 43.06 42.13
C GLU I 159 2.29 42.82 42.53
N PRO I 160 2.69 43.19 43.74
CA PRO I 160 1.93 43.90 44.78
C PRO I 160 2.34 45.35 44.98
N VAL I 161 1.78 45.99 46.00
CA VAL I 161 2.13 47.35 46.39
C VAL I 161 2.04 47.44 47.90
N THR I 162 2.97 48.19 48.51
CA THR I 162 3.03 48.36 49.95
C THR I 162 2.73 49.81 50.32
N VAL I 163 1.91 50.00 51.34
CA VAL I 163 1.49 51.32 51.80
C VAL I 163 1.73 51.41 53.30
N SER I 164 2.44 52.45 53.73
CA SER I 164 2.66 52.74 55.13
C SER I 164 2.35 54.21 55.39
N TRP I 165 2.20 54.56 56.67
CA TRP I 165 1.83 55.90 57.08
C TRP I 165 2.90 56.47 58.00
N ASN I 166 3.38 57.67 57.68
CA ASN I 166 4.38 58.38 58.47
C ASN I 166 5.63 57.53 58.68
N SER I 167 6.02 56.80 57.63
CA SER I 167 7.22 55.95 57.66
C SER I 167 7.13 54.91 58.78
N GLY I 168 5.93 54.40 59.01
CA GLY I 168 5.73 53.36 60.01
C GLY I 168 5.41 53.86 61.41
N ALA I 169 5.37 55.17 61.63
CA ALA I 169 5.07 55.71 62.95
C ALA I 169 3.59 55.65 63.29
N LEU I 170 2.72 55.47 62.30
CA LEU I 170 1.27 55.39 62.50
C LEU I 170 0.82 54.01 62.05
N THR I 171 0.60 53.10 63.01
CA THR I 171 0.21 51.73 62.73
C THR I 171 -1.19 51.39 63.20
N SER I 172 -1.60 51.88 64.38
CA SER I 172 -2.93 51.58 64.88
C SER I 172 -3.99 52.34 64.09
N GLY I 173 -5.12 51.67 63.84
CA GLY I 173 -6.19 52.27 63.07
C GLY I 173 -5.95 52.32 61.57
N VAL I 174 -4.92 51.65 61.07
CA VAL I 174 -4.60 51.65 59.66
C VAL I 174 -5.24 50.43 59.01
N HIS I 175 -5.97 50.65 57.92
CA HIS I 175 -6.62 49.58 57.16
C HIS I 175 -6.22 49.72 55.71
N THR I 176 -5.42 48.77 55.22
CA THR I 176 -5.01 48.72 53.82
C THR I 176 -5.83 47.62 53.13
N PHE I 177 -6.78 48.03 52.30
CA PHE I 177 -7.67 47.07 51.67
C PHE I 177 -6.95 46.29 50.57
N PRO I 178 -7.35 45.05 50.33
CA PRO I 178 -6.79 44.29 49.20
C PRO I 178 -7.12 44.96 47.89
N ALA I 179 -6.27 44.72 46.89
CA ALA I 179 -6.41 45.38 45.59
C ALA I 179 -7.51 44.71 44.77
N VAL I 180 -8.31 45.54 44.10
CA VAL I 180 -9.34 45.06 43.19
C VAL I 180 -8.85 45.22 41.76
N LEU I 181 -9.26 44.29 40.90
CA LEU I 181 -8.86 44.29 39.50
C LEU I 181 -9.94 44.98 38.68
N GLN I 182 -9.63 46.18 38.21
CA GLN I 182 -10.57 46.94 37.39
C GLN I 182 -10.75 46.30 36.02
N SER I 183 -11.75 46.78 35.28
CA SER I 183 -12.07 46.21 33.98
C SER I 183 -11.03 46.52 32.91
N SER I 184 -10.13 47.47 33.16
CA SER I 184 -9.10 47.83 32.20
C SER I 184 -7.85 46.97 32.29
N GLY I 185 -7.77 46.09 33.27
CA GLY I 185 -6.61 45.25 33.46
C GLY I 185 -5.64 45.71 34.53
N LEU I 186 -5.86 46.89 35.09
CA LEU I 186 -4.99 47.43 36.14
C LEU I 186 -5.66 47.29 37.50
N TYR I 187 -4.83 47.27 38.54
CA TYR I 187 -5.31 47.12 39.91
C TYR I 187 -5.56 48.50 40.53
N SER I 188 -6.32 48.49 41.63
CA SER I 188 -6.62 49.71 42.37
C SER I 188 -6.71 49.36 43.84
N LEU I 189 -5.99 50.11 44.68
CA LEU I 189 -5.92 49.85 46.11
C LEU I 189 -6.24 51.12 46.89
N SER I 190 -6.82 50.94 48.07
CA SER I 190 -7.16 52.05 48.95
C SER I 190 -6.73 51.71 50.37
N SER I 191 -6.05 52.64 51.03
CA SER I 191 -5.56 52.45 52.39
C SER I 191 -6.01 53.65 53.22
N VAL I 192 -6.75 53.39 54.29
CA VAL I 192 -7.32 54.43 55.13
C VAL I 192 -6.75 54.33 56.53
N VAL I 193 -6.99 55.36 57.34
CA VAL I 193 -6.54 55.42 58.72
C VAL I 193 -7.47 56.35 59.49
N THR I 194 -7.75 55.99 60.74
CA THR I 194 -8.63 56.75 61.61
C THR I 194 -7.81 57.52 62.63
N VAL I 195 -8.09 58.82 62.76
CA VAL I 195 -7.35 59.69 63.66
C VAL I 195 -8.34 60.64 64.35
N PRO I 196 -7.99 61.15 65.52
CA PRO I 196 -8.86 62.11 66.19
C PRO I 196 -9.01 63.40 65.39
N SER I 197 -10.21 63.98 65.43
CA SER I 197 -10.52 65.15 64.61
C SER I 197 -9.81 66.41 65.10
N SER I 198 -9.37 66.44 66.35
CA SER I 198 -8.70 67.63 66.87
C SER I 198 -7.33 67.83 66.23
N SER I 199 -6.70 66.73 65.78
CA SER I 199 -5.37 66.79 65.20
C SER I 199 -5.40 66.86 63.67
N LEU I 200 -6.53 67.29 63.09
CA LEU I 200 -6.62 67.40 61.64
C LEU I 200 -5.88 68.61 61.10
N GLY I 201 -5.60 69.60 61.94
CA GLY I 201 -4.90 70.80 61.50
C GLY I 201 -3.56 71.00 62.17
N THR I 202 -3.17 70.07 63.04
CA THR I 202 -1.92 70.17 63.78
C THR I 202 -0.97 69.01 63.53
N GLN I 203 -1.42 67.91 62.93
CA GLN I 203 -0.60 66.75 62.67
C GLN I 203 -0.50 66.49 61.18
N THR I 204 0.69 66.09 60.73
CA THR I 204 0.93 65.80 59.33
C THR I 204 0.77 64.31 59.07
N TYR I 205 -0.04 63.98 58.06
CA TYR I 205 -0.30 62.59 57.69
C TYR I 205 0.15 62.38 56.25
N ILE I 206 1.10 61.46 56.07
CA ILE I 206 1.66 61.15 54.76
C ILE I 206 1.62 59.64 54.56
N CYS I 207 1.13 59.21 53.40
CA CYS I 207 1.10 57.78 53.05
C CYS I 207 2.28 57.45 52.15
N ASN I 208 2.99 56.38 52.50
CA ASN I 208 4.19 55.96 51.78
C ASN I 208 3.83 54.81 50.86
N VAL I 209 3.66 55.10 49.58
CA VAL I 209 3.30 54.11 48.57
C VAL I 209 4.57 53.66 47.87
N ASN I 210 4.80 52.35 47.83
CA ASN I 210 5.99 51.76 47.21
C ASN I 210 5.53 50.67 46.25
N HIS I 211 5.86 50.85 44.97
CA HIS I 211 5.54 49.86 43.93
C HIS I 211 6.86 49.38 43.33
N LYS I 212 7.34 48.24 43.82
CA LYS I 212 8.63 47.68 43.41
C LYS I 212 8.66 47.24 41.94
N PRO I 213 7.64 46.57 41.41
CA PRO I 213 7.72 46.13 40.00
C PRO I 213 7.95 47.26 39.01
N SER I 214 7.42 48.46 39.28
CA SER I 214 7.59 49.59 38.38
C SER I 214 8.64 50.59 38.86
N ASN I 215 9.29 50.32 40.00
CA ASN I 215 10.30 51.21 40.57
C ASN I 215 9.74 52.62 40.76
N THR I 216 8.71 52.71 41.60
CA THR I 216 8.00 53.96 41.83
C THR I 216 7.66 54.06 43.31
N LYS I 217 8.14 55.12 43.95
CA LYS I 217 7.81 55.43 45.34
C LYS I 217 7.29 56.85 45.41
N VAL I 218 6.08 57.03 45.94
CA VAL I 218 5.42 58.33 46.00
C VAL I 218 4.98 58.58 47.43
N ASP I 219 5.35 59.74 47.98
CA ASP I 219 4.87 60.19 49.28
C ASP I 219 3.81 61.26 49.06
N LYS I 220 2.59 60.97 49.47
CA LYS I 220 1.46 61.87 49.29
C LYS I 220 1.00 62.40 50.64
N LYS I 221 0.80 63.72 50.72
CA LYS I 221 0.38 64.39 51.94
C LYS I 221 -1.13 64.58 51.90
N VAL I 222 -1.83 64.05 52.91
CA VAL I 222 -3.28 64.14 52.99
C VAL I 222 -3.65 65.29 53.92
N GLU I 223 -4.48 66.21 53.43
CA GLU I 223 -4.91 67.37 54.19
C GLU I 223 -6.40 67.59 53.94
N PRO I 224 -7.11 68.10 54.94
CA PRO I 224 -8.53 68.41 54.74
C PRO I 224 -8.70 69.59 53.80
N LYS I 225 -9.93 69.73 53.28
CA LYS I 225 -10.27 70.78 52.33
C LYS I 225 -9.36 70.74 51.10
N GLU J 1 -12.54 11.83 39.67
CA GLU J 1 -12.21 13.02 40.44
C GLU J 1 -13.03 13.09 41.73
N ILE J 2 -12.36 12.87 42.86
CA ILE J 2 -13.04 12.98 44.14
C ILE J 2 -13.44 14.44 44.38
N VAL J 3 -14.53 14.63 45.12
CA VAL J 3 -14.97 15.94 45.55
C VAL J 3 -14.95 15.96 47.07
N LEU J 4 -14.39 17.02 47.65
CA LEU J 4 -14.28 17.18 49.10
C LEU J 4 -15.13 18.36 49.53
N THR J 5 -16.18 18.07 50.29
CA THR J 5 -17.10 19.09 50.79
C THR J 5 -16.88 19.27 52.27
N GLN J 6 -16.54 20.49 52.68
CA GLN J 6 -16.31 20.82 54.07
C GLN J 6 -17.49 21.62 54.62
N SER J 7 -17.80 21.39 55.90
CA SER J 7 -18.88 22.08 56.58
C SER J 7 -18.45 22.37 58.00
N PRO J 8 -18.78 23.57 58.53
CA PRO J 8 -19.55 24.60 57.82
C PRO J 8 -18.68 25.52 56.98
N GLY J 9 -19.32 26.43 56.24
CA GLY J 9 -18.56 27.37 55.43
C GLY J 9 -17.75 28.35 56.27
N ILE J 10 -18.36 28.89 57.33
CA ILE J 10 -17.70 29.81 58.24
C ILE J 10 -18.11 29.43 59.66
N LEU J 11 -17.13 29.06 60.49
CA LEU J 11 -17.37 28.69 61.88
C LEU J 11 -16.99 29.87 62.78
N SER J 12 -17.95 30.34 63.56
CA SER J 12 -17.76 31.50 64.43
C SER J 12 -17.79 31.03 65.88
N LEU J 13 -16.62 31.00 66.51
CA LEU J 13 -16.48 30.58 67.90
C LEU J 13 -15.57 31.56 68.63
N SER J 14 -15.58 31.46 69.96
CA SER J 14 -14.78 32.35 70.81
C SER J 14 -13.53 31.63 71.31
N PRO J 15 -12.46 32.36 71.61
CA PRO J 15 -11.26 31.73 72.17
C PRO J 15 -11.57 31.06 73.50
N ALA J 19 -13.56 23.75 68.63
CA ALA J 19 -14.04 23.75 67.26
C ALA J 19 -13.94 22.35 66.67
N THR J 20 -14.80 22.08 65.70
CA THR J 20 -14.82 20.80 65.00
C THR J 20 -15.15 21.03 63.54
N LEU J 21 -14.32 20.51 62.65
CA LEU J 21 -14.51 20.62 61.21
C LEU J 21 -14.69 19.23 60.61
N SER J 22 -15.52 19.15 59.58
CA SER J 22 -15.84 17.89 58.93
C SER J 22 -15.62 18.02 57.42
N CYS J 23 -14.98 17.01 56.84
CA CYS J 23 -14.62 16.97 55.42
C CYS J 23 -15.29 15.75 54.79
N ARG J 24 -16.56 15.93 54.40
CA ARG J 24 -17.29 14.84 53.77
C ARG J 24 -16.76 14.58 52.37
N ALA J 25 -16.55 13.31 52.06
CA ALA J 25 -16.06 12.89 50.74
C ALA J 25 -17.18 12.16 49.99
N SER J 26 -16.90 11.82 48.73
CA SER J 26 -17.85 11.12 47.89
C SER J 26 -17.46 9.68 47.59
N ARG J 27 -16.18 9.35 47.68
CA ARG J 27 -15.70 7.98 47.55
C ARG J 27 -14.71 7.72 48.69
N THR J 28 -14.41 6.45 48.90
CA THR J 28 -13.41 6.11 49.91
C THR J 28 -12.03 6.43 49.38
N ILE J 29 -11.16 6.94 50.26
CA ILE J 29 -9.85 7.43 49.85
C ILE J 29 -8.76 6.49 50.35
N SER J 30 -8.89 5.21 50.02
CA SER J 30 -7.95 4.16 50.43
C SER J 30 -8.01 4.07 51.96
N ARG J 31 -6.88 3.81 52.62
CA ARG J 31 -6.84 3.69 54.08
C ARG J 31 -5.82 4.67 54.64
N THR J 32 -6.25 5.45 55.63
CA THR J 32 -5.38 6.40 56.34
C THR J 32 -4.65 7.33 55.37
N HIS J 33 -5.41 7.89 54.41
CA HIS J 33 -4.84 8.72 53.36
C HIS J 33 -5.65 10.03 53.26
N LEU J 34 -5.54 10.85 54.30
CA LEU J 34 -6.13 12.19 54.31
C LEU J 34 -5.30 13.07 55.23
N ALA J 35 -5.08 14.31 54.80
CA ALA J 35 -4.29 15.27 55.57
C ALA J 35 -5.12 16.52 55.84
N TRP J 36 -4.64 17.31 56.81
CA TRP J 36 -5.28 18.56 57.20
C TRP J 36 -4.25 19.68 57.20
N TYR J 37 -4.67 20.85 56.74
CA TYR J 37 -3.78 22.00 56.64
C TYR J 37 -4.49 23.26 57.10
N GLN J 38 -3.73 24.16 57.71
CA GLN J 38 -4.22 25.50 58.05
C GLN J 38 -3.42 26.53 57.26
N GLN J 39 -4.06 27.65 56.96
CA GLN J 39 -3.43 28.72 56.19
C GLN J 39 -3.86 30.06 56.77
N LYS J 40 -2.92 30.76 57.39
CA LYS J 40 -3.18 32.11 57.88
C LYS J 40 -3.08 33.10 56.72
N PRO J 41 -3.79 34.23 56.80
CA PRO J 41 -3.79 35.19 55.70
C PRO J 41 -2.40 35.73 55.41
N GLY J 42 -1.94 35.55 54.17
CA GLY J 42 -0.64 36.01 53.76
C GLY J 42 0.50 35.05 54.00
N GLN J 43 0.20 33.76 54.23
CA GLN J 43 1.23 32.78 54.51
C GLN J 43 0.95 31.51 53.71
N ALA J 44 1.95 30.63 53.67
CA ALA J 44 1.79 29.33 53.04
C ALA J 44 1.05 28.38 53.99
N PRO J 45 0.36 27.38 53.45
CA PRO J 45 -0.35 26.42 54.30
C PRO J 45 0.61 25.68 55.22
N ARG J 46 0.05 25.17 56.32
CA ARG J 46 0.83 24.46 57.34
C ARG J 46 0.19 23.11 57.60
N LEU J 47 1.01 22.06 57.57
CA LEU J 47 0.49 20.71 57.82
C LEU J 47 0.16 20.53 59.28
N LEU J 48 -1.07 20.06 59.56
CA LEU J 48 -1.53 19.82 60.92
C LEU J 48 -1.63 18.33 61.21
N ILE J 49 -2.58 17.64 60.59
CA ILE J 49 -2.83 16.23 60.84
C ILE J 49 -2.66 15.46 59.54
N TYR J 50 -1.95 14.33 59.60
CA TYR J 50 -1.79 13.44 58.46
C TYR J 50 -2.31 12.06 58.83
N GLY J 51 -3.16 11.50 57.98
CA GLY J 51 -3.78 10.21 58.26
C GLY J 51 -5.01 10.33 59.14
N ARG J 55 -0.24 13.05 64.30
CA ARG J 55 0.07 14.46 64.45
C ARG J 55 1.40 14.81 63.82
N ALA J 56 1.46 15.95 63.14
CA ALA J 56 2.69 16.41 62.52
C ALA J 56 3.66 16.95 63.57
N ILE J 57 4.92 17.11 63.15
CA ILE J 57 5.95 17.58 64.07
C ILE J 57 5.72 19.04 64.37
N GLY J 58 5.82 19.41 65.65
CA GLY J 58 5.62 20.77 66.09
C GLY J 58 4.18 21.17 66.32
N ILE J 59 3.22 20.39 65.85
CA ILE J 59 1.81 20.72 66.04
C ILE J 59 1.42 20.40 67.48
N PRO J 60 0.80 21.34 68.20
CA PRO J 60 0.41 21.07 69.59
C PRO J 60 -0.61 19.96 69.69
N ASP J 61 -0.81 19.49 70.92
CA ASP J 61 -1.73 18.39 71.18
C ASP J 61 -3.20 18.80 71.14
N ARG J 62 -3.49 20.09 70.94
CA ARG J 62 -4.88 20.54 70.86
C ARG J 62 -5.56 20.07 69.57
N PHE J 63 -4.77 19.85 68.52
CA PHE J 63 -5.32 19.38 67.26
C PHE J 63 -5.37 17.85 67.24
N SER J 68 -12.79 7.89 59.28
CA SER J 68 -13.05 6.61 58.62
C SER J 68 -14.13 6.74 57.55
N GLY J 69 -14.11 5.84 56.58
CA GLY J 69 -15.09 5.88 55.51
C GLY J 69 -14.90 7.12 54.66
N ALA J 70 -16.01 7.81 54.38
CA ALA J 70 -15.97 9.07 53.66
C ALA J 70 -16.17 10.28 54.56
N ASP J 71 -16.49 10.07 55.84
CA ASP J 71 -16.66 11.14 56.81
C ASP J 71 -15.40 11.28 57.64
N PHE J 72 -14.94 12.52 57.81
CA PHE J 72 -13.74 12.78 58.60
C PHE J 72 -13.98 14.01 59.47
N THR J 73 -13.24 14.09 60.57
CA THR J 73 -13.39 15.17 61.54
C THR J 73 -12.02 15.63 62.03
N LEU J 74 -11.89 16.93 62.21
CA LEU J 74 -10.70 17.54 62.81
C LEU J 74 -11.16 18.35 64.01
N THR J 75 -10.58 18.07 65.17
CA THR J 75 -10.96 18.76 66.40
C THR J 75 -9.79 19.55 66.98
N GLU J 80 -7.64 29.14 70.81
CA GLU J 80 -6.67 30.19 71.09
C GLU J 80 -6.52 31.11 69.87
N PRO J 81 -6.11 32.36 70.10
CA PRO J 81 -6.07 33.34 69.01
C PRO J 81 -5.19 32.95 67.84
N GLU J 82 -4.21 32.07 68.04
CA GLU J 82 -3.32 31.65 66.96
C GLU J 82 -3.88 30.47 66.17
N ASP J 83 -5.13 30.07 66.41
CA ASP J 83 -5.74 28.97 65.69
C ASP J 83 -6.81 29.40 64.69
N PHE J 84 -7.32 30.62 64.80
CA PHE J 84 -8.39 31.09 63.91
C PHE J 84 -7.82 31.38 62.53
N ALA J 85 -8.05 30.46 61.59
CA ALA J 85 -7.58 30.60 60.22
C ALA J 85 -8.47 29.74 59.33
N VAL J 86 -8.08 29.60 58.07
CA VAL J 86 -8.81 28.78 57.10
C VAL J 86 -8.15 27.40 57.07
N TYR J 87 -8.96 26.35 57.10
CA TYR J 87 -8.49 24.98 57.14
C TYR J 87 -8.93 24.25 55.88
N TYR J 88 -8.06 23.37 55.38
CA TYR J 88 -8.34 22.57 54.21
C TYR J 88 -8.02 21.11 54.50
N CYS J 89 -8.81 20.21 53.91
CA CYS J 89 -8.54 18.79 53.99
C CYS J 89 -7.92 18.31 52.68
N HIS J 90 -6.93 17.42 52.79
CA HIS J 90 -6.12 16.99 51.67
C HIS J 90 -6.20 15.48 51.58
N GLN J 91 -6.90 14.98 50.57
CA GLN J 91 -6.85 13.57 50.22
C GLN J 91 -5.80 13.37 49.14
N TYR J 92 -4.95 12.36 49.32
CA TYR J 92 -3.95 12.00 48.33
C TYR J 92 -4.06 10.54 47.91
N GLY J 93 -5.15 9.87 48.30
CA GLY J 93 -5.25 8.44 48.10
C GLY J 93 -5.19 8.01 46.64
N ASN J 94 -5.71 8.84 45.74
CA ASN J 94 -5.74 8.45 44.34
C ASN J 94 -5.21 9.55 43.42
N SER J 95 -5.40 9.37 42.11
CA SER J 95 -4.77 10.26 41.13
C SER J 95 -5.22 11.71 41.23
N PRO J 96 -6.51 12.05 41.31
CA PRO J 96 -6.87 13.48 41.30
C PRO J 96 -6.27 14.27 42.45
N GLN J 97 -6.21 13.69 43.65
CA GLN J 97 -5.66 14.34 44.83
C GLN J 97 -6.31 15.71 45.04
N THR J 98 -7.63 15.69 45.14
CA THR J 98 -8.41 16.93 45.19
C THR J 98 -8.25 17.60 46.55
N PHE J 99 -8.65 18.87 46.59
CA PHE J 99 -8.60 19.69 47.79
C PHE J 99 -9.98 20.21 48.13
N GLY J 100 -10.21 20.42 49.44
CA GLY J 100 -11.42 21.07 49.87
C GLY J 100 -11.37 22.56 49.59
N GLN J 101 -12.55 23.20 49.65
CA GLN J 101 -12.64 24.62 49.39
C GLN J 101 -12.29 25.44 50.63
N LYS J 104 -13.48 28.77 57.15
CA LYS J 104 -12.99 29.96 57.82
C LYS J 104 -13.38 29.97 59.30
N LEU J 105 -12.39 30.11 60.17
CA LEU J 105 -12.60 30.19 61.61
C LEU J 105 -12.36 31.63 62.04
N GLU J 106 -13.43 32.33 62.43
CA GLU J 106 -13.36 33.70 62.90
C GLU J 106 -13.83 33.78 64.34
N ILE J 107 -13.37 34.83 65.03
CA ILE J 107 -13.74 35.06 66.42
C ILE J 107 -15.16 35.60 66.45
N LYS J 108 -16.02 34.97 67.25
CA LYS J 108 -17.38 35.46 67.43
C LYS J 108 -17.37 36.61 68.42
N ARG J 109 -17.80 37.79 67.97
CA ARG J 109 -17.70 39.02 68.74
C ARG J 109 -19.06 39.70 68.79
N THR J 110 -19.19 40.67 69.68
CA THR J 110 -20.39 41.48 69.78
C THR J 110 -20.64 42.21 68.46
N VAL J 111 -21.91 42.28 68.07
CA VAL J 111 -22.29 42.93 66.82
C VAL J 111 -21.95 44.41 66.91
N ALA J 112 -21.06 44.87 66.05
CA ALA J 112 -20.63 46.26 66.00
C ALA J 112 -21.09 46.89 64.69
N ALA J 113 -21.58 48.12 64.77
CA ALA J 113 -22.06 48.82 63.59
C ALA J 113 -20.90 49.51 62.88
N PRO J 114 -20.90 49.54 61.54
CA PRO J 114 -19.79 50.16 60.82
C PRO J 114 -19.86 51.68 60.88
N SER J 115 -18.69 52.30 61.01
CA SER J 115 -18.57 53.76 60.95
C SER J 115 -18.48 54.16 59.48
N VAL J 116 -19.51 54.82 58.98
CA VAL J 116 -19.65 55.09 57.55
C VAL J 116 -19.02 56.44 57.22
N PHE J 117 -18.03 56.42 56.33
CA PHE J 117 -17.41 57.62 55.79
C PHE J 117 -17.50 57.59 54.27
N ILE J 118 -17.62 58.76 53.66
CA ILE J 118 -17.67 58.89 52.21
C ILE J 118 -16.65 59.92 51.77
N PHE J 119 -15.97 59.65 50.67
CA PHE J 119 -14.89 60.50 50.17
C PHE J 119 -15.18 60.92 48.73
N PRO J 120 -15.36 62.21 48.46
CA PRO J 120 -15.52 62.66 47.07
C PRO J 120 -14.23 62.47 46.29
N PRO J 121 -14.31 62.41 44.96
CA PRO J 121 -13.09 62.28 44.16
C PRO J 121 -12.25 63.55 44.21
N SER J 122 -10.94 63.36 44.18
CA SER J 122 -10.02 64.48 44.29
C SER J 122 -9.98 65.26 42.98
N ASP J 123 -9.47 66.50 43.07
CA ASP J 123 -9.36 67.34 41.89
C ASP J 123 -8.26 66.87 40.95
N GLU J 124 -7.20 66.26 41.49
CA GLU J 124 -6.13 65.76 40.64
C GLU J 124 -6.63 64.64 39.74
N GLN J 125 -7.53 63.79 40.24
CA GLN J 125 -8.09 62.74 39.41
C GLN J 125 -9.06 63.30 38.37
N LEU J 126 -9.78 64.37 38.70
CA LEU J 126 -10.69 64.98 37.74
C LEU J 126 -9.93 65.61 36.58
N LYS J 127 -8.69 66.06 36.81
CA LYS J 127 -7.87 66.60 35.73
C LYS J 127 -7.35 65.50 34.80
N SER J 128 -7.48 64.23 35.18
CA SER J 128 -7.03 63.13 34.35
C SER J 128 -8.14 62.55 33.47
N GLY J 129 -9.40 62.78 33.82
CA GLY J 129 -10.52 62.34 33.00
C GLY J 129 -11.42 61.33 33.64
N THR J 130 -11.10 60.86 34.84
CA THR J 130 -11.92 59.86 35.54
C THR J 130 -12.29 60.37 36.92
N ALA J 131 -13.25 59.70 37.54
CA ALA J 131 -13.73 60.06 38.86
C ALA J 131 -14.13 58.80 39.62
N SER J 132 -13.66 58.69 40.87
CA SER J 132 -13.96 57.55 41.72
C SER J 132 -14.44 58.04 43.07
N VAL J 133 -15.61 57.56 43.49
CA VAL J 133 -16.19 57.90 44.79
C VAL J 133 -16.00 56.70 45.71
N VAL J 134 -15.49 56.95 46.91
CA VAL J 134 -15.15 55.90 47.86
C VAL J 134 -16.10 55.98 49.06
N CYS J 135 -16.60 54.83 49.48
CA CYS J 135 -17.43 54.71 50.67
C CYS J 135 -16.75 53.75 51.64
N LEU J 136 -16.62 54.16 52.90
CA LEU J 136 -15.81 53.46 53.88
C LEU J 136 -16.70 52.86 54.97
N LEU J 137 -16.47 51.59 55.28
CA LEU J 137 -17.11 50.89 56.39
C LEU J 137 -15.99 50.26 57.22
N ASN J 138 -15.80 50.77 58.43
CA ASN J 138 -14.68 50.34 59.27
C ASN J 138 -15.17 49.76 60.59
N ASN J 139 -14.57 48.64 60.98
CA ASN J 139 -14.72 48.07 62.32
C ASN J 139 -16.17 47.66 62.63
N PHE J 140 -16.66 46.69 61.86
CA PHE J 140 -17.99 46.15 62.05
C PHE J 140 -17.92 44.62 62.14
N TYR J 141 -19.01 44.03 62.61
CA TYR J 141 -19.15 42.58 62.75
C TYR J 141 -20.63 42.27 62.83
N PRO J 142 -21.11 41.20 62.17
CA PRO J 142 -20.35 40.24 61.36
C PRO J 142 -19.94 40.78 60.00
N ARG J 143 -19.30 39.92 59.20
CA ARG J 143 -18.80 40.35 57.90
C ARG J 143 -19.91 40.74 56.94
N GLU J 144 -21.08 40.09 57.05
CA GLU J 144 -22.19 40.35 56.14
C GLU J 144 -22.61 41.81 56.18
N ALA J 145 -22.37 42.52 55.09
CA ALA J 145 -22.74 43.93 54.98
C ALA J 145 -23.23 44.19 53.56
N LYS J 146 -23.94 45.30 53.40
CA LYS J 146 -24.53 45.67 52.12
C LYS J 146 -24.37 47.17 51.89
N VAL J 147 -23.91 47.53 50.69
CA VAL J 147 -23.82 48.93 50.29
C VAL J 147 -24.56 49.10 48.96
N GLN J 148 -25.13 50.29 48.77
CA GLN J 148 -25.82 50.63 47.54
C GLN J 148 -25.55 52.09 47.22
N TRP J 149 -25.03 52.35 46.02
CA TRP J 149 -24.73 53.70 45.59
C TRP J 149 -25.97 54.37 45.01
N LYS J 150 -26.07 55.68 45.23
CA LYS J 150 -27.22 56.47 44.80
C LYS J 150 -26.71 57.76 44.18
N VAL J 151 -26.67 57.81 42.85
CA VAL J 151 -26.27 59.01 42.13
C VAL J 151 -27.55 59.79 41.80
N ASP J 152 -27.71 60.94 42.45
CA ASP J 152 -28.94 61.74 42.35
C ASP J 152 -30.16 60.90 42.73
N ASN J 153 -30.02 60.17 43.84
CA ASN J 153 -31.07 59.31 44.39
C ASN J 153 -31.47 58.17 43.46
N ALA J 154 -30.65 57.88 42.46
CA ALA J 154 -30.89 56.78 41.54
C ALA J 154 -30.00 55.60 41.92
N LEU J 155 -30.61 54.44 42.14
CA LEU J 155 -29.85 53.26 42.53
C LEU J 155 -28.94 52.81 41.40
N GLN J 156 -27.66 52.65 41.72
CA GLN J 156 -26.66 52.23 40.74
C GLN J 156 -26.45 50.72 40.81
N SER J 157 -25.80 50.18 39.78
CA SER J 157 -25.56 48.76 39.69
C SER J 157 -24.50 48.49 38.63
N GLY J 158 -23.61 47.53 38.93
CA GLY J 158 -22.62 47.09 37.97
C GLY J 158 -21.46 48.03 37.74
N ASN J 159 -21.45 49.20 38.37
CA ASN J 159 -20.38 50.18 38.17
C ASN J 159 -19.62 50.46 39.47
N SER J 160 -19.60 49.48 40.38
CA SER J 160 -18.90 49.62 41.64
C SER J 160 -18.27 48.28 42.02
N GLN J 161 -17.20 48.36 42.82
CA GLN J 161 -16.49 47.17 43.27
C GLN J 161 -16.18 47.32 44.76
N GLU J 162 -16.30 46.22 45.48
CA GLU J 162 -16.09 46.18 46.93
C GLU J 162 -14.76 45.52 47.26
N SER J 163 -14.35 45.67 48.51
CA SER J 163 -13.11 45.07 49.00
C SER J 163 -13.18 45.02 50.52
N VAL J 164 -12.95 43.82 51.07
CA VAL J 164 -13.07 43.59 52.50
C VAL J 164 -11.69 43.17 53.04
N THR J 165 -11.32 43.74 54.18
CA THR J 165 -10.08 43.35 54.83
C THR J 165 -10.27 42.05 55.62
N GLU J 166 -9.14 41.44 55.96
CA GLU J 166 -9.19 40.26 56.81
C GLU J 166 -9.63 40.65 58.23
N GLN J 167 -10.08 39.66 58.99
CA GLN J 167 -10.52 39.90 60.36
C GLN J 167 -9.33 40.37 61.21
N ASP J 168 -9.46 41.55 61.79
CA ASP J 168 -8.39 42.10 62.62
C ASP J 168 -8.10 41.18 63.80
N SER J 169 -6.88 41.27 64.31
CA SER J 169 -6.49 40.47 65.47
C SER J 169 -6.64 41.23 66.79
N LYS J 170 -6.74 42.56 66.72
CA LYS J 170 -6.87 43.35 67.93
C LYS J 170 -8.31 43.39 68.43
N ASP J 171 -9.26 43.66 67.53
CA ASP J 171 -10.66 43.76 67.90
C ASP J 171 -11.57 42.83 67.11
N SER J 172 -11.01 42.02 66.21
CA SER J 172 -11.77 41.03 65.44
C SER J 172 -12.95 41.67 64.71
N THR J 173 -12.65 42.70 63.92
CA THR J 173 -13.65 43.41 63.13
C THR J 173 -13.19 43.51 61.69
N TYR J 174 -14.16 43.47 60.77
CA TYR J 174 -13.87 43.60 59.35
C TYR J 174 -14.00 45.05 58.91
N SER J 175 -13.58 45.31 57.68
CA SER J 175 -13.64 46.65 57.09
C SER J 175 -13.87 46.52 55.60
N LEU J 176 -14.79 47.33 55.08
CA LEU J 176 -15.20 47.28 53.69
C LEU J 176 -15.02 48.64 53.04
N SER J 177 -14.67 48.62 51.75
CA SER J 177 -14.50 49.84 50.96
C SER J 177 -15.11 49.62 49.59
N SER J 178 -16.06 50.47 49.22
CA SER J 178 -16.73 50.40 47.93
C SER J 178 -16.34 51.61 47.09
N THR J 179 -15.90 51.35 45.86
CA THR J 179 -15.45 52.39 44.95
C THR J 179 -16.39 52.46 43.76
N LEU J 180 -17.06 53.59 43.60
CA LEU J 180 -17.97 53.83 42.48
C LEU J 180 -17.21 54.58 41.39
N THR J 181 -17.05 53.96 40.23
CA THR J 181 -16.28 54.51 39.13
C THR J 181 -17.20 55.13 38.09
N LEU J 182 -16.96 56.39 37.77
CA LEU J 182 -17.70 57.12 36.74
C LEU J 182 -16.71 57.84 35.83
N SER J 183 -17.23 58.56 34.86
CA SER J 183 -16.42 59.37 33.96
C SER J 183 -16.45 60.83 34.41
N LYS J 184 -15.53 61.62 33.86
CA LYS J 184 -15.49 63.04 34.18
C LYS J 184 -16.75 63.76 33.71
N ALA J 185 -17.30 63.33 32.57
CA ALA J 185 -18.51 63.95 32.06
C ALA J 185 -19.73 63.57 32.90
N ASP J 186 -19.86 62.27 33.22
CA ASP J 186 -21.01 61.80 33.98
C ASP J 186 -20.98 62.27 35.44
N TYR J 187 -19.81 62.61 35.96
CA TYR J 187 -19.73 63.09 37.34
C TYR J 187 -20.22 64.52 37.49
N GLU J 188 -20.00 65.37 36.48
CA GLU J 188 -20.44 66.75 36.53
C GLU J 188 -21.88 66.94 36.06
N LYS J 189 -22.58 65.85 35.73
CA LYS J 189 -23.98 65.94 35.31
C LYS J 189 -24.95 65.80 36.49
N HIS J 190 -24.49 65.29 37.62
CA HIS J 190 -25.33 65.11 38.80
C HIS J 190 -24.77 65.93 39.96
N LYS J 191 -25.56 66.04 41.02
CA LYS J 191 -25.19 66.83 42.19
C LYS J 191 -25.19 66.04 43.49
N VAL J 192 -25.99 64.98 43.61
CA VAL J 192 -26.11 64.21 44.83
C VAL J 192 -25.43 62.86 44.64
N TYR J 193 -24.61 62.46 45.61
CA TYR J 193 -23.92 61.18 45.59
C TYR J 193 -24.01 60.58 46.99
N ALA J 194 -24.82 59.54 47.15
CA ALA J 194 -25.07 58.93 48.45
C ALA J 194 -24.53 57.50 48.47
N CYS J 195 -24.33 56.99 49.69
CA CYS J 195 -23.87 55.62 49.92
C CYS J 195 -24.77 55.01 51.00
N GLU J 196 -25.73 54.19 50.58
CA GLU J 196 -26.64 53.55 51.52
C GLU J 196 -25.99 52.28 52.08
N VAL J 197 -26.03 52.14 53.40
CA VAL J 197 -25.38 51.02 54.09
C VAL J 197 -26.42 50.32 54.95
N THR J 198 -26.47 48.98 54.86
CA THR J 198 -27.36 48.17 55.67
C THR J 198 -26.54 47.11 56.39
N HIS J 199 -26.75 46.99 57.70
CA HIS J 199 -25.99 46.04 58.51
C HIS J 199 -26.87 45.56 59.66
N GLN J 200 -26.47 44.44 60.26
CA GLN J 200 -27.22 43.89 61.37
C GLN J 200 -27.17 44.81 62.59
N GLY J 201 -26.01 45.40 62.86
CA GLY J 201 -25.88 46.33 63.96
C GLY J 201 -26.50 47.69 63.75
N LEU J 202 -27.12 47.92 62.60
CA LEU J 202 -27.78 49.18 62.27
C LEU J 202 -29.28 48.96 62.28
N SER J 203 -29.97 49.58 63.22
CA SER J 203 -31.43 49.50 63.25
C SER J 203 -32.05 50.16 62.03
N SER J 204 -31.43 51.24 61.54
CA SER J 204 -31.89 51.94 60.35
C SER J 204 -30.74 52.07 59.36
N PRO J 205 -31.01 51.96 58.05
CA PRO J 205 -29.94 52.11 57.06
C PRO J 205 -29.33 53.49 57.11
N VAL J 206 -28.02 53.53 57.37
CA VAL J 206 -27.27 54.79 57.46
C VAL J 206 -26.83 55.19 56.06
N THR J 207 -26.98 56.48 55.74
CA THR J 207 -26.64 57.01 54.42
C THR J 207 -25.73 58.21 54.60
N LYS J 208 -24.51 58.11 54.08
CA LYS J 208 -23.56 59.22 54.02
C LYS J 208 -23.49 59.73 52.59
N SER J 209 -23.84 61.00 52.41
CA SER J 209 -23.90 61.61 51.08
C SER J 209 -23.14 62.94 51.08
N PHE J 210 -22.98 63.49 49.88
CA PHE J 210 -22.32 64.78 49.71
C PHE J 210 -22.81 65.40 48.42
N ASN J 211 -22.52 66.69 48.26
CA ASN J 211 -22.88 67.42 47.05
C ASN J 211 -21.64 67.98 46.34
#